data_4NPN
# 
_entry.id   4NPN 
# 
_audit_conform.dict_name       mmcif_pdbx.dic 
_audit_conform.dict_version    5.388 
_audit_conform.dict_location   http://mmcif.pdb.org/dictionaries/ascii/mmcif_pdbx.dic 
# 
loop_
_database_2.database_id 
_database_2.database_code 
_database_2.pdbx_database_accession 
_database_2.pdbx_DOI 
PDB   4NPN         pdb_00004npn 10.2210/pdb4npn/pdb 
RCSB  RCSB083498   ?            ?                   
WWPDB D_1000083498 ?            ?                   
# 
loop_
_pdbx_audit_revision_history.ordinal 
_pdbx_audit_revision_history.data_content_type 
_pdbx_audit_revision_history.major_revision 
_pdbx_audit_revision_history.minor_revision 
_pdbx_audit_revision_history.revision_date 
1 'Structure model' 1 0 2014-10-15 
2 'Structure model' 1 1 2024-03-20 
# 
_pdbx_audit_revision_details.ordinal             1 
_pdbx_audit_revision_details.revision_ordinal    1 
_pdbx_audit_revision_details.data_content_type   'Structure model' 
_pdbx_audit_revision_details.provider            repository 
_pdbx_audit_revision_details.type                'Initial release' 
_pdbx_audit_revision_details.description         ? 
_pdbx_audit_revision_details.details             ? 
# 
loop_
_pdbx_audit_revision_group.ordinal 
_pdbx_audit_revision_group.revision_ordinal 
_pdbx_audit_revision_group.data_content_type 
_pdbx_audit_revision_group.group 
1 2 'Structure model' 'Data collection'     
2 2 'Structure model' 'Database references' 
# 
loop_
_pdbx_audit_revision_category.ordinal 
_pdbx_audit_revision_category.revision_ordinal 
_pdbx_audit_revision_category.data_content_type 
_pdbx_audit_revision_category.category 
1 2 'Structure model' chem_comp_atom     
2 2 'Structure model' chem_comp_bond     
3 2 'Structure model' database_2         
4 2 'Structure model' struct_ref_seq_dif 
# 
loop_
_pdbx_audit_revision_item.ordinal 
_pdbx_audit_revision_item.revision_ordinal 
_pdbx_audit_revision_item.data_content_type 
_pdbx_audit_revision_item.item 
1 2 'Structure model' '_database_2.pdbx_DOI'                
2 2 'Structure model' '_database_2.pdbx_database_accession' 
3 2 'Structure model' '_struct_ref_seq_dif.details'         
# 
_pdbx_database_status.status_code                     REL 
_pdbx_database_status.entry_id                        4NPN 
_pdbx_database_status.recvd_initial_deposition_date   2013-11-22 
_pdbx_database_status.deposit_site                    RCSB 
_pdbx_database_status.process_site                    PDBJ 
_pdbx_database_status.methods_development_category    ? 
_pdbx_database_status.status_code_sf                  REL 
_pdbx_database_status.status_code_mr                  ? 
_pdbx_database_status.SG_entry                        ? 
_pdbx_database_status.status_code_cs                  ? 
_pdbx_database_status.pdb_format_compatible           Y 
_pdbx_database_status.status_code_nmr_data            ? 
# 
loop_
_pdbx_database_related.db_name 
_pdbx_database_related.db_id 
_pdbx_database_related.details 
_pdbx_database_related.content_type 
PDB 4BKG 'LINEAR FUSION-PROTEIN OF 2 SUMO2 (with DELTA N11 mutation)' unspecified 
PDB 1WM2 'X-Ray Crystal of human SUMO-2 with residues 12-89 frgament' unspecified 
PDB 1WM3 'X-Ray Crystal of human SUMO-2 From residues 17-88'          unspecified 
PDB 2RPQ 'Solution structure of SUMO-2 with MCAF-1'                   unspecified 
# 
loop_
_audit_author.name 
_audit_author.pdbx_ordinal 
'Kung, C.C.-H.' 1 
'Naik, M.T.'    2 
'Chen, C.L.'    3 
'Ma, C.'        4 
'Huang, T.H.'   5 
# 
_citation.id                        primary 
_citation.title                     'Structural analysis of poly-SUMO chain recognition by the RNF4-SIMs domain.' 
_citation.journal_abbrev            Biochem.J. 
_citation.journal_volume            462 
_citation.page_first                53 
_citation.page_last                 65 
_citation.year                      2014 
_citation.journal_id_ASTM           BIJOAK 
_citation.country                   UK 
_citation.journal_id_ISSN           0264-6021 
_citation.journal_id_CSD            0043 
_citation.book_publisher            ? 
_citation.pdbx_database_id_PubMed   24844634 
_citation.pdbx_database_id_DOI      10.1042/BJ20140521 
# 
loop_
_citation_author.citation_id 
_citation_author.name 
_citation_author.ordinal 
_citation_author.identifier_ORCID 
primary 'Kung, C.C.-H.' 1  ? 
primary 'Naik, M.T.'    2  ? 
primary 'Wang, S.H.'    3  ? 
primary 'Shih, H.M.'    4  ? 
primary 'Chang, C.C.'   5  ? 
primary 'Lin, L.Y.'     6  ? 
primary 'Chen, C.L.'    7  ? 
primary 'Ma, C.'        8  ? 
primary 'Chang, C.F.'   9  ? 
primary 'Huang, T.H.'   10 ? 
# 
loop_
_entity.id 
_entity.type 
_entity.src_method 
_entity.pdbx_description 
_entity.formula_weight 
_entity.pdbx_number_of_molecules 
_entity.pdbx_ec 
_entity.pdbx_mutation 
_entity.pdbx_fragment 
_entity.details 
1 polymer man 'Small ubiquitin-related modifier 2' 11460.790 1  ? ? 'DELTAN11SUMO-2, UNP RESIDUES 12-93' ? 
2 water   nat water                                18.015    29 ? ? ?                                    ? 
# 
_entity_name_com.entity_id   1 
_entity_name_com.name        'SUMO-2, HSMT3, SMT3 homolog 2, SUMO-3, Sentrin-2, Ubiquitin-like protein SMT3A, Smt3A' 
# 
_entity_poly.entity_id                      1 
_entity_poly.type                           'polypeptide(L)' 
_entity_poly.nstd_linkage                   no 
_entity_poly.nstd_monomer                   no 
_entity_poly.pdbx_seq_one_letter_code       
;GSHMASMTGGQQMGRGSEFTENNDHINLKVAGQDGSVVQFKIKRHTPLSKLMKAYCERQGLSMRQIRFRFDGQPINETDT
PAQLEMEDEDTIDVFQQQTGGL
;
_entity_poly.pdbx_seq_one_letter_code_can   
;GSHMASMTGGQQMGRGSEFTENNDHINLKVAGQDGSVVQFKIKRHTPLSKLMKAYCERQGLSMRQIRFRFDGQPINETDT
PAQLEMEDEDTIDVFQQQTGGL
;
_entity_poly.pdbx_strand_id                 A 
_entity_poly.pdbx_target_identifier         ? 
# 
_pdbx_entity_nonpoly.entity_id   2 
_pdbx_entity_nonpoly.name        water 
_pdbx_entity_nonpoly.comp_id     HOH 
# 
loop_
_entity_poly_seq.entity_id 
_entity_poly_seq.num 
_entity_poly_seq.mon_id 
_entity_poly_seq.hetero 
1 1   GLY n 
1 2   SER n 
1 3   HIS n 
1 4   MET n 
1 5   ALA n 
1 6   SER n 
1 7   MET n 
1 8   THR n 
1 9   GLY n 
1 10  GLY n 
1 11  GLN n 
1 12  GLN n 
1 13  MET n 
1 14  GLY n 
1 15  ARG n 
1 16  GLY n 
1 17  SER n 
1 18  GLU n 
1 19  PHE n 
1 20  THR n 
1 21  GLU n 
1 22  ASN n 
1 23  ASN n 
1 24  ASP n 
1 25  HIS n 
1 26  ILE n 
1 27  ASN n 
1 28  LEU n 
1 29  LYS n 
1 30  VAL n 
1 31  ALA n 
1 32  GLY n 
1 33  GLN n 
1 34  ASP n 
1 35  GLY n 
1 36  SER n 
1 37  VAL n 
1 38  VAL n 
1 39  GLN n 
1 40  PHE n 
1 41  LYS n 
1 42  ILE n 
1 43  LYS n 
1 44  ARG n 
1 45  HIS n 
1 46  THR n 
1 47  PRO n 
1 48  LEU n 
1 49  SER n 
1 50  LYS n 
1 51  LEU n 
1 52  MET n 
1 53  LYS n 
1 54  ALA n 
1 55  TYR n 
1 56  CYS n 
1 57  GLU n 
1 58  ARG n 
1 59  GLN n 
1 60  GLY n 
1 61  LEU n 
1 62  SER n 
1 63  MET n 
1 64  ARG n 
1 65  GLN n 
1 66  ILE n 
1 67  ARG n 
1 68  PHE n 
1 69  ARG n 
1 70  PHE n 
1 71  ASP n 
1 72  GLY n 
1 73  GLN n 
1 74  PRO n 
1 75  ILE n 
1 76  ASN n 
1 77  GLU n 
1 78  THR n 
1 79  ASP n 
1 80  THR n 
1 81  PRO n 
1 82  ALA n 
1 83  GLN n 
1 84  LEU n 
1 85  GLU n 
1 86  MET n 
1 87  GLU n 
1 88  ASP n 
1 89  GLU n 
1 90  ASP n 
1 91  THR n 
1 92  ILE n 
1 93  ASP n 
1 94  VAL n 
1 95  PHE n 
1 96  GLN n 
1 97  GLN n 
1 98  GLN n 
1 99  THR n 
1 100 GLY n 
1 101 GLY n 
1 102 LEU n 
# 
_entity_src_gen.entity_id                          1 
_entity_src_gen.pdbx_src_id                        1 
_entity_src_gen.pdbx_alt_source_flag               sample 
_entity_src_gen.pdbx_seq_type                      ? 
_entity_src_gen.pdbx_beg_seq_num                   ? 
_entity_src_gen.pdbx_end_seq_num                   ? 
_entity_src_gen.gene_src_common_name               human 
_entity_src_gen.gene_src_genus                     ? 
_entity_src_gen.pdbx_gene_src_gene                 'SMT3A, SMT3H2, SUMO2, SUMO2 SMT3A SMT3H2' 
_entity_src_gen.gene_src_species                   ? 
_entity_src_gen.gene_src_strain                    ? 
_entity_src_gen.gene_src_tissue                    ? 
_entity_src_gen.gene_src_tissue_fraction           ? 
_entity_src_gen.gene_src_details                   ? 
_entity_src_gen.pdbx_gene_src_fragment             ? 
_entity_src_gen.pdbx_gene_src_scientific_name      'Homo sapiens' 
_entity_src_gen.pdbx_gene_src_ncbi_taxonomy_id     9606 
_entity_src_gen.pdbx_gene_src_variant              ? 
_entity_src_gen.pdbx_gene_src_cell_line            ? 
_entity_src_gen.pdbx_gene_src_atcc                 ? 
_entity_src_gen.pdbx_gene_src_organ                ? 
_entity_src_gen.pdbx_gene_src_organelle            ? 
_entity_src_gen.pdbx_gene_src_cell                 ? 
_entity_src_gen.pdbx_gene_src_cellular_location    ? 
_entity_src_gen.host_org_common_name               ? 
_entity_src_gen.pdbx_host_org_scientific_name      'Escherichia coli' 
_entity_src_gen.pdbx_host_org_ncbi_taxonomy_id     562 
_entity_src_gen.host_org_genus                     ? 
_entity_src_gen.pdbx_host_org_gene                 ? 
_entity_src_gen.pdbx_host_org_organ                ? 
_entity_src_gen.host_org_species                   ? 
_entity_src_gen.pdbx_host_org_tissue               ? 
_entity_src_gen.pdbx_host_org_tissue_fraction      ? 
_entity_src_gen.pdbx_host_org_strain               BL21 
_entity_src_gen.pdbx_host_org_variant              ? 
_entity_src_gen.pdbx_host_org_cell_line            ? 
_entity_src_gen.pdbx_host_org_atcc                 ? 
_entity_src_gen.pdbx_host_org_culture_collection   ? 
_entity_src_gen.pdbx_host_org_cell                 ? 
_entity_src_gen.pdbx_host_org_organelle            ? 
_entity_src_gen.pdbx_host_org_cellular_location    ? 
_entity_src_gen.pdbx_host_org_vector_type          plasmid 
_entity_src_gen.pdbx_host_org_vector               ? 
_entity_src_gen.host_org_details                   ? 
_entity_src_gen.expression_system_id               ? 
_entity_src_gen.plasmid_name                       pET28a 
_entity_src_gen.plasmid_details                    ? 
_entity_src_gen.pdbx_description                   ? 
# 
loop_
_chem_comp.id 
_chem_comp.type 
_chem_comp.mon_nstd_flag 
_chem_comp.name 
_chem_comp.pdbx_synonyms 
_chem_comp.formula 
_chem_comp.formula_weight 
ALA 'L-peptide linking' y ALANINE         ? 'C3 H7 N O2'     89.093  
ARG 'L-peptide linking' y ARGININE        ? 'C6 H15 N4 O2 1' 175.209 
ASN 'L-peptide linking' y ASPARAGINE      ? 'C4 H8 N2 O3'    132.118 
ASP 'L-peptide linking' y 'ASPARTIC ACID' ? 'C4 H7 N O4'     133.103 
CYS 'L-peptide linking' y CYSTEINE        ? 'C3 H7 N O2 S'   121.158 
GLN 'L-peptide linking' y GLUTAMINE       ? 'C5 H10 N2 O3'   146.144 
GLU 'L-peptide linking' y 'GLUTAMIC ACID' ? 'C5 H9 N O4'     147.129 
GLY 'peptide linking'   y GLYCINE         ? 'C2 H5 N O2'     75.067  
HIS 'L-peptide linking' y HISTIDINE       ? 'C6 H10 N3 O2 1' 156.162 
HOH non-polymer         . WATER           ? 'H2 O'           18.015  
ILE 'L-peptide linking' y ISOLEUCINE      ? 'C6 H13 N O2'    131.173 
LEU 'L-peptide linking' y LEUCINE         ? 'C6 H13 N O2'    131.173 
LYS 'L-peptide linking' y LYSINE          ? 'C6 H15 N2 O2 1' 147.195 
MET 'L-peptide linking' y METHIONINE      ? 'C5 H11 N O2 S'  149.211 
PHE 'L-peptide linking' y PHENYLALANINE   ? 'C9 H11 N O2'    165.189 
PRO 'L-peptide linking' y PROLINE         ? 'C5 H9 N O2'     115.130 
SER 'L-peptide linking' y SERINE          ? 'C3 H7 N O3'     105.093 
THR 'L-peptide linking' y THREONINE       ? 'C4 H9 N O3'     119.119 
TYR 'L-peptide linking' y TYROSINE        ? 'C9 H11 N O3'    181.189 
VAL 'L-peptide linking' y VALINE          ? 'C5 H11 N O2'    117.146 
# 
loop_
_pdbx_poly_seq_scheme.asym_id 
_pdbx_poly_seq_scheme.entity_id 
_pdbx_poly_seq_scheme.seq_id 
_pdbx_poly_seq_scheme.mon_id 
_pdbx_poly_seq_scheme.ndb_seq_num 
_pdbx_poly_seq_scheme.pdb_seq_num 
_pdbx_poly_seq_scheme.auth_seq_num 
_pdbx_poly_seq_scheme.pdb_mon_id 
_pdbx_poly_seq_scheme.auth_mon_id 
_pdbx_poly_seq_scheme.pdb_strand_id 
_pdbx_poly_seq_scheme.pdb_ins_code 
_pdbx_poly_seq_scheme.hetero 
A 1 1   GLY 1   -7 ?  ?   ?   A . n 
A 1 2   SER 2   -6 ?  ?   ?   A . n 
A 1 3   HIS 3   -5 ?  ?   ?   A . n 
A 1 4   MET 4   -4 ?  ?   ?   A . n 
A 1 5   ALA 5   -3 ?  ?   ?   A . n 
A 1 6   SER 6   -2 ?  ?   ?   A . n 
A 1 7   MET 7   -1 ?  ?   ?   A . n 
A 1 8   THR 8   0  ?  ?   ?   A . n 
A 1 9   GLY 9   1  ?  ?   ?   A . n 
A 1 10  GLY 10  2  ?  ?   ?   A . n 
A 1 11  GLN 11  3  ?  ?   ?   A . n 
A 1 12  GLN 12  4  ?  ?   ?   A . n 
A 1 13  MET 13  5  ?  ?   ?   A . n 
A 1 14  GLY 14  6  ?  ?   ?   A . n 
A 1 15  ARG 15  7  ?  ?   ?   A . n 
A 1 16  GLY 16  8  ?  ?   ?   A . n 
A 1 17  SER 17  9  ?  ?   ?   A . n 
A 1 18  GLU 18  10 ?  ?   ?   A . n 
A 1 19  PHE 19  11 ?  ?   ?   A . n 
A 1 20  THR 20  12 ?  ?   ?   A . n 
A 1 21  GLU 21  13 ?  ?   ?   A . n 
A 1 22  ASN 22  14 ?  ?   ?   A . n 
A 1 23  ASN 23  15 ?  ?   ?   A . n 
A 1 24  ASP 24  16 ?  ?   ?   A . n 
A 1 25  HIS 25  17 17 HIS HIS A . n 
A 1 26  ILE 26  18 18 ILE ILE A . n 
A 1 27  ASN 27  19 19 ASN ASN A . n 
A 1 28  LEU 28  20 20 LEU LEU A . n 
A 1 29  LYS 29  21 21 LYS LYS A . n 
A 1 30  VAL 30  22 22 VAL VAL A . n 
A 1 31  ALA 31  23 23 ALA ALA A . n 
A 1 32  GLY 32  24 24 GLY GLY A . n 
A 1 33  GLN 33  25 25 GLN GLN A . n 
A 1 34  ASP 34  26 26 ASP ASP A . n 
A 1 35  GLY 35  27 27 GLY GLY A . n 
A 1 36  SER 36  28 28 SER SER A . n 
A 1 37  VAL 37  29 29 VAL VAL A . n 
A 1 38  VAL 38  30 30 VAL VAL A . n 
A 1 39  GLN 39  31 31 GLN GLN A . n 
A 1 40  PHE 40  32 32 PHE PHE A . n 
A 1 41  LYS 41  33 33 LYS LYS A . n 
A 1 42  ILE 42  34 34 ILE ILE A . n 
A 1 43  LYS 43  35 35 LYS LYS A . n 
A 1 44  ARG 44  36 36 ARG ARG A . n 
A 1 45  HIS 45  37 37 HIS HIS A . n 
A 1 46  THR 46  38 38 THR THR A . n 
A 1 47  PRO 47  39 39 PRO PRO A . n 
A 1 48  LEU 48  40 40 LEU LEU A . n 
A 1 49  SER 49  41 41 SER SER A . n 
A 1 50  LYS 50  42 42 LYS LYS A . n 
A 1 51  LEU 51  43 43 LEU LEU A . n 
A 1 52  MET 52  44 44 MET MET A . n 
A 1 53  LYS 53  45 45 LYS LYS A . n 
A 1 54  ALA 54  46 46 ALA ALA A . n 
A 1 55  TYR 55  47 47 TYR TYR A . n 
A 1 56  CYS 56  48 48 CYS CYS A . n 
A 1 57  GLU 57  49 49 GLU GLU A . n 
A 1 58  ARG 58  50 50 ARG ARG A . n 
A 1 59  GLN 59  51 51 GLN GLN A . n 
A 1 60  GLY 60  52 52 GLY GLY A . n 
A 1 61  LEU 61  53 53 LEU LEU A . n 
A 1 62  SER 62  54 54 SER SER A . n 
A 1 63  MET 63  55 55 MET MET A . n 
A 1 64  ARG 64  56 56 ARG ARG A . n 
A 1 65  GLN 65  57 57 GLN GLN A . n 
A 1 66  ILE 66  58 58 ILE ILE A . n 
A 1 67  ARG 67  59 59 ARG ARG A . n 
A 1 68  PHE 68  60 60 PHE PHE A . n 
A 1 69  ARG 69  61 61 ARG ARG A . n 
A 1 70  PHE 70  62 62 PHE PHE A . n 
A 1 71  ASP 71  63 63 ASP ASP A . n 
A 1 72  GLY 72  64 64 GLY GLY A . n 
A 1 73  GLN 73  65 65 GLN GLN A . n 
A 1 74  PRO 74  66 66 PRO PRO A . n 
A 1 75  ILE 75  67 67 ILE ILE A . n 
A 1 76  ASN 76  68 68 ASN ASN A . n 
A 1 77  GLU 77  69 69 GLU GLU A . n 
A 1 78  THR 78  70 70 THR THR A . n 
A 1 79  ASP 79  71 71 ASP ASP A . n 
A 1 80  THR 80  72 72 THR THR A . n 
A 1 81  PRO 81  73 73 PRO PRO A . n 
A 1 82  ALA 82  74 74 ALA ALA A . n 
A 1 83  GLN 83  75 75 GLN GLN A . n 
A 1 84  LEU 84  76 76 LEU LEU A . n 
A 1 85  GLU 85  77 77 GLU GLU A . n 
A 1 86  MET 86  78 78 MET MET A . n 
A 1 87  GLU 87  79 79 GLU GLU A . n 
A 1 88  ASP 88  80 80 ASP ASP A . n 
A 1 89  GLU 89  81 81 GLU GLU A . n 
A 1 90  ASP 90  82 82 ASP ASP A . n 
A 1 91  THR 91  83 83 THR THR A . n 
A 1 92  ILE 92  84 84 ILE ILE A . n 
A 1 93  ASP 93  85 85 ASP ASP A . n 
A 1 94  VAL 94  86 86 VAL VAL A . n 
A 1 95  PHE 95  87 87 PHE PHE A . n 
A 1 96  GLN 96  88 ?  ?   ?   A . n 
A 1 97  GLN 97  89 ?  ?   ?   A . n 
A 1 98  GLN 98  90 ?  ?   ?   A . n 
A 1 99  THR 99  91 ?  ?   ?   A . n 
A 1 100 GLY 100 92 ?  ?   ?   A . n 
A 1 101 GLY 101 93 ?  ?   ?   A . n 
A 1 102 LEU 102 94 ?  ?   ?   A . n 
# 
loop_
_pdbx_nonpoly_scheme.asym_id 
_pdbx_nonpoly_scheme.entity_id 
_pdbx_nonpoly_scheme.mon_id 
_pdbx_nonpoly_scheme.ndb_seq_num 
_pdbx_nonpoly_scheme.pdb_seq_num 
_pdbx_nonpoly_scheme.auth_seq_num 
_pdbx_nonpoly_scheme.pdb_mon_id 
_pdbx_nonpoly_scheme.auth_mon_id 
_pdbx_nonpoly_scheme.pdb_strand_id 
_pdbx_nonpoly_scheme.pdb_ins_code 
B 2 HOH 1  101 1  HOH HOH A . 
B 2 HOH 2  102 3  HOH HOH A . 
B 2 HOH 3  103 4  HOH HOH A . 
B 2 HOH 4  104 5  HOH HOH A . 
B 2 HOH 5  105 6  HOH HOH A . 
B 2 HOH 6  106 7  HOH HOH A . 
B 2 HOH 7  107 8  HOH HOH A . 
B 2 HOH 8  108 9  HOH HOH A . 
B 2 HOH 9  109 11 HOH HOH A . 
B 2 HOH 10 110 12 HOH HOH A . 
B 2 HOH 11 111 13 HOH HOH A . 
B 2 HOH 12 112 14 HOH HOH A . 
B 2 HOH 13 113 15 HOH HOH A . 
B 2 HOH 14 114 16 HOH HOH A . 
B 2 HOH 15 115 17 HOH HOH A . 
B 2 HOH 16 116 18 HOH HOH A . 
B 2 HOH 17 117 19 HOH HOH A . 
B 2 HOH 18 118 20 HOH HOH A . 
B 2 HOH 19 119 21 HOH HOH A . 
B 2 HOH 20 120 22 HOH HOH A . 
B 2 HOH 21 121 23 HOH HOH A . 
B 2 HOH 22 122 24 HOH HOH A . 
B 2 HOH 23 123 25 HOH HOH A . 
B 2 HOH 24 124 27 HOH HOH A . 
B 2 HOH 25 125 28 HOH HOH A . 
B 2 HOH 26 126 33 HOH HOH A . 
B 2 HOH 27 127 35 HOH HOH A . 
B 2 HOH 28 128 37 HOH HOH A . 
B 2 HOH 29 129 39 HOH HOH A . 
# 
loop_
_software.name 
_software.classification 
_software.version 
_software.citation_id 
_software.pdbx_ordinal 
HKL-2000 'data collection' .                            ? 1 
SOLVE    phasing           .                            ? 2 
PHENIX   refinement        '(phenix.refine: 1.7.3_928)' ? 3 
HKL-2000 'data reduction'  .                            ? 4 
HKL-2000 'data scaling'    .                            ? 5 
# 
_cell.entry_id           4NPN 
_cell.length_a           75.123 
_cell.length_b           75.123 
_cell.length_c           33.116 
_cell.angle_alpha        90.00 
_cell.angle_beta         90.00 
_cell.angle_gamma        120.00 
_cell.Z_PDB              9 
_cell.pdbx_unique_axis   ? 
_cell.length_a_esd       ? 
_cell.length_b_esd       ? 
_cell.length_c_esd       ? 
_cell.angle_alpha_esd    ? 
_cell.angle_beta_esd     ? 
_cell.angle_gamma_esd    ? 
# 
_symmetry.entry_id                         4NPN 
_symmetry.space_group_name_H-M             'H 3' 
_symmetry.pdbx_full_space_group_name_H-M   ? 
_symmetry.cell_setting                     ? 
_symmetry.Int_Tables_number                146 
_symmetry.space_group_name_Hall            ? 
# 
_exptl.entry_id          4NPN 
_exptl.method            'X-RAY DIFFRACTION' 
_exptl.crystals_number   1 
# 
_exptl_crystal.id                    1 
_exptl_crystal.density_meas          ? 
_exptl_crystal.density_Matthews      ? 
_exptl_crystal.density_percent_sol   ? 
_exptl_crystal.description           ? 
_exptl_crystal.F_000                 ? 
_exptl_crystal.preparation           ? 
# 
_exptl_crystal_grow.crystal_id      1 
_exptl_crystal_grow.method          'VAPOR DIFFUSION, HANGING DROP' 
_exptl_crystal_grow.temp            289 
_exptl_crystal_grow.temp_details    ? 
_exptl_crystal_grow.pH              9.4 
_exptl_crystal_grow.pdbx_details    
'0.1M Tris-HCl, 0.1M CHES, 30% PEG 600, pH 9.4, VAPOR DIFFUSION, HANGING DROP, temperature 289K' 
_exptl_crystal_grow.pdbx_pH_range   . 
# 
_diffrn.id                     1 
_diffrn.ambient_temp           100 
_diffrn.ambient_temp_details   ? 
_diffrn.crystal_id             1 
# 
_diffrn_detector.diffrn_id              1 
_diffrn_detector.detector               CCD 
_diffrn_detector.type                   'BRUKER SMART 6500' 
_diffrn_detector.pdbx_collection_date   2012-04-20 
_diffrn_detector.details                ? 
# 
_diffrn_radiation.diffrn_id                        1 
_diffrn_radiation.wavelength_id                    1 
_diffrn_radiation.pdbx_monochromatic_or_laue_m_l   M 
_diffrn_radiation.monochromator                    'Double crystal' 
_diffrn_radiation.pdbx_diffrn_protocol             'SINGLE WAVELENGTH' 
_diffrn_radiation.pdbx_scattering_type             x-ray 
# 
_diffrn_radiation_wavelength.id           1 
_diffrn_radiation_wavelength.wavelength   0.9 
_diffrn_radiation_wavelength.wt           1.0 
# 
_diffrn_source.diffrn_id                   1 
_diffrn_source.source                      SYNCHROTRON 
_diffrn_source.type                        'SPRING-8 BEAMLINE BL44XU' 
_diffrn_source.pdbx_synchrotron_site       SPring-8 
_diffrn_source.pdbx_synchrotron_beamline   BL44XU 
_diffrn_source.pdbx_wavelength             ? 
_diffrn_source.pdbx_wavelength_list        0.9 
# 
_reflns.entry_id                     4NPN 
_reflns.observed_criterion_sigma_I   3 
_reflns.observed_criterion_sigma_F   0 
_reflns.d_resolution_low             30.0 
_reflns.d_resolution_high            1.63 
_reflns.number_obs                   8785 
_reflns.number_all                   ? 
_reflns.percent_possible_obs         99.6 
_reflns.pdbx_Rmerge_I_obs            ? 
_reflns.pdbx_Rsym_value              ? 
_reflns.pdbx_netI_over_sigmaI        ? 
_reflns.B_iso_Wilson_estimate        ? 
_reflns.pdbx_redundancy              ? 
_reflns.R_free_details               ? 
_reflns.limit_h_max                  ? 
_reflns.limit_h_min                  ? 
_reflns.limit_k_max                  ? 
_reflns.limit_k_min                  ? 
_reflns.limit_l_max                  ? 
_reflns.limit_l_min                  ? 
_reflns.observed_criterion_F_max     ? 
_reflns.observed_criterion_F_min     ? 
_reflns.pdbx_chi_squared             ? 
_reflns.pdbx_scaling_rejects         ? 
_reflns.pdbx_ordinal                 1 
_reflns.pdbx_diffrn_id               1 
# 
_reflns_shell.d_res_high                  1.63 
_reflns_shell.d_res_low                   1.69 
_reflns_shell.percent_possible_all        100 
_reflns_shell.Rmerge_I_obs                0.362 
_reflns_shell.pdbx_Rsym_value             ? 
_reflns_shell.meanI_over_sigI_obs         6.098 
_reflns_shell.pdbx_redundancy             7.7 
_reflns_shell.percent_possible_obs        ? 
_reflns_shell.number_unique_all           875 
_reflns_shell.number_measured_all         ? 
_reflns_shell.number_measured_obs         ? 
_reflns_shell.number_unique_obs           ? 
_reflns_shell.pdbx_chi_squared            ? 
_reflns_shell.pdbx_rejects                ? 
_reflns_shell.pdbx_netI_over_sigmaI_obs   ? 
_reflns_shell.number_possible             ? 
_reflns_shell.Rmerge_F_all                ? 
_reflns_shell.Rmerge_F_obs                ? 
_reflns_shell.Rmerge_I_all                ? 
_reflns_shell.meanI_over_sigI_all         ? 
_reflns_shell.pdbx_Rrim_I_all             ? 
_reflns_shell.pdbx_Rpim_I_all             ? 
_reflns_shell.pdbx_ordinal                1 
_reflns_shell.pdbx_diffrn_id              1 
# 
_refine.entry_id                                 4NPN 
_refine.ls_number_reflns_obs                     8594 
_refine.ls_number_reflns_all                     8661 
_refine.pdbx_ls_sigma_I                          ? 
_refine.pdbx_ls_sigma_F                          1.98 
_refine.pdbx_data_cutoff_high_absF               ? 
_refine.pdbx_data_cutoff_low_absF                ? 
_refine.pdbx_data_cutoff_high_rms_absF           ? 
_refine.ls_d_res_low                             23.206 
_refine.ls_d_res_high                            1.633 
_refine.ls_percent_reflns_obs                    99.23 
_refine.ls_R_factor_obs                          0.1990 
_refine.ls_R_factor_all                          0.1990 
_refine.ls_R_factor_R_work                       0.1981 
_refine.ls_R_factor_R_free                       0.2183 
_refine.ls_R_factor_R_free_error                 ? 
_refine.ls_R_factor_R_free_error_details         ? 
_refine.ls_percent_reflns_R_free                 4.74 
_refine.ls_number_reflns_R_free                  407 
_refine.ls_number_parameters                     ? 
_refine.ls_number_restraints                     ? 
_refine.occupancy_min                            ? 
_refine.occupancy_max                            ? 
_refine.correlation_coeff_Fo_to_Fc               ? 
_refine.correlation_coeff_Fo_to_Fc_free          ? 
_refine.B_iso_mean                               ? 
_refine.aniso_B[1][1]                            0.2099 
_refine.aniso_B[2][2]                            0.2099 
_refine.aniso_B[3][3]                            -0.4197 
_refine.aniso_B[1][2]                            0.0000 
_refine.aniso_B[1][3]                            -0.0000 
_refine.aniso_B[2][3]                            0.0000 
_refine.solvent_model_details                    'FLAT BULK SOLVENT MODEL' 
_refine.solvent_model_param_ksol                 0.400 
_refine.solvent_model_param_bsol                 36.193 
_refine.pdbx_solvent_vdw_probe_radii             1.20 
_refine.pdbx_solvent_ion_probe_radii             ? 
_refine.pdbx_solvent_shrinkage_radii             0.98 
_refine.pdbx_ls_cross_valid_method               ? 
_refine.details                                  ? 
_refine.pdbx_starting_model                      ? 
_refine.pdbx_method_to_determine_struct          'MOLECULAR REPLACEMENT' 
_refine.pdbx_isotropic_thermal_model             ? 
_refine.pdbx_stereochemistry_target_values       'Engh & Huber' 
_refine.pdbx_stereochem_target_val_spec_case     ? 
_refine.pdbx_R_Free_selection_details            RANDOM 
_refine.pdbx_overall_ESU_R                       ? 
_refine.pdbx_overall_ESU_R_Free                  ? 
_refine.overall_SU_ML                            0.19 
_refine.pdbx_overall_phase_error                 22.01 
_refine.overall_SU_B                             ? 
_refine.overall_SU_R_Cruickshank_DPI             ? 
_refine.ls_redundancy_reflns_obs                 ? 
_refine.B_iso_min                                ? 
_refine.B_iso_max                                ? 
_refine.overall_SU_R_free                        ? 
_refine.ls_wR_factor_R_free                      ? 
_refine.ls_wR_factor_R_work                      ? 
_refine.overall_FOM_free_R_set                   ? 
_refine.overall_FOM_work_R_set                   ? 
_refine.pdbx_diffrn_id                           1 
_refine.pdbx_refine_id                           'X-RAY DIFFRACTION' 
_refine.pdbx_TLS_residual_ADP_flag               ? 
_refine.pdbx_overall_SU_R_free_Cruickshank_DPI   ? 
_refine.pdbx_overall_SU_R_Blow_DPI               ? 
_refine.pdbx_overall_SU_R_free_Blow_DPI          ? 
# 
_refine_hist.pdbx_refine_id                   'X-RAY DIFFRACTION' 
_refine_hist.cycle_id                         LAST 
_refine_hist.pdbx_number_atoms_protein        575 
_refine_hist.pdbx_number_atoms_nucleic_acid   0 
_refine_hist.pdbx_number_atoms_ligand         0 
_refine_hist.number_atoms_solvent             29 
_refine_hist.number_atoms_total               604 
_refine_hist.d_res_high                       1.633 
_refine_hist.d_res_low                        23.206 
# 
loop_
_refine_ls_restr.type 
_refine_ls_restr.dev_ideal 
_refine_ls_restr.dev_ideal_target 
_refine_ls_restr.weight 
_refine_ls_restr.number 
_refine_ls_restr.pdbx_restraint_function 
_refine_ls_restr.pdbx_refine_id 
f_bond_d           0.006  ? ? 584 ? 'X-RAY DIFFRACTION' 
f_angle_d          1.087  ? ? 783 ? 'X-RAY DIFFRACTION' 
f_dihedral_angle_d 15.959 ? ? 229 ? 'X-RAY DIFFRACTION' 
f_chiral_restr     0.080  ? ? 85  ? 'X-RAY DIFFRACTION' 
f_plane_restr      0.004  ? ? 104 ? 'X-RAY DIFFRACTION' 
# 
loop_
_refine_ls_shell.pdbx_refine_id 
_refine_ls_shell.pdbx_total_number_of_bins_used 
_refine_ls_shell.d_res_high 
_refine_ls_shell.d_res_low 
_refine_ls_shell.number_reflns_R_work 
_refine_ls_shell.R_factor_R_work 
_refine_ls_shell.percent_reflns_obs 
_refine_ls_shell.R_factor_R_free 
_refine_ls_shell.R_factor_R_free_error 
_refine_ls_shell.percent_reflns_R_free 
_refine_ls_shell.number_reflns_R_free 
_refine_ls_shell.number_reflns_all 
_refine_ls_shell.R_factor_all 
_refine_ls_shell.number_reflns_obs 
_refine_ls_shell.redundancy_reflns_obs 
'X-RAY DIFFRACTION' 3 1.6332 1.8695  2750 0.2058 99.00  0.2645 . . 128 . . . . 
'X-RAY DIFFRACTION' 3 1.8695 2.3549  2739 0.1925 100.00 0.2511 . . 144 . . . . 
'X-RAY DIFFRACTION' 3 2.3549 23.2086 2698 0.1988 99.00  0.1973 . . 135 . . . . 
# 
_struct.entry_id                  4NPN 
_struct.title                     'Crystal structure of human tetra-SUMO-2' 
_struct.pdbx_model_details        ? 
_struct.pdbx_CASP_flag            ? 
_struct.pdbx_model_type_details   ? 
# 
_struct_keywords.entry_id        4NPN 
_struct_keywords.pdbx_keywords   'PROTEIN TRANSPORT' 
_struct_keywords.text            'PROTEIN BINDING, PROTEIN TRANSPORT' 
# 
loop_
_struct_asym.id 
_struct_asym.pdbx_blank_PDB_chainid_flag 
_struct_asym.pdbx_modified 
_struct_asym.entity_id 
_struct_asym.details 
A N N 1 ? 
B N N 2 ? 
# 
_struct_ref.id                         1 
_struct_ref.db_name                    UNP 
_struct_ref.db_code                    SUMO2_HUMAN 
_struct_ref.pdbx_db_accession          P61956 
_struct_ref.entity_id                  1 
_struct_ref.pdbx_seq_one_letter_code   
;TENNDHINLKVAGQDGSVVQFKIKRHTPLSKLMKAYCERQGLSMRQIRFRFDGQPINETDTPAQLEMEDEDTIDVFQQQT
GG
;
_struct_ref.pdbx_align_begin           12 
_struct_ref.pdbx_db_isoform            ? 
# 
_struct_ref_seq.align_id                      1 
_struct_ref_seq.ref_id                        1 
_struct_ref_seq.pdbx_PDB_id_code              4NPN 
_struct_ref_seq.pdbx_strand_id                A 
_struct_ref_seq.seq_align_beg                 20 
_struct_ref_seq.pdbx_seq_align_beg_ins_code   ? 
_struct_ref_seq.seq_align_end                 101 
_struct_ref_seq.pdbx_seq_align_end_ins_code   ? 
_struct_ref_seq.pdbx_db_accession             P61956 
_struct_ref_seq.db_align_beg                  12 
_struct_ref_seq.pdbx_db_align_beg_ins_code    ? 
_struct_ref_seq.db_align_end                  93 
_struct_ref_seq.pdbx_db_align_end_ins_code    ? 
_struct_ref_seq.pdbx_auth_seq_align_beg       12 
_struct_ref_seq.pdbx_auth_seq_align_end       93 
# 
loop_
_struct_ref_seq_dif.align_id 
_struct_ref_seq_dif.pdbx_pdb_id_code 
_struct_ref_seq_dif.mon_id 
_struct_ref_seq_dif.pdbx_pdb_strand_id 
_struct_ref_seq_dif.seq_num 
_struct_ref_seq_dif.pdbx_pdb_ins_code 
_struct_ref_seq_dif.pdbx_seq_db_name 
_struct_ref_seq_dif.pdbx_seq_db_accession_code 
_struct_ref_seq_dif.db_mon_id 
_struct_ref_seq_dif.pdbx_seq_db_seq_num 
_struct_ref_seq_dif.details 
_struct_ref_seq_dif.pdbx_auth_seq_num 
_struct_ref_seq_dif.pdbx_ordinal 
1 4NPN GLY A 1   ? UNP P61956 ? ? 'expression tag' -7 1  
1 4NPN SER A 2   ? UNP P61956 ? ? 'expression tag' -6 2  
1 4NPN HIS A 3   ? UNP P61956 ? ? 'expression tag' -5 3  
1 4NPN MET A 4   ? UNP P61956 ? ? 'expression tag' -4 4  
1 4NPN ALA A 5   ? UNP P61956 ? ? 'expression tag' -3 5  
1 4NPN SER A 6   ? UNP P61956 ? ? 'expression tag' -2 6  
1 4NPN MET A 7   ? UNP P61956 ? ? 'expression tag' -1 7  
1 4NPN THR A 8   ? UNP P61956 ? ? 'expression tag' 0  8  
1 4NPN GLY A 9   ? UNP P61956 ? ? 'expression tag' 1  9  
1 4NPN GLY A 10  ? UNP P61956 ? ? 'expression tag' 2  10 
1 4NPN GLN A 11  ? UNP P61956 ? ? 'expression tag' 3  11 
1 4NPN GLN A 12  ? UNP P61956 ? ? 'expression tag' 4  12 
1 4NPN MET A 13  ? UNP P61956 ? ? 'expression tag' 5  13 
1 4NPN GLY A 14  ? UNP P61956 ? ? 'expression tag' 6  14 
1 4NPN ARG A 15  ? UNP P61956 ? ? 'expression tag' 7  15 
1 4NPN GLY A 16  ? UNP P61956 ? ? 'expression tag' 8  16 
1 4NPN SER A 17  ? UNP P61956 ? ? 'expression tag' 9  17 
1 4NPN GLU A 18  ? UNP P61956 ? ? 'expression tag' 10 18 
1 4NPN PHE A 19  ? UNP P61956 ? ? 'expression tag' 11 19 
1 4NPN LEU A 102 ? UNP P61956 ? ? 'expression tag' 94 20 
# 
loop_
_pdbx_struct_assembly.id 
_pdbx_struct_assembly.details 
_pdbx_struct_assembly.method_details 
_pdbx_struct_assembly.oligomeric_details 
_pdbx_struct_assembly.oligomeric_count 
1 author_defined_assembly   ?    tetrameric 4 
2 software_defined_assembly PISA monomeric  1 
# 
loop_
_pdbx_struct_assembly_gen.assembly_id 
_pdbx_struct_assembly_gen.oper_expression 
_pdbx_struct_assembly_gen.asym_id_list 
1 1,2,3,4 A,B 
2 1       A,B 
# 
loop_
_pdbx_struct_oper_list.id 
_pdbx_struct_oper_list.type 
_pdbx_struct_oper_list.name 
_pdbx_struct_oper_list.symmetry_operation 
_pdbx_struct_oper_list.matrix[1][1] 
_pdbx_struct_oper_list.matrix[1][2] 
_pdbx_struct_oper_list.matrix[1][3] 
_pdbx_struct_oper_list.vector[1] 
_pdbx_struct_oper_list.matrix[2][1] 
_pdbx_struct_oper_list.matrix[2][2] 
_pdbx_struct_oper_list.matrix[2][3] 
_pdbx_struct_oper_list.vector[2] 
_pdbx_struct_oper_list.matrix[3][1] 
_pdbx_struct_oper_list.matrix[3][2] 
_pdbx_struct_oper_list.matrix[3][3] 
_pdbx_struct_oper_list.vector[3] 
1 'identity operation'         1_555 x,y,z             1.0000000000  0.0000000000  0.0000000000  0.0000000000  0.0000000000  1.0000000000  0.0000000000  0.0000000000   0.0000000000  0.0000000000  1.0000000000 0.0000000000  
2 'crystal symmetry operation' 2_555 -y,x-y,z          -0.0766708295 -0.1318546246 -0.9882995203 14.1843731929 0.9958352242  -0.0591713680 -0.0693610517 -18.6034194349 -0.0493334592 -0.9895014438 0.1358421975 -3.9162937975 
3 'crystal symmetry operation' 3_555 -x+y,-x,z         -0.0766708295 0.9958352242  -0.0493334592 19.4202637012 -0.1318546246 -0.0591713680 -0.9895014438 -3.1056929421  -0.9882995203 -0.0693610517 0.1358421975 13.2600544409 
4 'crystal symmetry operation' 4_455 x-1/3,y+1/3,z+1/3 1.0000000000  0.0000000000  0.0000000000  28.2483535361 0.0000000000  1.0000000000  0.0000000000  -32.0613682972 0.0000000000  0.0000000000  1.0000000000 13.3081324831 
# 
_struct_biol.id        1 
_struct_biol.details   ? 
# 
_struct_conf.conf_type_id            HELX_P 
_struct_conf.id                      HELX_P1 
_struct_conf.pdbx_PDB_helix_id       1 
_struct_conf.beg_label_comp_id       LEU 
_struct_conf.beg_label_asym_id       A 
_struct_conf.beg_label_seq_id        48 
_struct_conf.pdbx_beg_PDB_ins_code   ? 
_struct_conf.end_label_comp_id       GLY 
_struct_conf.end_label_asym_id       A 
_struct_conf.end_label_seq_id        60 
_struct_conf.pdbx_end_PDB_ins_code   ? 
_struct_conf.beg_auth_comp_id        LEU 
_struct_conf.beg_auth_asym_id        A 
_struct_conf.beg_auth_seq_id         40 
_struct_conf.end_auth_comp_id        GLY 
_struct_conf.end_auth_asym_id        A 
_struct_conf.end_auth_seq_id         52 
_struct_conf.pdbx_PDB_helix_class    1 
_struct_conf.details                 ? 
_struct_conf.pdbx_PDB_helix_length   13 
# 
_struct_conf_type.id          HELX_P 
_struct_conf_type.criteria    ? 
_struct_conf_type.reference   ? 
# 
_struct_sheet.id               A 
_struct_sheet.type             ? 
_struct_sheet.number_strands   5 
_struct_sheet.details          ? 
# 
loop_
_struct_sheet_order.sheet_id 
_struct_sheet_order.range_id_1 
_struct_sheet_order.range_id_2 
_struct_sheet_order.offset 
_struct_sheet_order.sense 
A 1 2 ? anti-parallel 
A 2 3 ? parallel      
A 3 4 ? anti-parallel 
A 4 5 ? anti-parallel 
# 
loop_
_struct_sheet_range.sheet_id 
_struct_sheet_range.id 
_struct_sheet_range.beg_label_comp_id 
_struct_sheet_range.beg_label_asym_id 
_struct_sheet_range.beg_label_seq_id 
_struct_sheet_range.pdbx_beg_PDB_ins_code 
_struct_sheet_range.end_label_comp_id 
_struct_sheet_range.end_label_asym_id 
_struct_sheet_range.end_label_seq_id 
_struct_sheet_range.pdbx_end_PDB_ins_code 
_struct_sheet_range.beg_auth_comp_id 
_struct_sheet_range.beg_auth_asym_id 
_struct_sheet_range.beg_auth_seq_id 
_struct_sheet_range.end_auth_comp_id 
_struct_sheet_range.end_auth_asym_id 
_struct_sheet_range.end_auth_seq_id 
A 1 VAL A 37 ? ILE A 42 ? VAL A 29 ILE A 34 
A 2 ILE A 26 ? ALA A 31 ? ILE A 18 ALA A 23 
A 3 ASP A 90 ? PHE A 95 ? ASP A 82 PHE A 87 
A 4 ARG A 67 ? PHE A 70 ? ARG A 59 PHE A 62 
A 5 GLN A 73 ? PRO A 74 ? GLN A 65 PRO A 66 
# 
loop_
_pdbx_struct_sheet_hbond.sheet_id 
_pdbx_struct_sheet_hbond.range_id_1 
_pdbx_struct_sheet_hbond.range_id_2 
_pdbx_struct_sheet_hbond.range_1_label_atom_id 
_pdbx_struct_sheet_hbond.range_1_label_comp_id 
_pdbx_struct_sheet_hbond.range_1_label_asym_id 
_pdbx_struct_sheet_hbond.range_1_label_seq_id 
_pdbx_struct_sheet_hbond.range_1_PDB_ins_code 
_pdbx_struct_sheet_hbond.range_1_auth_atom_id 
_pdbx_struct_sheet_hbond.range_1_auth_comp_id 
_pdbx_struct_sheet_hbond.range_1_auth_asym_id 
_pdbx_struct_sheet_hbond.range_1_auth_seq_id 
_pdbx_struct_sheet_hbond.range_2_label_atom_id 
_pdbx_struct_sheet_hbond.range_2_label_comp_id 
_pdbx_struct_sheet_hbond.range_2_label_asym_id 
_pdbx_struct_sheet_hbond.range_2_label_seq_id 
_pdbx_struct_sheet_hbond.range_2_PDB_ins_code 
_pdbx_struct_sheet_hbond.range_2_auth_atom_id 
_pdbx_struct_sheet_hbond.range_2_auth_comp_id 
_pdbx_struct_sheet_hbond.range_2_auth_asym_id 
_pdbx_struct_sheet_hbond.range_2_auth_seq_id 
A 1 2 O ILE A 42 ? O ILE A 34 N ILE A 26 ? N ILE A 18 
A 2 3 N LYS A 29 ? N LYS A 21 O ILE A 92 ? O ILE A 84 
A 3 4 O ASP A 93 ? O ASP A 85 N ARG A 69 ? N ARG A 61 
A 4 5 N PHE A 70 ? N PHE A 62 O GLN A 73 ? O GLN A 65 
# 
_pdbx_struct_special_symmetry.id              1 
_pdbx_struct_special_symmetry.PDB_model_num   1 
_pdbx_struct_special_symmetry.auth_asym_id    A 
_pdbx_struct_special_symmetry.auth_comp_id    HOH 
_pdbx_struct_special_symmetry.auth_seq_id     108 
_pdbx_struct_special_symmetry.PDB_ins_code    ? 
_pdbx_struct_special_symmetry.label_asym_id   B 
_pdbx_struct_special_symmetry.label_comp_id   HOH 
_pdbx_struct_special_symmetry.label_seq_id    . 
# 
_pdbx_refine_tls.pdbx_refine_id   'X-RAY DIFFRACTION' 
_pdbx_refine_tls.id               1 
_pdbx_refine_tls.details          ? 
_pdbx_refine_tls.method           refined 
_pdbx_refine_tls.origin_x         -0.1620 
_pdbx_refine_tls.origin_y         0.0418 
_pdbx_refine_tls.origin_z         -0.2891 
_pdbx_refine_tls.T[1][1]          0.0929 
_pdbx_refine_tls.T[2][2]          0.0944 
_pdbx_refine_tls.T[3][3]          0.1210 
_pdbx_refine_tls.T[1][2]          0.0073 
_pdbx_refine_tls.T[1][3]          -0.0018 
_pdbx_refine_tls.T[2][3]          0.0144 
_pdbx_refine_tls.L[1][1]          2.9469 
_pdbx_refine_tls.L[2][2]          1.4364 
_pdbx_refine_tls.L[3][3]          1.4553 
_pdbx_refine_tls.L[1][2]          -0.0557 
_pdbx_refine_tls.L[1][3]          0.5905 
_pdbx_refine_tls.L[2][3]          0.0864 
_pdbx_refine_tls.S[1][1]          0.0395 
_pdbx_refine_tls.S[1][2]          -0.0766 
_pdbx_refine_tls.S[1][3]          -0.0047 
_pdbx_refine_tls.S[2][1]          0.0546 
_pdbx_refine_tls.S[2][2]          0.0706 
_pdbx_refine_tls.S[2][3]          0.1279 
_pdbx_refine_tls.S[3][1]          -0.0373 
_pdbx_refine_tls.S[3][2]          -0.1176 
_pdbx_refine_tls.S[3][3]          -0.0859 
# 
_pdbx_refine_tls_group.pdbx_refine_id      'X-RAY DIFFRACTION' 
_pdbx_refine_tls_group.id                  1 
_pdbx_refine_tls_group.refine_tls_id       1 
_pdbx_refine_tls_group.beg_auth_asym_id    ? 
_pdbx_refine_tls_group.beg_auth_seq_id     ? 
_pdbx_refine_tls_group.beg_label_asym_id   ? 
_pdbx_refine_tls_group.beg_label_seq_id    ? 
_pdbx_refine_tls_group.end_auth_asym_id    ? 
_pdbx_refine_tls_group.end_auth_seq_id     ? 
_pdbx_refine_tls_group.end_label_asym_id   ? 
_pdbx_refine_tls_group.end_label_seq_id    ? 
_pdbx_refine_tls_group.selection           ? 
_pdbx_refine_tls_group.selection_details   '(CHAIN A AND RESSEQ 17:87)' 
# 
loop_
_pdbx_unobs_or_zero_occ_residues.id 
_pdbx_unobs_or_zero_occ_residues.PDB_model_num 
_pdbx_unobs_or_zero_occ_residues.polymer_flag 
_pdbx_unobs_or_zero_occ_residues.occupancy_flag 
_pdbx_unobs_or_zero_occ_residues.auth_asym_id 
_pdbx_unobs_or_zero_occ_residues.auth_comp_id 
_pdbx_unobs_or_zero_occ_residues.auth_seq_id 
_pdbx_unobs_or_zero_occ_residues.PDB_ins_code 
_pdbx_unobs_or_zero_occ_residues.label_asym_id 
_pdbx_unobs_or_zero_occ_residues.label_comp_id 
_pdbx_unobs_or_zero_occ_residues.label_seq_id 
1  1 Y 1 A GLY -7 ? A GLY 1   
2  1 Y 1 A SER -6 ? A SER 2   
3  1 Y 1 A HIS -5 ? A HIS 3   
4  1 Y 1 A MET -4 ? A MET 4   
5  1 Y 1 A ALA -3 ? A ALA 5   
6  1 Y 1 A SER -2 ? A SER 6   
7  1 Y 1 A MET -1 ? A MET 7   
8  1 Y 1 A THR 0  ? A THR 8   
9  1 Y 1 A GLY 1  ? A GLY 9   
10 1 Y 1 A GLY 2  ? A GLY 10  
11 1 Y 1 A GLN 3  ? A GLN 11  
12 1 Y 1 A GLN 4  ? A GLN 12  
13 1 Y 1 A MET 5  ? A MET 13  
14 1 Y 1 A GLY 6  ? A GLY 14  
15 1 Y 1 A ARG 7  ? A ARG 15  
16 1 Y 1 A GLY 8  ? A GLY 16  
17 1 Y 1 A SER 9  ? A SER 17  
18 1 Y 1 A GLU 10 ? A GLU 18  
19 1 Y 1 A PHE 11 ? A PHE 19  
20 1 Y 1 A THR 12 ? A THR 20  
21 1 Y 1 A GLU 13 ? A GLU 21  
22 1 Y 1 A ASN 14 ? A ASN 22  
23 1 Y 1 A ASN 15 ? A ASN 23  
24 1 Y 1 A ASP 16 ? A ASP 24  
25 1 Y 1 A GLN 88 ? A GLN 96  
26 1 Y 1 A GLN 89 ? A GLN 97  
27 1 Y 1 A GLN 90 ? A GLN 98  
28 1 Y 1 A THR 91 ? A THR 99  
29 1 Y 1 A GLY 92 ? A GLY 100 
30 1 Y 1 A GLY 93 ? A GLY 101 
31 1 Y 1 A LEU 94 ? A LEU 102 
# 
loop_
_chem_comp_atom.comp_id 
_chem_comp_atom.atom_id 
_chem_comp_atom.type_symbol 
_chem_comp_atom.pdbx_aromatic_flag 
_chem_comp_atom.pdbx_stereo_config 
_chem_comp_atom.pdbx_ordinal 
ALA N    N N N 1   
ALA CA   C N S 2   
ALA C    C N N 3   
ALA O    O N N 4   
ALA CB   C N N 5   
ALA OXT  O N N 6   
ALA H    H N N 7   
ALA H2   H N N 8   
ALA HA   H N N 9   
ALA HB1  H N N 10  
ALA HB2  H N N 11  
ALA HB3  H N N 12  
ALA HXT  H N N 13  
ARG N    N N N 14  
ARG CA   C N S 15  
ARG C    C N N 16  
ARG O    O N N 17  
ARG CB   C N N 18  
ARG CG   C N N 19  
ARG CD   C N N 20  
ARG NE   N N N 21  
ARG CZ   C N N 22  
ARG NH1  N N N 23  
ARG NH2  N N N 24  
ARG OXT  O N N 25  
ARG H    H N N 26  
ARG H2   H N N 27  
ARG HA   H N N 28  
ARG HB2  H N N 29  
ARG HB3  H N N 30  
ARG HG2  H N N 31  
ARG HG3  H N N 32  
ARG HD2  H N N 33  
ARG HD3  H N N 34  
ARG HE   H N N 35  
ARG HH11 H N N 36  
ARG HH12 H N N 37  
ARG HH21 H N N 38  
ARG HH22 H N N 39  
ARG HXT  H N N 40  
ASN N    N N N 41  
ASN CA   C N S 42  
ASN C    C N N 43  
ASN O    O N N 44  
ASN CB   C N N 45  
ASN CG   C N N 46  
ASN OD1  O N N 47  
ASN ND2  N N N 48  
ASN OXT  O N N 49  
ASN H    H N N 50  
ASN H2   H N N 51  
ASN HA   H N N 52  
ASN HB2  H N N 53  
ASN HB3  H N N 54  
ASN HD21 H N N 55  
ASN HD22 H N N 56  
ASN HXT  H N N 57  
ASP N    N N N 58  
ASP CA   C N S 59  
ASP C    C N N 60  
ASP O    O N N 61  
ASP CB   C N N 62  
ASP CG   C N N 63  
ASP OD1  O N N 64  
ASP OD2  O N N 65  
ASP OXT  O N N 66  
ASP H    H N N 67  
ASP H2   H N N 68  
ASP HA   H N N 69  
ASP HB2  H N N 70  
ASP HB3  H N N 71  
ASP HD2  H N N 72  
ASP HXT  H N N 73  
CYS N    N N N 74  
CYS CA   C N R 75  
CYS C    C N N 76  
CYS O    O N N 77  
CYS CB   C N N 78  
CYS SG   S N N 79  
CYS OXT  O N N 80  
CYS H    H N N 81  
CYS H2   H N N 82  
CYS HA   H N N 83  
CYS HB2  H N N 84  
CYS HB3  H N N 85  
CYS HG   H N N 86  
CYS HXT  H N N 87  
GLN N    N N N 88  
GLN CA   C N S 89  
GLN C    C N N 90  
GLN O    O N N 91  
GLN CB   C N N 92  
GLN CG   C N N 93  
GLN CD   C N N 94  
GLN OE1  O N N 95  
GLN NE2  N N N 96  
GLN OXT  O N N 97  
GLN H    H N N 98  
GLN H2   H N N 99  
GLN HA   H N N 100 
GLN HB2  H N N 101 
GLN HB3  H N N 102 
GLN HG2  H N N 103 
GLN HG3  H N N 104 
GLN HE21 H N N 105 
GLN HE22 H N N 106 
GLN HXT  H N N 107 
GLU N    N N N 108 
GLU CA   C N S 109 
GLU C    C N N 110 
GLU O    O N N 111 
GLU CB   C N N 112 
GLU CG   C N N 113 
GLU CD   C N N 114 
GLU OE1  O N N 115 
GLU OE2  O N N 116 
GLU OXT  O N N 117 
GLU H    H N N 118 
GLU H2   H N N 119 
GLU HA   H N N 120 
GLU HB2  H N N 121 
GLU HB3  H N N 122 
GLU HG2  H N N 123 
GLU HG3  H N N 124 
GLU HE2  H N N 125 
GLU HXT  H N N 126 
GLY N    N N N 127 
GLY CA   C N N 128 
GLY C    C N N 129 
GLY O    O N N 130 
GLY OXT  O N N 131 
GLY H    H N N 132 
GLY H2   H N N 133 
GLY HA2  H N N 134 
GLY HA3  H N N 135 
GLY HXT  H N N 136 
HIS N    N N N 137 
HIS CA   C N S 138 
HIS C    C N N 139 
HIS O    O N N 140 
HIS CB   C N N 141 
HIS CG   C Y N 142 
HIS ND1  N Y N 143 
HIS CD2  C Y N 144 
HIS CE1  C Y N 145 
HIS NE2  N Y N 146 
HIS OXT  O N N 147 
HIS H    H N N 148 
HIS H2   H N N 149 
HIS HA   H N N 150 
HIS HB2  H N N 151 
HIS HB3  H N N 152 
HIS HD1  H N N 153 
HIS HD2  H N N 154 
HIS HE1  H N N 155 
HIS HE2  H N N 156 
HIS HXT  H N N 157 
HOH O    O N N 158 
HOH H1   H N N 159 
HOH H2   H N N 160 
ILE N    N N N 161 
ILE CA   C N S 162 
ILE C    C N N 163 
ILE O    O N N 164 
ILE CB   C N S 165 
ILE CG1  C N N 166 
ILE CG2  C N N 167 
ILE CD1  C N N 168 
ILE OXT  O N N 169 
ILE H    H N N 170 
ILE H2   H N N 171 
ILE HA   H N N 172 
ILE HB   H N N 173 
ILE HG12 H N N 174 
ILE HG13 H N N 175 
ILE HG21 H N N 176 
ILE HG22 H N N 177 
ILE HG23 H N N 178 
ILE HD11 H N N 179 
ILE HD12 H N N 180 
ILE HD13 H N N 181 
ILE HXT  H N N 182 
LEU N    N N N 183 
LEU CA   C N S 184 
LEU C    C N N 185 
LEU O    O N N 186 
LEU CB   C N N 187 
LEU CG   C N N 188 
LEU CD1  C N N 189 
LEU CD2  C N N 190 
LEU OXT  O N N 191 
LEU H    H N N 192 
LEU H2   H N N 193 
LEU HA   H N N 194 
LEU HB2  H N N 195 
LEU HB3  H N N 196 
LEU HG   H N N 197 
LEU HD11 H N N 198 
LEU HD12 H N N 199 
LEU HD13 H N N 200 
LEU HD21 H N N 201 
LEU HD22 H N N 202 
LEU HD23 H N N 203 
LEU HXT  H N N 204 
LYS N    N N N 205 
LYS CA   C N S 206 
LYS C    C N N 207 
LYS O    O N N 208 
LYS CB   C N N 209 
LYS CG   C N N 210 
LYS CD   C N N 211 
LYS CE   C N N 212 
LYS NZ   N N N 213 
LYS OXT  O N N 214 
LYS H    H N N 215 
LYS H2   H N N 216 
LYS HA   H N N 217 
LYS HB2  H N N 218 
LYS HB3  H N N 219 
LYS HG2  H N N 220 
LYS HG3  H N N 221 
LYS HD2  H N N 222 
LYS HD3  H N N 223 
LYS HE2  H N N 224 
LYS HE3  H N N 225 
LYS HZ1  H N N 226 
LYS HZ2  H N N 227 
LYS HZ3  H N N 228 
LYS HXT  H N N 229 
MET N    N N N 230 
MET CA   C N S 231 
MET C    C N N 232 
MET O    O N N 233 
MET CB   C N N 234 
MET CG   C N N 235 
MET SD   S N N 236 
MET CE   C N N 237 
MET OXT  O N N 238 
MET H    H N N 239 
MET H2   H N N 240 
MET HA   H N N 241 
MET HB2  H N N 242 
MET HB3  H N N 243 
MET HG2  H N N 244 
MET HG3  H N N 245 
MET HE1  H N N 246 
MET HE2  H N N 247 
MET HE3  H N N 248 
MET HXT  H N N 249 
PHE N    N N N 250 
PHE CA   C N S 251 
PHE C    C N N 252 
PHE O    O N N 253 
PHE CB   C N N 254 
PHE CG   C Y N 255 
PHE CD1  C Y N 256 
PHE CD2  C Y N 257 
PHE CE1  C Y N 258 
PHE CE2  C Y N 259 
PHE CZ   C Y N 260 
PHE OXT  O N N 261 
PHE H    H N N 262 
PHE H2   H N N 263 
PHE HA   H N N 264 
PHE HB2  H N N 265 
PHE HB3  H N N 266 
PHE HD1  H N N 267 
PHE HD2  H N N 268 
PHE HE1  H N N 269 
PHE HE2  H N N 270 
PHE HZ   H N N 271 
PHE HXT  H N N 272 
PRO N    N N N 273 
PRO CA   C N S 274 
PRO C    C N N 275 
PRO O    O N N 276 
PRO CB   C N N 277 
PRO CG   C N N 278 
PRO CD   C N N 279 
PRO OXT  O N N 280 
PRO H    H N N 281 
PRO HA   H N N 282 
PRO HB2  H N N 283 
PRO HB3  H N N 284 
PRO HG2  H N N 285 
PRO HG3  H N N 286 
PRO HD2  H N N 287 
PRO HD3  H N N 288 
PRO HXT  H N N 289 
SER N    N N N 290 
SER CA   C N S 291 
SER C    C N N 292 
SER O    O N N 293 
SER CB   C N N 294 
SER OG   O N N 295 
SER OXT  O N N 296 
SER H    H N N 297 
SER H2   H N N 298 
SER HA   H N N 299 
SER HB2  H N N 300 
SER HB3  H N N 301 
SER HG   H N N 302 
SER HXT  H N N 303 
THR N    N N N 304 
THR CA   C N S 305 
THR C    C N N 306 
THR O    O N N 307 
THR CB   C N R 308 
THR OG1  O N N 309 
THR CG2  C N N 310 
THR OXT  O N N 311 
THR H    H N N 312 
THR H2   H N N 313 
THR HA   H N N 314 
THR HB   H N N 315 
THR HG1  H N N 316 
THR HG21 H N N 317 
THR HG22 H N N 318 
THR HG23 H N N 319 
THR HXT  H N N 320 
TYR N    N N N 321 
TYR CA   C N S 322 
TYR C    C N N 323 
TYR O    O N N 324 
TYR CB   C N N 325 
TYR CG   C Y N 326 
TYR CD1  C Y N 327 
TYR CD2  C Y N 328 
TYR CE1  C Y N 329 
TYR CE2  C Y N 330 
TYR CZ   C Y N 331 
TYR OH   O N N 332 
TYR OXT  O N N 333 
TYR H    H N N 334 
TYR H2   H N N 335 
TYR HA   H N N 336 
TYR HB2  H N N 337 
TYR HB3  H N N 338 
TYR HD1  H N N 339 
TYR HD2  H N N 340 
TYR HE1  H N N 341 
TYR HE2  H N N 342 
TYR HH   H N N 343 
TYR HXT  H N N 344 
VAL N    N N N 345 
VAL CA   C N S 346 
VAL C    C N N 347 
VAL O    O N N 348 
VAL CB   C N N 349 
VAL CG1  C N N 350 
VAL CG2  C N N 351 
VAL OXT  O N N 352 
VAL H    H N N 353 
VAL H2   H N N 354 
VAL HA   H N N 355 
VAL HB   H N N 356 
VAL HG11 H N N 357 
VAL HG12 H N N 358 
VAL HG13 H N N 359 
VAL HG21 H N N 360 
VAL HG22 H N N 361 
VAL HG23 H N N 362 
VAL HXT  H N N 363 
# 
loop_
_chem_comp_bond.comp_id 
_chem_comp_bond.atom_id_1 
_chem_comp_bond.atom_id_2 
_chem_comp_bond.value_order 
_chem_comp_bond.pdbx_aromatic_flag 
_chem_comp_bond.pdbx_stereo_config 
_chem_comp_bond.pdbx_ordinal 
ALA N   CA   sing N N 1   
ALA N   H    sing N N 2   
ALA N   H2   sing N N 3   
ALA CA  C    sing N N 4   
ALA CA  CB   sing N N 5   
ALA CA  HA   sing N N 6   
ALA C   O    doub N N 7   
ALA C   OXT  sing N N 8   
ALA CB  HB1  sing N N 9   
ALA CB  HB2  sing N N 10  
ALA CB  HB3  sing N N 11  
ALA OXT HXT  sing N N 12  
ARG N   CA   sing N N 13  
ARG N   H    sing N N 14  
ARG N   H2   sing N N 15  
ARG CA  C    sing N N 16  
ARG CA  CB   sing N N 17  
ARG CA  HA   sing N N 18  
ARG C   O    doub N N 19  
ARG C   OXT  sing N N 20  
ARG CB  CG   sing N N 21  
ARG CB  HB2  sing N N 22  
ARG CB  HB3  sing N N 23  
ARG CG  CD   sing N N 24  
ARG CG  HG2  sing N N 25  
ARG CG  HG3  sing N N 26  
ARG CD  NE   sing N N 27  
ARG CD  HD2  sing N N 28  
ARG CD  HD3  sing N N 29  
ARG NE  CZ   sing N N 30  
ARG NE  HE   sing N N 31  
ARG CZ  NH1  sing N N 32  
ARG CZ  NH2  doub N N 33  
ARG NH1 HH11 sing N N 34  
ARG NH1 HH12 sing N N 35  
ARG NH2 HH21 sing N N 36  
ARG NH2 HH22 sing N N 37  
ARG OXT HXT  sing N N 38  
ASN N   CA   sing N N 39  
ASN N   H    sing N N 40  
ASN N   H2   sing N N 41  
ASN CA  C    sing N N 42  
ASN CA  CB   sing N N 43  
ASN CA  HA   sing N N 44  
ASN C   O    doub N N 45  
ASN C   OXT  sing N N 46  
ASN CB  CG   sing N N 47  
ASN CB  HB2  sing N N 48  
ASN CB  HB3  sing N N 49  
ASN CG  OD1  doub N N 50  
ASN CG  ND2  sing N N 51  
ASN ND2 HD21 sing N N 52  
ASN ND2 HD22 sing N N 53  
ASN OXT HXT  sing N N 54  
ASP N   CA   sing N N 55  
ASP N   H    sing N N 56  
ASP N   H2   sing N N 57  
ASP CA  C    sing N N 58  
ASP CA  CB   sing N N 59  
ASP CA  HA   sing N N 60  
ASP C   O    doub N N 61  
ASP C   OXT  sing N N 62  
ASP CB  CG   sing N N 63  
ASP CB  HB2  sing N N 64  
ASP CB  HB3  sing N N 65  
ASP CG  OD1  doub N N 66  
ASP CG  OD2  sing N N 67  
ASP OD2 HD2  sing N N 68  
ASP OXT HXT  sing N N 69  
CYS N   CA   sing N N 70  
CYS N   H    sing N N 71  
CYS N   H2   sing N N 72  
CYS CA  C    sing N N 73  
CYS CA  CB   sing N N 74  
CYS CA  HA   sing N N 75  
CYS C   O    doub N N 76  
CYS C   OXT  sing N N 77  
CYS CB  SG   sing N N 78  
CYS CB  HB2  sing N N 79  
CYS CB  HB3  sing N N 80  
CYS SG  HG   sing N N 81  
CYS OXT HXT  sing N N 82  
GLN N   CA   sing N N 83  
GLN N   H    sing N N 84  
GLN N   H2   sing N N 85  
GLN CA  C    sing N N 86  
GLN CA  CB   sing N N 87  
GLN CA  HA   sing N N 88  
GLN C   O    doub N N 89  
GLN C   OXT  sing N N 90  
GLN CB  CG   sing N N 91  
GLN CB  HB2  sing N N 92  
GLN CB  HB3  sing N N 93  
GLN CG  CD   sing N N 94  
GLN CG  HG2  sing N N 95  
GLN CG  HG3  sing N N 96  
GLN CD  OE1  doub N N 97  
GLN CD  NE2  sing N N 98  
GLN NE2 HE21 sing N N 99  
GLN NE2 HE22 sing N N 100 
GLN OXT HXT  sing N N 101 
GLU N   CA   sing N N 102 
GLU N   H    sing N N 103 
GLU N   H2   sing N N 104 
GLU CA  C    sing N N 105 
GLU CA  CB   sing N N 106 
GLU CA  HA   sing N N 107 
GLU C   O    doub N N 108 
GLU C   OXT  sing N N 109 
GLU CB  CG   sing N N 110 
GLU CB  HB2  sing N N 111 
GLU CB  HB3  sing N N 112 
GLU CG  CD   sing N N 113 
GLU CG  HG2  sing N N 114 
GLU CG  HG3  sing N N 115 
GLU CD  OE1  doub N N 116 
GLU CD  OE2  sing N N 117 
GLU OE2 HE2  sing N N 118 
GLU OXT HXT  sing N N 119 
GLY N   CA   sing N N 120 
GLY N   H    sing N N 121 
GLY N   H2   sing N N 122 
GLY CA  C    sing N N 123 
GLY CA  HA2  sing N N 124 
GLY CA  HA3  sing N N 125 
GLY C   O    doub N N 126 
GLY C   OXT  sing N N 127 
GLY OXT HXT  sing N N 128 
HIS N   CA   sing N N 129 
HIS N   H    sing N N 130 
HIS N   H2   sing N N 131 
HIS CA  C    sing N N 132 
HIS CA  CB   sing N N 133 
HIS CA  HA   sing N N 134 
HIS C   O    doub N N 135 
HIS C   OXT  sing N N 136 
HIS CB  CG   sing N N 137 
HIS CB  HB2  sing N N 138 
HIS CB  HB3  sing N N 139 
HIS CG  ND1  sing Y N 140 
HIS CG  CD2  doub Y N 141 
HIS ND1 CE1  doub Y N 142 
HIS ND1 HD1  sing N N 143 
HIS CD2 NE2  sing Y N 144 
HIS CD2 HD2  sing N N 145 
HIS CE1 NE2  sing Y N 146 
HIS CE1 HE1  sing N N 147 
HIS NE2 HE2  sing N N 148 
HIS OXT HXT  sing N N 149 
HOH O   H1   sing N N 150 
HOH O   H2   sing N N 151 
ILE N   CA   sing N N 152 
ILE N   H    sing N N 153 
ILE N   H2   sing N N 154 
ILE CA  C    sing N N 155 
ILE CA  CB   sing N N 156 
ILE CA  HA   sing N N 157 
ILE C   O    doub N N 158 
ILE C   OXT  sing N N 159 
ILE CB  CG1  sing N N 160 
ILE CB  CG2  sing N N 161 
ILE CB  HB   sing N N 162 
ILE CG1 CD1  sing N N 163 
ILE CG1 HG12 sing N N 164 
ILE CG1 HG13 sing N N 165 
ILE CG2 HG21 sing N N 166 
ILE CG2 HG22 sing N N 167 
ILE CG2 HG23 sing N N 168 
ILE CD1 HD11 sing N N 169 
ILE CD1 HD12 sing N N 170 
ILE CD1 HD13 sing N N 171 
ILE OXT HXT  sing N N 172 
LEU N   CA   sing N N 173 
LEU N   H    sing N N 174 
LEU N   H2   sing N N 175 
LEU CA  C    sing N N 176 
LEU CA  CB   sing N N 177 
LEU CA  HA   sing N N 178 
LEU C   O    doub N N 179 
LEU C   OXT  sing N N 180 
LEU CB  CG   sing N N 181 
LEU CB  HB2  sing N N 182 
LEU CB  HB3  sing N N 183 
LEU CG  CD1  sing N N 184 
LEU CG  CD2  sing N N 185 
LEU CG  HG   sing N N 186 
LEU CD1 HD11 sing N N 187 
LEU CD1 HD12 sing N N 188 
LEU CD1 HD13 sing N N 189 
LEU CD2 HD21 sing N N 190 
LEU CD2 HD22 sing N N 191 
LEU CD2 HD23 sing N N 192 
LEU OXT HXT  sing N N 193 
LYS N   CA   sing N N 194 
LYS N   H    sing N N 195 
LYS N   H2   sing N N 196 
LYS CA  C    sing N N 197 
LYS CA  CB   sing N N 198 
LYS CA  HA   sing N N 199 
LYS C   O    doub N N 200 
LYS C   OXT  sing N N 201 
LYS CB  CG   sing N N 202 
LYS CB  HB2  sing N N 203 
LYS CB  HB3  sing N N 204 
LYS CG  CD   sing N N 205 
LYS CG  HG2  sing N N 206 
LYS CG  HG3  sing N N 207 
LYS CD  CE   sing N N 208 
LYS CD  HD2  sing N N 209 
LYS CD  HD3  sing N N 210 
LYS CE  NZ   sing N N 211 
LYS CE  HE2  sing N N 212 
LYS CE  HE3  sing N N 213 
LYS NZ  HZ1  sing N N 214 
LYS NZ  HZ2  sing N N 215 
LYS NZ  HZ3  sing N N 216 
LYS OXT HXT  sing N N 217 
MET N   CA   sing N N 218 
MET N   H    sing N N 219 
MET N   H2   sing N N 220 
MET CA  C    sing N N 221 
MET CA  CB   sing N N 222 
MET CA  HA   sing N N 223 
MET C   O    doub N N 224 
MET C   OXT  sing N N 225 
MET CB  CG   sing N N 226 
MET CB  HB2  sing N N 227 
MET CB  HB3  sing N N 228 
MET CG  SD   sing N N 229 
MET CG  HG2  sing N N 230 
MET CG  HG3  sing N N 231 
MET SD  CE   sing N N 232 
MET CE  HE1  sing N N 233 
MET CE  HE2  sing N N 234 
MET CE  HE3  sing N N 235 
MET OXT HXT  sing N N 236 
PHE N   CA   sing N N 237 
PHE N   H    sing N N 238 
PHE N   H2   sing N N 239 
PHE CA  C    sing N N 240 
PHE CA  CB   sing N N 241 
PHE CA  HA   sing N N 242 
PHE C   O    doub N N 243 
PHE C   OXT  sing N N 244 
PHE CB  CG   sing N N 245 
PHE CB  HB2  sing N N 246 
PHE CB  HB3  sing N N 247 
PHE CG  CD1  doub Y N 248 
PHE CG  CD2  sing Y N 249 
PHE CD1 CE1  sing Y N 250 
PHE CD1 HD1  sing N N 251 
PHE CD2 CE2  doub Y N 252 
PHE CD2 HD2  sing N N 253 
PHE CE1 CZ   doub Y N 254 
PHE CE1 HE1  sing N N 255 
PHE CE2 CZ   sing Y N 256 
PHE CE2 HE2  sing N N 257 
PHE CZ  HZ   sing N N 258 
PHE OXT HXT  sing N N 259 
PRO N   CA   sing N N 260 
PRO N   CD   sing N N 261 
PRO N   H    sing N N 262 
PRO CA  C    sing N N 263 
PRO CA  CB   sing N N 264 
PRO CA  HA   sing N N 265 
PRO C   O    doub N N 266 
PRO C   OXT  sing N N 267 
PRO CB  CG   sing N N 268 
PRO CB  HB2  sing N N 269 
PRO CB  HB3  sing N N 270 
PRO CG  CD   sing N N 271 
PRO CG  HG2  sing N N 272 
PRO CG  HG3  sing N N 273 
PRO CD  HD2  sing N N 274 
PRO CD  HD3  sing N N 275 
PRO OXT HXT  sing N N 276 
SER N   CA   sing N N 277 
SER N   H    sing N N 278 
SER N   H2   sing N N 279 
SER CA  C    sing N N 280 
SER CA  CB   sing N N 281 
SER CA  HA   sing N N 282 
SER C   O    doub N N 283 
SER C   OXT  sing N N 284 
SER CB  OG   sing N N 285 
SER CB  HB2  sing N N 286 
SER CB  HB3  sing N N 287 
SER OG  HG   sing N N 288 
SER OXT HXT  sing N N 289 
THR N   CA   sing N N 290 
THR N   H    sing N N 291 
THR N   H2   sing N N 292 
THR CA  C    sing N N 293 
THR CA  CB   sing N N 294 
THR CA  HA   sing N N 295 
THR C   O    doub N N 296 
THR C   OXT  sing N N 297 
THR CB  OG1  sing N N 298 
THR CB  CG2  sing N N 299 
THR CB  HB   sing N N 300 
THR OG1 HG1  sing N N 301 
THR CG2 HG21 sing N N 302 
THR CG2 HG22 sing N N 303 
THR CG2 HG23 sing N N 304 
THR OXT HXT  sing N N 305 
TYR N   CA   sing N N 306 
TYR N   H    sing N N 307 
TYR N   H2   sing N N 308 
TYR CA  C    sing N N 309 
TYR CA  CB   sing N N 310 
TYR CA  HA   sing N N 311 
TYR C   O    doub N N 312 
TYR C   OXT  sing N N 313 
TYR CB  CG   sing N N 314 
TYR CB  HB2  sing N N 315 
TYR CB  HB3  sing N N 316 
TYR CG  CD1  doub Y N 317 
TYR CG  CD2  sing Y N 318 
TYR CD1 CE1  sing Y N 319 
TYR CD1 HD1  sing N N 320 
TYR CD2 CE2  doub Y N 321 
TYR CD2 HD2  sing N N 322 
TYR CE1 CZ   doub Y N 323 
TYR CE1 HE1  sing N N 324 
TYR CE2 CZ   sing Y N 325 
TYR CE2 HE2  sing N N 326 
TYR CZ  OH   sing N N 327 
TYR OH  HH   sing N N 328 
TYR OXT HXT  sing N N 329 
VAL N   CA   sing N N 330 
VAL N   H    sing N N 331 
VAL N   H2   sing N N 332 
VAL CA  C    sing N N 333 
VAL CA  CB   sing N N 334 
VAL CA  HA   sing N N 335 
VAL C   O    doub N N 336 
VAL C   OXT  sing N N 337 
VAL CB  CG1  sing N N 338 
VAL CB  CG2  sing N N 339 
VAL CB  HB   sing N N 340 
VAL CG1 HG11 sing N N 341 
VAL CG1 HG12 sing N N 342 
VAL CG1 HG13 sing N N 343 
VAL CG2 HG21 sing N N 344 
VAL CG2 HG22 sing N N 345 
VAL CG2 HG23 sing N N 346 
VAL OXT HXT  sing N N 347 
# 
_atom_sites.entry_id                    4NPN 
_atom_sites.fract_transf_matrix[1][1]   -0.01023743 
_atom_sites.fract_transf_matrix[1][2]   -0.00319327 
_atom_sites.fract_transf_matrix[1][3]   -0.01101211 
_atom_sites.fract_transf_matrix[2][1]   0.00185229 
_atom_sites.fract_transf_matrix[2][2]   -0.01243541 
_atom_sites.fract_transf_matrix[2][3]   -0.00884292 
_atom_sites.fract_transf_matrix[3][1]   -0.01604195 
_atom_sites.fract_transf_matrix[3][2]   -0.01637017 
_atom_sites.fract_transf_matrix[3][3]   0.01966042 
_atom_sites.fract_transf_vector[1]      0.125866 
_atom_sites.fract_transf_vector[2]      -0.083194 
_atom_sites.fract_transf_vector[3]      -0.159122 
# 
loop_
_atom_type.symbol 
C 
N 
O 
S 
# 
loop_
_atom_site.group_PDB 
_atom_site.id 
_atom_site.type_symbol 
_atom_site.label_atom_id 
_atom_site.label_alt_id 
_atom_site.label_comp_id 
_atom_site.label_asym_id 
_atom_site.label_entity_id 
_atom_site.label_seq_id 
_atom_site.pdbx_PDB_ins_code 
_atom_site.Cartn_x 
_atom_site.Cartn_y 
_atom_site.Cartn_z 
_atom_site.occupancy 
_atom_site.B_iso_or_equiv 
_atom_site.pdbx_formal_charge 
_atom_site.auth_seq_id 
_atom_site.auth_comp_id 
_atom_site.auth_asym_id 
_atom_site.auth_atom_id 
_atom_site.pdbx_PDB_model_num 
ATOM   1   N N   . HIS A 1 25 ? 5.196   -4.537  -13.567 1.00 29.16 ? 17  HIS A N   1 
ATOM   2   C CA  . HIS A 1 25 ? 4.871   -4.136  -12.201 1.00 20.49 ? 17  HIS A CA  1 
ATOM   3   C C   . HIS A 1 25 ? 5.663   -2.920  -11.766 1.00 26.93 ? 17  HIS A C   1 
ATOM   4   O O   . HIS A 1 25 ? 6.740   -2.645  -12.297 1.00 36.06 ? 17  HIS A O   1 
ATOM   5   C CB  . HIS A 1 25 ? 5.201   -5.264  -11.219 1.00 21.96 ? 17  HIS A CB  1 
ATOM   6   C CG  . HIS A 1 25 ? 4.359   -6.486  -11.392 1.00 25.64 ? 17  HIS A CG  1 
ATOM   7   N ND1 . HIS A 1 25 ? 4.648   -7.465  -12.317 1.00 28.57 ? 17  HIS A ND1 1 
ATOM   8   C CD2 . HIS A 1 25 ? 3.246   -6.897  -10.741 1.00 22.90 ? 17  HIS A CD2 1 
ATOM   9   C CE1 . HIS A 1 25 ? 3.741   -8.424  -12.235 1.00 29.88 ? 17  HIS A CE1 1 
ATOM   10  N NE2 . HIS A 1 25 ? 2.881   -8.104  -11.287 1.00 27.37 ? 17  HIS A NE2 1 
ATOM   11  N N   . ILE A 1 26 ? 5.143   -2.200  -10.780 1.00 16.71 ? 18  ILE A N   1 
ATOM   12  C CA  . ILE A 1 26 ? 5.997   -1.267  -10.063 1.00 18.69 ? 18  ILE A CA  1 
ATOM   13  C C   . ILE A 1 26 ? 6.209   -1.769  -8.647  1.00 18.82 ? 18  ILE A C   1 
ATOM   14  O O   . ILE A 1 26 ? 5.361   -2.476  -8.085  1.00 22.81 ? 18  ILE A O   1 
ATOM   15  C CB  . ILE A 1 26 ? 5.491   0.185   -10.068 1.00 25.85 ? 18  ILE A CB  1 
ATOM   16  C CG1 . ILE A 1 26 ? 4.131   0.296   -9.387  1.00 22.56 ? 18  ILE A CG1 1 
ATOM   17  C CG2 . ILE A 1 26 ? 5.457   0.729   -11.483 1.00 26.77 ? 18  ILE A CG2 1 
ATOM   18  C CD1 . ILE A 1 26 ? 3.835   1.699   -8.882  1.00 23.89 ? 18  ILE A CD1 1 
ATOM   19  N N   . ASN A 1 27 ? 7.358   -1.430  -8.088  1.00 15.79 ? 19  ASN A N   1 
ATOM   20  C CA  . ASN A 1 27 ? 7.693   -1.844  -6.733  1.00 23.19 ? 19  ASN A CA  1 
ATOM   21  C C   . ASN A 1 27 ? 7.278   -0.774  -5.742  1.00 17.29 ? 19  ASN A C   1 
ATOM   22  O O   . ASN A 1 27 ? 7.595   0.400   -5.932  1.00 21.00 ? 19  ASN A O   1 
ATOM   23  C CB  . ASN A 1 27 ? 9.200   -2.073  -6.623  1.00 22.13 ? 19  ASN A CB  1 
ATOM   24  C CG  . ASN A 1 27 ? 9.668   -3.246  -7.440  1.00 30.38 ? 19  ASN A CG  1 
ATOM   25  O OD1 . ASN A 1 27 ? 9.301   -4.388  -7.168  1.00 28.06 ? 19  ASN A OD1 1 
ATOM   26  N ND2 . ASN A 1 27 ? 10.510  -2.978  -8.432  1.00 35.96 ? 19  ASN A ND2 1 
ATOM   27  N N   . LEU A 1 28 ? 6.543   -1.160  -4.702  1.00 14.41 ? 20  LEU A N   1 
ATOM   28  C CA  . LEU A 1 28 ? 6.150   -0.189  -3.674  1.00 12.24 ? 20  LEU A CA  1 
ATOM   29  C C   . LEU A 1 28 ? 6.608   -0.643  -2.311  1.00 17.06 ? 20  LEU A C   1 
ATOM   30  O O   . LEU A 1 28 ? 6.662   -1.843  -2.030  1.00 24.52 ? 20  LEU A O   1 
ATOM   31  C CB  . LEU A 1 28 ? 4.629   0.011   -3.667  1.00 12.36 ? 20  LEU A CB  1 
ATOM   32  C CG  . LEU A 1 28 ? 3.988   0.550   -4.954  1.00 13.88 ? 20  LEU A CG  1 
ATOM   33  C CD1 . LEU A 1 28 ? 2.489   0.501   -4.836  1.00 16.48 ? 20  LEU A CD1 1 
ATOM   34  C CD2 . LEU A 1 28 ? 4.436   1.980   -5.244  1.00 17.04 ? 20  LEU A CD2 1 
ATOM   35  N N   . LYS A 1 29 ? 6.935   0.321   -1.461  1.00 14.34 ? 21  LYS A N   1 
ATOM   36  C CA  . LYS A 1 29 ? 7.315   0.036   -0.088  1.00 16.29 ? 21  LYS A CA  1 
ATOM   37  C C   . LYS A 1 29 ? 6.114   0.324   0.781   1.00 16.74 ? 21  LYS A C   1 
ATOM   38  O O   . LYS A 1 29 ? 5.369   1.254   0.508   1.00 19.17 ? 21  LYS A O   1 
ATOM   39  C CB  . LYS A 1 29 ? 8.463   0.959   0.317   1.00 16.03 ? 21  LYS A CB  1 
ATOM   40  C CG  . LYS A 1 29 ? 9.732   0.721   -0.489  1.00 26.15 ? 21  LYS A CG  1 
ATOM   41  C CD  . LYS A 1 29 ? 10.848  1.656   -0.049  1.00 32.33 ? 21  LYS A CD  1 
ATOM   42  C CE  . LYS A 1 29 ? 11.891  1.809   -1.138  1.00 44.70 ? 21  LYS A CE  1 
ATOM   43  N NZ  . LYS A 1 29 ? 12.226  0.489   -1.735  1.00 53.12 ? 21  LYS A NZ  1 
ATOM   44  N N   . VAL A 1 30 ? 5.913   -0.487  1.814   1.00 12.52 ? 22  VAL A N   1 
ATOM   45  C CA  . VAL A 1 30 ? 4.869   -0.199  2.792   1.00 10.96 ? 22  VAL A CA  1 
ATOM   46  C C   . VAL A 1 30 ? 5.581   0.011   4.124   1.00 11.49 ? 22  VAL A C   1 
ATOM   47  O O   . VAL A 1 30 ? 6.159   -0.909  4.681   1.00 14.27 ? 22  VAL A O   1 
ATOM   48  C CB  . VAL A 1 30 ? 3.806   -1.316  2.854   1.00 14.83 ? 22  VAL A CB  1 
ATOM   49  C CG1 . VAL A 1 30 ? 2.743   -0.956  3.862   1.00 18.19 ? 22  VAL A CG1 1 
ATOM   50  C CG2 . VAL A 1 30 ? 3.156   -1.501  1.492   1.00 18.50 ? 22  VAL A CG2 1 
ATOM   51  N N   . ALA A 1 31 ? 5.537   1.245   4.618   1.00 13.07 ? 23  ALA A N   1 
ATOM   52  C CA  . ALA A 1 31 ? 6.305   1.622   5.801   1.00 15.75 ? 23  ALA A CA  1 
ATOM   53  C C   . ALA A 1 31 ? 5.417   1.776   7.019   1.00 16.53 ? 23  ALA A C   1 
ATOM   54  O O   . ALA A 1 31 ? 4.457   2.558   7.009   1.00 17.00 ? 23  ALA A O   1 
ATOM   55  C CB  . ALA A 1 31 ? 7.070   2.915   5.555   1.00 15.38 ? 23  ALA A CB  1 
ATOM   56  N N   . GLY A 1 32 ? 5.749   1.050   8.081   1.00 16.94 ? 24  GLY A N   1 
ATOM   57  C CA  . GLY A 1 32 ? 5.037   1.208   9.339   1.00 15.70 ? 24  GLY A CA  1 
ATOM   58  C C   . GLY A 1 32 ? 5.659   2.301   10.189  1.00 15.83 ? 24  GLY A C   1 
ATOM   59  O O   . GLY A 1 32 ? 6.787   2.730   9.936   1.00 18.29 ? 24  GLY A O   1 
ATOM   60  N N   . GLN A 1 33 ? 4.925   2.785   11.192  1.00 18.41 ? 25  GLN A N   1 
ATOM   61  C CA  . GLN A 1 33 ? 5.467   3.818   12.076  1.00 19.99 ? 25  GLN A CA  1 
ATOM   62  C C   . GLN A 1 33 ? 6.635   3.311   12.925  1.00 19.62 ? 25  GLN A C   1 
ATOM   63  O O   . GLN A 1 33 ? 7.386   4.103   13.496  1.00 25.41 ? 25  GLN A O   1 
ATOM   64  C CB  . GLN A 1 33 ? 4.368   4.422   12.968  1.00 23.88 ? 25  GLN A CB  1 
ATOM   65  C CG  . GLN A 1 33 ? 3.414   5.382   12.240  1.00 30.20 ? 25  GLN A CG  1 
ATOM   66  C CD  . GLN A 1 33 ? 2.291   5.890   13.131  1.00 37.28 ? 25  GLN A CD  1 
ATOM   67  O OE1 . GLN A 1 33 ? 2.236   7.072   13.474  1.00 41.98 ? 25  GLN A OE1 1 
ATOM   68  N NE2 . GLN A 1 33 ? 1.382   4.996   13.505  1.00 39.99 ? 25  GLN A NE2 1 
ATOM   69  N N   . ASP A 1 34 ? 6.801   1.995   12.994  1.00 21.00 ? 26  ASP A N   1 
ATOM   70  C CA  . ASP A 1 34 ? 7.920   1.427   13.732  1.00 20.38 ? 26  ASP A CA  1 
ATOM   71  C C   . ASP A 1 34 ? 9.198   1.419   12.899  1.00 20.75 ? 26  ASP A C   1 
ATOM   72  O O   . ASP A 1 34 ? 10.265  1.054   13.388  1.00 23.05 ? 26  ASP A O   1 
ATOM   73  C CB  . ASP A 1 34 ? 7.580   0.013   14.209  1.00 22.22 ? 26  ASP A CB  1 
ATOM   74  C CG  . ASP A 1 34 ? 7.287   -0.946  13.069  1.00 21.34 ? 26  ASP A CG  1 
ATOM   75  O OD1 . ASP A 1 34 ? 7.210   -2.164  13.329  1.00 26.23 ? 26  ASP A OD1 1 
ATOM   76  O OD2 . ASP A 1 34 ? 7.139   -0.512  11.914  1.00 22.33 ? 26  ASP A OD2 1 
ATOM   77  N N   . GLY A 1 35 ? 9.076   1.835   11.644  1.00 20.20 ? 27  GLY A N   1 
ATOM   78  C CA  . GLY A 1 35 ? 10.218  1.912   10.757  1.00 21.93 ? 27  GLY A CA  1 
ATOM   79  C C   . GLY A 1 35 ? 10.306  0.701   9.860   1.00 19.52 ? 27  GLY A C   1 
ATOM   80  O O   . GLY A 1 35 ? 11.157  0.652   8.991   1.00 16.37 ? 27  GLY A O   1 
ATOM   81  N N   . SER A 1 36 ? 9.425   -0.277  10.046  1.00 15.24 ? 28  SER A N   1 
ATOM   82  C CA  . SER A 1 36 ? 9.456   -1.442  9.153   1.00 15.44 ? 28  SER A CA  1 
ATOM   83  C C   . SER A 1 36 ? 9.101   -1.064  7.715   1.00 19.21 ? 28  SER A C   1 
ATOM   84  O O   . SER A 1 36 ? 8.204   -0.257  7.467   1.00 22.94 ? 28  SER A O   1 
ATOM   85  C CB  . SER A 1 36 ? 8.524   -2.537  9.665   1.00 25.10 ? 28  SER A CB  1 
ATOM   86  O OG  . SER A 1 36 ? 7.185   -2.081  9.682   1.00 30.35 ? 28  SER A OG  1 
ATOM   87  N N   . VAL A 1 37 ? 9.841   -1.620  6.760   1.00 16.25 ? 29  VAL A N   1 
ATOM   88  C CA  . VAL A 1 37 ? 9.554   -1.383  5.356   1.00 13.06 ? 29  VAL A CA  1 
ATOM   89  C C   . VAL A 1 37 ? 9.365   -2.728  4.672   1.00 16.82 ? 29  VAL A C   1 
ATOM   90  O O   . VAL A 1 37 ? 10.290  -3.543  4.603   1.00 23.79 ? 29  VAL A O   1 
ATOM   91  C CB  . VAL A 1 37 ? 10.669  -0.596  4.660   1.00 16.32 ? 29  VAL A CB  1 
ATOM   92  C CG1 . VAL A 1 37 ? 10.333  -0.417  3.178   1.00 25.92 ? 29  VAL A CG1 1 
ATOM   93  C CG2 . VAL A 1 37 ? 10.831  0.753   5.303   1.00 19.28 ? 29  VAL A CG2 1 
ATOM   94  N N   . VAL A 1 38 ? 8.164   -2.962  4.166   1.00 15.90 ? 30  VAL A N   1 
ATOM   95  C CA  . VAL A 1 38 ? 7.873   -4.213  3.497   1.00 18.40 ? 30  VAL A CA  1 
ATOM   96  C C   . VAL A 1 38 ? 7.619   -3.915  2.021   1.00 17.37 ? 30  VAL A C   1 
ATOM   97  O O   . VAL A 1 38 ? 7.056   -2.874  1.684   1.00 20.36 ? 30  VAL A O   1 
ATOM   98  C CB  . VAL A 1 38 ? 6.666   -4.900  4.157   1.00 25.65 ? 30  VAL A CB  1 
ATOM   99  C CG1 . VAL A 1 38 ? 6.244   -6.130  3.386   1.00 30.96 ? 30  VAL A CG1 1 
ATOM   100 C CG2 . VAL A 1 38 ? 7.032   -5.280  5.593   1.00 24.94 ? 30  VAL A CG2 1 
ATOM   101 N N   . GLN A 1 39 ? 8.042   -4.828  1.150   1.00 15.75 ? 31  GLN A N   1 
ATOM   102 C CA  . GLN A 1 39 ? 7.994   -4.593  -0.290  1.00 16.81 ? 31  GLN A CA  1 
ATOM   103 C C   . GLN A 1 39 ? 6.871   -5.365  -0.979  1.00 12.73 ? 31  GLN A C   1 
ATOM   104 O O   . GLN A 1 39 ? 6.580   -6.527  -0.638  1.00 15.79 ? 31  GLN A O   1 
ATOM   105 C CB  . GLN A 1 39 ? 9.339   -4.974  -0.918  1.00 25.48 ? 31  GLN A CB  1 
ATOM   106 C CG  . GLN A 1 39 ? 9.491   -4.612  -2.391  1.00 49.39 ? 31  GLN A CG  1 
ATOM   107 C CD  . GLN A 1 39 ? 10.075  -3.222  -2.594  1.00 58.82 ? 31  GLN A CD  1 
ATOM   108 O OE1 . GLN A 1 39 ? 10.925  -2.770  -1.825  1.00 61.10 ? 31  GLN A OE1 1 
ATOM   109 N NE2 . GLN A 1 39 ? 9.609   -2.535  -3.622  1.00 56.81 ? 31  GLN A NE2 1 
ATOM   110 N N   . PHE A 1 40 ? 6.220   -4.681  -1.921  1.00 13.58 ? 32  PHE A N   1 
ATOM   111 C CA  . PHE A 1 40 ? 5.241   -5.302  -2.803  1.00 15.57 ? 32  PHE A CA  1 
ATOM   112 C C   . PHE A 1 40 ? 5.526   -4.967  -4.265  1.00 18.75 ? 32  PHE A C   1 
ATOM   113 O O   . PHE A 1 40 ? 6.259   -4.027  -4.570  1.00 26.09 ? 32  PHE A O   1 
ATOM   114 C CB  . PHE A 1 40 ? 3.821   -4.893  -2.387  1.00 15.70 ? 32  PHE A CB  1 
ATOM   115 C CG  . PHE A 1 40 ? 3.399   -5.510  -1.084  1.00 17.49 ? 32  PHE A CG  1 
ATOM   116 C CD1 . PHE A 1 40 ? 3.735   -4.909  0.122   1.00 26.33 ? 32  PHE A CD1 1 
ATOM   117 C CD2 . PHE A 1 40 ? 2.725   -6.719  -1.066  1.00 22.45 ? 32  PHE A CD2 1 
ATOM   118 C CE1 . PHE A 1 40 ? 3.372   -5.496  1.322   1.00 31.82 ? 32  PHE A CE1 1 
ATOM   119 C CE2 . PHE A 1 40 ? 2.361   -7.314  0.133   1.00 29.52 ? 32  PHE A CE2 1 
ATOM   120 C CZ  . PHE A 1 40 ? 2.691   -6.702  1.325   1.00 31.41 ? 32  PHE A CZ  1 
ATOM   121 N N   . LYS A 1 41 ? 5.003   -5.803  -5.153  1.00 15.95 ? 33  LYS A N   1 
ATOM   122 C CA  . LYS A 1 41 ? 5.017   -5.578  -6.596  1.00 19.01 ? 33  LYS A CA  1 
ATOM   123 C C   . LYS A 1 41 ? 3.563   -5.475  -7.022  1.00 17.64 ? 33  LYS A C   1 
ATOM   124 O O   . LYS A 1 41 ? 2.759   -6.337  -6.672  1.00 18.39 ? 33  LYS A O   1 
ATOM   125 C CB  . LYS A 1 41 ? 5.621   -6.799  -7.308  1.00 20.87 ? 33  LYS A CB  1 
ATOM   126 C CG  . LYS A 1 41 ? 7.085   -6.713  -7.634  1.00 42.27 ? 33  LYS A CG  1 
ATOM   127 C CD  . LYS A 1 41 ? 7.384   -7.393  -8.972  1.00 37.07 ? 33  LYS A CD  1 
ATOM   128 C CE  . LYS A 1 41 ? 6.950   -8.851  -8.998  1.00 38.07 ? 33  LYS A CE  1 
ATOM   129 N NZ  . LYS A 1 41 ? 7.960   -9.661  -9.760  1.00 28.20 ? 33  LYS A NZ  1 
ATOM   130 N N   . ILE A 1 42 ? 3.205   -4.432  -7.769  1.00 16.74 ? 34  ILE A N   1 
ATOM   131 C CA  . ILE A 1 42 ? 1.833   -4.316  -8.270  1.00 14.04 ? 34  ILE A CA  1 
ATOM   132 C C   . ILE A 1 42 ? 1.798   -3.662  -9.651  1.00 14.78 ? 34  ILE A C   1 
ATOM   133 O O   . ILE A 1 42 ? 2.605   -2.777  -9.945  1.00 18.09 ? 34  ILE A O   1 
ATOM   134 C CB  . ILE A 1 42 ? 0.921   -3.553  -7.279  1.00 12.73 ? 34  ILE A CB  1 
ATOM   135 C CG1 . ILE A 1 42 ? -0.538  -3.542  -7.752  1.00 14.79 ? 34  ILE A CG1 1 
ATOM   136 C CG2 . ILE A 1 42 ? 1.408   -2.124  -7.082  1.00 15.29 ? 34  ILE A CG2 1 
ATOM   137 C CD1 . ILE A 1 42 ? -1.524  -3.167  -6.673  1.00 20.72 ? 34  ILE A CD1 1 
ATOM   138 N N   . LYS A 1 43 ? 0.890   -4.122  -10.508 1.00 16.81 ? 35  LYS A N   1 
ATOM   139 C CA  . LYS A 1 43 ? 0.723   -3.502  -11.820 1.00 16.47 ? 35  LYS A CA  1 
ATOM   140 C C   . LYS A 1 43 ? -0.018  -2.175  -11.690 1.00 15.87 ? 35  LYS A C   1 
ATOM   141 O O   . LYS A 1 43 ? -0.813  -1.980  -10.767 1.00 16.22 ? 35  LYS A O   1 
ATOM   142 C CB  . LYS A 1 43 ? -0.024  -4.423  -12.770 1.00 13.81 ? 35  LYS A CB  1 
ATOM   143 C CG  . LYS A 1 43 ? 0.758   -5.655  -13.161 1.00 17.05 ? 35  LYS A CG  1 
ATOM   144 C CD  . LYS A 1 43 ? -0.012  -6.432  -14.201 1.00 24.87 ? 35  LYS A CD  1 
ATOM   145 C CE  . LYS A 1 43 ? 0.556   -7.826  -14.393 1.00 32.45 ? 35  LYS A CE  1 
ATOM   146 N NZ  . LYS A 1 43 ? -0.124  -8.528  -15.527 1.00 42.69 ? 35  LYS A NZ  1 
ATOM   147 N N   . ARG A 1 44 ? 0.243   -1.257  -12.619 1.00 15.42 ? 36  ARG A N   1 
ATOM   148 C CA  . ARG A 1 44 ? -0.199  0.124   -12.420 1.00 16.66 ? 36  ARG A CA  1 
ATOM   149 C C   . ARG A 1 44 ? -1.699  0.319   -12.391 1.00 20.02 ? 36  ARG A C   1 
ATOM   150 O O   . ARG A 1 44 ? -2.189  1.273   -11.780 1.00 16.72 ? 36  ARG A O   1 
ATOM   151 C CB  . ARG A 1 44 ? 0.430   1.033   -13.479 1.00 24.59 ? 36  ARG A CB  1 
ATOM   152 C CG  . ARG A 1 44 ? 1.939   1.087   -13.367 1.00 30.93 ? 36  ARG A CG  1 
ATOM   153 C CD  . ARG A 1 44 ? 2.509   2.370   -13.961 1.00 43.39 ? 36  ARG A CD  1 
ATOM   154 N NE  . ARG A 1 44 ? 1.704   2.846   -15.079 1.00 50.57 ? 36  ARG A NE  1 
ATOM   155 C CZ  . ARG A 1 44 ? 1.089   4.026   -15.122 1.00 47.93 ? 36  ARG A CZ  1 
ATOM   156 N NH1 . ARG A 1 44 ? 1.187   4.887   -14.115 1.00 41.29 ? 36  ARG A NH1 1 
ATOM   157 N NH2 . ARG A 1 44 ? 0.377   4.353   -16.185 1.00 48.73 ? 36  ARG A NH2 1 
ATOM   158 N N   . HIS A 1 45 ? -2.440  -0.576  -13.040 1.00 20.33 ? 37  HIS A N   1 
ATOM   159 C CA  . HIS A 1 45 ? -3.885  -0.412  -13.122 1.00 17.71 ? 37  HIS A CA  1 
ATOM   160 C C   . HIS A 1 45 ? -4.641  -1.439  -12.293 1.00 16.37 ? 37  HIS A C   1 
ATOM   161 O O   . HIS A 1 45 ? -5.835  -1.633  -12.464 1.00 19.55 ? 37  HIS A O   1 
ATOM   162 C CB  . HIS A 1 45 ? -4.323  -0.434  -14.582 1.00 19.21 ? 37  HIS A CB  1 
ATOM   163 C CG  . HIS A 1 45 ? -3.623  0.594   -15.419 1.00 23.09 ? 37  HIS A CG  1 
ATOM   164 N ND1 . HIS A 1 45 ? -3.912  1.938   -15.337 1.00 21.53 ? 37  HIS A ND1 1 
ATOM   165 C CD2 . HIS A 1 45 ? -2.637  0.474   -16.338 1.00 23.25 ? 37  HIS A CD2 1 
ATOM   166 C CE1 . HIS A 1 45 ? -3.143  2.605   -16.182 1.00 20.36 ? 37  HIS A CE1 1 
ATOM   167 N NE2 . HIS A 1 45 ? -2.356  1.739   -16.796 1.00 28.25 ? 37  HIS A NE2 1 
ATOM   168 N N   . THR A 1 46 ? -3.924  -2.076  -11.376 1.00 18.63 ? 38  THR A N   1 
ATOM   169 C CA  . THR A 1 46 ? -4.508  -3.054  -10.472 1.00 19.76 ? 38  THR A CA  1 
ATOM   170 C C   . THR A 1 46 ? -4.861  -2.333  -9.181  1.00 18.21 ? 38  THR A C   1 
ATOM   171 O O   . THR A 1 46 ? -4.074  -1.520  -8.695  1.00 16.76 ? 38  THR A O   1 
ATOM   172 C CB  . THR A 1 46 ? -3.497  -4.176  -10.215 1.00 15.89 ? 38  THR A CB  1 
ATOM   173 O OG1 . THR A 1 46 ? -3.306  -4.901  -11.438 1.00 18.51 ? 38  THR A OG1 1 
ATOM   174 C CG2 . THR A 1 46 ? -3.974  -5.131  -9.127  1.00 18.73 ? 38  THR A CG2 1 
ATOM   175 N N   . PRO A 1 47 ? -6.053  -2.596  -8.623  1.00 15.03 ? 39  PRO A N   1 
ATOM   176 C CA  . PRO A 1 47 ? -6.435  -1.889  -7.392  1.00 13.41 ? 39  PRO A CA  1 
ATOM   177 C C   . PRO A 1 47 ? -5.482  -2.174  -6.241  1.00 18.38 ? 39  PRO A C   1 
ATOM   178 O O   . PRO A 1 47 ? -5.018  -3.299  -6.068  1.00 17.57 ? 39  PRO A O   1 
ATOM   179 C CB  . PRO A 1 47 ? -7.811  -2.471  -7.066  1.00 17.57 ? 39  PRO A CB  1 
ATOM   180 C CG  . PRO A 1 47 ? -8.337  -2.904  -8.389  1.00 22.31 ? 39  PRO A CG  1 
ATOM   181 C CD  . PRO A 1 47 ? -7.139  -3.463  -9.108  1.00 17.21 ? 39  PRO A CD  1 
ATOM   182 N N   . LEU A 1 48 ? -5.203  -1.144  -5.453  1.00 14.80 ? 40  LEU A N   1 
ATOM   183 C CA  . LEU A 1 48 ? -4.261  -1.253  -4.361  1.00 11.09 ? 40  LEU A CA  1 
ATOM   184 C C   . LEU A 1 48 ? -4.820  -2.106  -3.243  1.00 15.98 ? 40  LEU A C   1 
ATOM   185 O O   . LEU A 1 48 ? -4.082  -2.530  -2.354  1.00 15.00 ? 40  LEU A O   1 
ATOM   186 C CB  . LEU A 1 48 ? -3.912  0.143   -3.844  1.00 13.56 ? 40  LEU A CB  1 
ATOM   187 C CG  . LEU A 1 48 ? -2.885  0.879   -4.704  1.00 14.59 ? 40  LEU A CG  1 
ATOM   188 C CD1 . LEU A 1 48 ? -3.043  2.388   -4.585  1.00 18.26 ? 40  LEU A CD1 1 
ATOM   189 C CD2 . LEU A 1 48 ? -1.470  0.457   -4.306  1.00 16.93 ? 40  LEU A CD2 1 
ATOM   190 N N   . SER A 1 49 ? -6.118  -2.370  -3.288  1.00 18.29 ? 41  SER A N   1 
ATOM   191 C CA  . SER A 1 49 ? -6.711  -3.283  -2.322  1.00 19.14 ? 41  SER A CA  1 
ATOM   192 C C   . SER A 1 49 ? -6.058  -4.656  -2.396  1.00 21.17 ? 41  SER A C   1 
ATOM   193 O O   . SER A 1 49 ? -6.019  -5.370  -1.400  1.00 18.41 ? 41  SER A O   1 
ATOM   194 C CB  . SER A 1 49 ? -8.226  -3.362  -2.487  1.00 21.52 ? 41  SER A CB  1 
ATOM   195 O OG  . SER A 1 49 ? -8.583  -3.473  -3.850  1.00 23.00 ? 41  SER A OG  1 
ATOM   196 N N   . LYS A 1 50 ? -5.514  -5.013  -3.564  1.00 20.68 ? 42  LYS A N   1 
ATOM   197 C CA  . LYS A 1 50 ? -4.730  -6.241  -3.694  1.00 17.55 ? 42  LYS A CA  1 
ATOM   198 C C   . LYS A 1 50 ? -3.552  -6.223  -2.733  1.00 15.40 ? 42  LYS A C   1 
ATOM   199 O O   . LYS A 1 50 ? -3.259  -7.223  -2.070  1.00 19.86 ? 42  LYS A O   1 
ATOM   200 C CB  . LYS A 1 50 ? -4.199  -6.409  -5.129  1.00 19.94 ? 42  LYS A CB  1 
ATOM   201 C CG  . LYS A 1 50 ? -3.444  -7.725  -5.362  1.00 21.11 ? 42  LYS A CG  1 
ATOM   202 C CD  . LYS A 1 50 ? -2.785  -7.754  -6.744  1.00 20.73 ? 42  LYS A CD  1 
ATOM   203 C CE  . LYS A 1 50 ? -2.168  -9.126  -7.057  1.00 22.57 ? 42  LYS A CE  1 
ATOM   204 N NZ  . LYS A 1 50 ? -3.205  -10.168 -7.290  1.00 24.53 ? 42  LYS A NZ  1 
ATOM   205 N N   . LEU A 1 51 ? -2.860  -5.084  -2.692  1.00 14.87 ? 43  LEU A N   1 
ATOM   206 C CA  . LEU A 1 51 ? -1.679  -4.917  -1.853  1.00 15.52 ? 43  LEU A CA  1 
ATOM   207 C C   . LEU A 1 51 ? -2.059  -4.800  -0.390  1.00 13.91 ? 43  LEU A C   1 
ATOM   208 O O   . LEU A 1 51 ? -1.392  -5.366  0.484   1.00 16.74 ? 43  LEU A O   1 
ATOM   209 C CB  . LEU A 1 51 ? -0.935  -3.659  -2.298  1.00 13.95 ? 43  LEU A CB  1 
ATOM   210 C CG  . LEU A 1 51 ? 0.325   -3.195  -1.567  1.00 14.11 ? 43  LEU A CG  1 
ATOM   211 C CD1 . LEU A 1 51 ? 1.151   -2.375  -2.545  1.00 18.24 ? 43  LEU A CD1 1 
ATOM   212 C CD2 . LEU A 1 51 ? -0.007  -2.343  -0.361  1.00 17.29 ? 43  LEU A CD2 1 
ATOM   213 N N   . MET A 1 52 ? -3.108  -4.036  -0.102  1.00 15.55 ? 44  MET A N   1 
ATOM   214 C CA  . MET A 1 52 ? -3.498  -3.832  1.292   1.00 12.01 ? 44  MET A CA  1 
ATOM   215 C C   . MET A 1 52 ? -3.906  -5.139  1.953   1.00 14.24 ? 44  MET A C   1 
ATOM   216 O O   . MET A 1 52 ? -3.517  -5.416  3.088   1.00 18.36 ? 44  MET A O   1 
ATOM   217 C CB  . MET A 1 52 ? -4.613  -2.781  1.388   1.00 13.13 ? 44  MET A CB  1 
ATOM   218 C CG  . MET A 1 52 ? -4.169  -1.424  0.871   1.00 15.88 ? 44  MET A CG  1 
ATOM   219 S SD  . MET A 1 52 ? -5.376  -0.105  1.128   1.00 22.24 ? 44  MET A SD  1 
ATOM   220 C CE  . MET A 1 52 ? -6.500  -0.397  -0.229  1.00 20.36 ? 44  MET A CE  1 
ATOM   221 N N   . LYS A 1 53 ? -4.664  -5.962  1.232   1.00 16.87 ? 45  LYS A N   1 
ATOM   222 C CA  . LYS A 1 53 ? -5.084  -7.251  1.766   1.00 17.87 ? 45  LYS A CA  1 
ATOM   223 C C   . LYS A 1 53 ? -3.884  -8.172  1.950   1.00 18.55 ? 45  LYS A C   1 
ATOM   224 O O   . LYS A 1 53 ? -3.801  -8.891  2.940   1.00 21.31 ? 45  LYS A O   1 
ATOM   225 C CB  . LYS A 1 53 ? -6.109  -7.917  0.843   1.00 22.39 ? 45  LYS A CB  1 
ATOM   226 C CG  . LYS A 1 53 ? -7.421  -7.168  0.759   1.00 30.11 ? 45  LYS A CG  1 
ATOM   227 C CD  . LYS A 1 53 ? -8.239  -7.589  -0.463  1.00 30.45 ? 45  LYS A CD  1 
ATOM   228 C CE  . LYS A 1 53 ? -8.625  -9.041  -0.410  1.00 32.03 ? 45  LYS A CE  1 
ATOM   229 N NZ  . LYS A 1 53 ? -9.568  -9.387  -1.502  1.00 30.35 ? 45  LYS A NZ  1 
ATOM   230 N N   . ALA A 1 54 ? -2.956  -8.136  0.996   1.00 22.31 ? 46  ALA A N   1 
ATOM   231 C CA  . ALA A 1 54 ? -1.753  -8.955  1.083   1.00 18.13 ? 46  ALA A CA  1 
ATOM   232 C C   . ALA A 1 54 ? -0.913  -8.540  2.282   1.00 20.32 ? 46  ALA A C   1 
ATOM   233 O O   . ALA A 1 54 ? -0.406  -9.386  3.005   1.00 23.50 ? 46  ALA A O   1 
ATOM   234 C CB  . ALA A 1 54 ? -0.936  -8.849  -0.197  1.00 25.86 ? 46  ALA A CB  1 
ATOM   235 N N   . TYR A 1 55 ? -0.772  -7.235  2.493   1.00 17.38 ? 47  TYR A N   1 
ATOM   236 C CA  . TYR A 1 55 ? 0.021   -6.731  3.612   1.00 14.75 ? 47  TYR A CA  1 
ATOM   237 C C   . TYR A 1 55 ? -0.581  -7.190  4.931   1.00 19.17 ? 47  TYR A C   1 
ATOM   238 O O   . TYR A 1 55 ? 0.125   -7.650  5.829   1.00 19.06 ? 47  TYR A O   1 
ATOM   239 C CB  . TYR A 1 55 ? 0.104   -5.199  3.548   1.00 12.53 ? 47  TYR A CB  1 
ATOM   240 C CG  . TYR A 1 55 ? 0.859   -4.551  4.705   1.00 17.47 ? 47  TYR A CG  1 
ATOM   241 C CD1 . TYR A 1 55 ? 2.235   -4.381  4.654   1.00 16.19 ? 47  TYR A CD1 1 
ATOM   242 C CD2 . TYR A 1 55 ? 0.195   -4.104  5.837   1.00 23.78 ? 47  TYR A CD2 1 
ATOM   243 C CE1 . TYR A 1 55 ? 2.931   -3.786  5.706   1.00 18.35 ? 47  TYR A CE1 1 
ATOM   244 C CE2 . TYR A 1 55 ? 0.882   -3.514  6.889   1.00 22.27 ? 47  TYR A CE2 1 
ATOM   245 C CZ  . TYR A 1 55 ? 2.247   -3.354  6.810   1.00 17.66 ? 47  TYR A CZ  1 
ATOM   246 O OH  . TYR A 1 55 ? 2.944   -2.760  7.846   1.00 22.22 ? 47  TYR A OH  1 
ATOM   247 N N   . CYS A 1 56 ? -1.896  -7.089  5.040   1.00 19.12 ? 48  CYS A N   1 
ATOM   248 C CA  . CYS A 1 56 ? -2.577  -7.510  6.251   1.00 19.09 ? 48  CYS A CA  1 
ATOM   249 C C   . CYS A 1 56 ? -2.350  -8.998  6.485   1.00 22.48 ? 48  CYS A C   1 
ATOM   250 O O   . CYS A 1 56 ? -2.027  -9.422  7.600   1.00 24.16 ? 48  CYS A O   1 
ATOM   251 C CB  . CYS A 1 56 ? -4.069  -7.188  6.140   1.00 17.64 ? 48  CYS A CB  1 
ATOM   252 S SG  . CYS A 1 56 ? -4.463  -5.438  6.425   1.00 25.74 ? 48  CYS A SG  1 
ATOM   253 N N   . GLU A 1 57 ? -2.490  -9.776  5.414   1.00 20.28 ? 49  GLU A N   1 
ATOM   254 C CA  . GLU A 1 57 ? -2.285  -11.220 5.464   1.00 22.74 ? 49  GLU A CA  1 
ATOM   255 C C   . GLU A 1 57 ? -0.876  -11.589 5.903   1.00 22.59 ? 49  GLU A C   1 
ATOM   256 O O   . GLU A 1 57 ? -0.702  -12.407 6.808   1.00 26.76 ? 49  GLU A O   1 
ATOM   257 C CB  . GLU A 1 57 ? -2.560  -11.832 4.087   1.00 28.57 ? 49  GLU A CB  1 
ATOM   258 C CG  . GLU A 1 57 ? -3.881  -12.534 3.974   1.00 51.22 ? 49  GLU A CG  1 
ATOM   259 C CD  . GLU A 1 57 ? -3.940  -13.748 4.865   1.00 64.14 ? 49  GLU A CD  1 
ATOM   260 O OE1 . GLU A 1 57 ? -4.803  -13.780 5.766   1.00 70.64 ? 49  GLU A OE1 1 
ATOM   261 O OE2 . GLU A 1 57 ? -3.118  -14.671 4.667   1.00 67.39 ? 49  GLU A OE2 1 
ATOM   262 N N   . ARG A 1 58 ? 0.126   -10.988 5.267   1.00 23.29 ? 50  ARG A N   1 
ATOM   263 C CA  . ARG A 1 58 ? 1.515   -11.333 5.558   1.00 19.54 ? 50  ARG A CA  1 
ATOM   264 C C   . ARG A 1 58 ? 1.952   -10.809 6.918   1.00 25.00 ? 50  ARG A C   1 
ATOM   265 O O   . ARG A 1 58 ? 2.790   -11.421 7.577   1.00 29.87 ? 50  ARG A O   1 
ATOM   266 C CB  . ARG A 1 58 ? 2.440   -10.780 4.475   1.00 23.98 ? 50  ARG A CB  1 
ATOM   267 C CG  . ARG A 1 58 ? 2.174   -11.331 3.076   1.00 27.43 ? 50  ARG A CG  1 
ATOM   268 C CD  . ARG A 1 58 ? 2.795   -12.708 2.895   1.00 37.80 ? 50  ARG A CD  1 
ATOM   269 N NE  . ARG A 1 58 ? 2.546   -13.256 1.564   1.00 37.01 ? 50  ARG A NE  1 
ATOM   270 C CZ  . ARG A 1 58 ? 3.259   -14.230 1.004   1.00 34.57 ? 50  ARG A CZ  1 
ATOM   271 N NH1 . ARG A 1 58 ? 4.290   -14.765 1.647   1.00 32.77 ? 50  ARG A NH1 1 
ATOM   272 N NH2 . ARG A 1 58 ? 2.950   -14.659 -0.213  1.00 30.66 ? 50  ARG A NH2 1 
ATOM   273 N N   . GLN A 1 59 ? 1.403   -9.673  7.340   1.00 26.84 ? 51  GLN A N   1 
ATOM   274 C CA  . GLN A 1 59 ? 1.870   -9.054  8.583   1.00 24.04 ? 51  GLN A CA  1 
ATOM   275 C C   . GLN A 1 59 ? 1.071   -9.505  9.794   1.00 30.92 ? 51  GLN A C   1 
ATOM   276 O O   . GLN A 1 59 ? 1.377   -9.122  10.927  1.00 31.09 ? 51  GLN A O   1 
ATOM   277 C CB  . GLN A 1 59 ? 1.852   -7.524  8.481   1.00 27.30 ? 51  GLN A CB  1 
ATOM   278 C CG  . GLN A 1 59 ? 2.904   -6.947  7.545   1.00 26.14 ? 51  GLN A CG  1 
ATOM   279 C CD  . GLN A 1 59 ? 4.309   -7.301  7.966   1.00 32.61 ? 51  GLN A CD  1 
ATOM   280 O OE1 . GLN A 1 59 ? 4.691   -7.110  9.120   1.00 40.39 ? 51  GLN A OE1 1 
ATOM   281 N NE2 . GLN A 1 59 ? 5.084   -7.847  7.037   1.00 29.04 ? 51  GLN A NE2 1 
ATOM   282 N N   . GLY A 1 60 ? 0.059   -10.330 9.555   1.00 29.48 ? 52  GLY A N   1 
ATOM   283 C CA  . GLY A 1 60 ? -0.829  -10.768 10.616  1.00 34.20 ? 52  GLY A CA  1 
ATOM   284 C C   . GLY A 1 60 ? -1.599  -9.602  11.207  1.00 36.22 ? 52  GLY A C   1 
ATOM   285 O O   . GLY A 1 60 ? -1.786  -9.517  12.425  1.00 38.95 ? 52  GLY A O   1 
ATOM   286 N N   . LEU A 1 61 ? -2.044  -8.699  10.339  1.00 30.90 ? 53  LEU A N   1 
ATOM   287 C CA  . LEU A 1 61 ? -2.748  -7.506  10.778  1.00 31.65 ? 53  LEU A CA  1 
ATOM   288 C C   . LEU A 1 61 ? -4.139  -7.458  10.168  1.00 32.83 ? 53  LEU A C   1 
ATOM   289 O O   . LEU A 1 61 ? -4.439  -8.207  9.238   1.00 27.94 ? 53  LEU A O   1 
ATOM   290 C CB  . LEU A 1 61 ? -1.963  -6.245  10.412  1.00 24.15 ? 53  LEU A CB  1 
ATOM   291 C CG  . LEU A 1 61 ? -0.682  -6.023  11.208  1.00 27.84 ? 53  LEU A CG  1 
ATOM   292 C CD1 . LEU A 1 61 ? 0.058   -4.795  10.714  1.00 30.85 ? 53  LEU A CD1 1 
ATOM   293 C CD2 . LEU A 1 61 ? -0.998  -5.883  12.679  1.00 35.65 ? 53  LEU A CD2 1 
ATOM   294 N N   . SER A 1 62 ? -4.991  -6.587  10.701  1.00 38.68 ? 54  SER A N   1 
ATOM   295 C CA  . SER A 1 62 ? -6.377  -6.505  10.246  1.00 33.21 ? 54  SER A CA  1 
ATOM   296 C C   . SER A 1 62 ? -6.716  -5.128  9.687   1.00 34.43 ? 54  SER A C   1 
ATOM   297 O O   . SER A 1 62 ? -6.276  -4.110  10.222  1.00 35.61 ? 54  SER A O   1 
ATOM   298 C CB  . SER A 1 62 ? -7.324  -6.833  11.398  1.00 39.61 ? 54  SER A CB  1 
ATOM   299 O OG  . SER A 1 62 ? -8.673  -6.787  10.978  1.00 32.61 ? 54  SER A OG  1 
ATOM   300 N N   . MET A 1 63 ? -7.519  -5.107  8.624   1.00 31.59 ? 55  MET A N   1 
ATOM   301 C CA  . MET A 1 63 ? -8.003  -3.866  8.033   1.00 41.83 ? 55  MET A CA  1 
ATOM   302 C C   . MET A 1 63 ? -8.867  -3.079  9.018   1.00 45.13 ? 55  MET A C   1 
ATOM   303 O O   . MET A 1 63 ? -9.107  -1.888  8.826   1.00 47.38 ? 55  MET A O   1 
ATOM   304 C CB  . MET A 1 63 ? -8.787  -4.162  6.752   1.00 48.01 ? 55  MET A CB  1 
ATOM   305 C CG  . MET A 1 63 ? -8.589  -3.133  5.643   1.00 55.38 ? 55  MET A CG  1 
ATOM   306 S SD  . MET A 1 63 ? -6.942  -3.177  4.891   1.00 39.46 ? 55  MET A SD  1 
ATOM   307 C CE  . MET A 1 63 ? -7.089  -4.644  3.849   1.00 26.74 ? 55  MET A CE  1 
ATOM   308 N N   . ARG A 1 64 ? -9.338  -3.750  10.070  1.00 39.19 ? 56  ARG A N   1 
ATOM   309 C CA  . ARG A 1 64 ? -10.027 -3.076  11.168  1.00 35.72 ? 56  ARG A CA  1 
ATOM   310 C C   . ARG A 1 64 ? -9.086  -2.100  11.868  1.00 46.80 ? 56  ARG A C   1 
ATOM   311 O O   . ARG A 1 64 ? -9.479  -0.994  12.243  1.00 56.36 ? 56  ARG A O   1 
ATOM   312 C CB  . ARG A 1 64 ? -10.517 -4.095  12.213  1.00 37.20 ? 56  ARG A CB  1 
ATOM   313 C CG  . ARG A 1 64 ? -11.801 -4.828  11.889  1.00 38.30 ? 56  ARG A CG  1 
ATOM   314 C CD  . ARG A 1 64 ? -12.172 -5.760  13.041  1.00 38.13 ? 56  ARG A CD  1 
ATOM   315 N NE  . ARG A 1 64 ? -11.017 -6.555  13.455  1.00 32.14 ? 56  ARG A NE  1 
ATOM   316 C CZ  . ARG A 1 64 ? -11.092 -7.727  14.074  1.00 32.65 ? 56  ARG A CZ  1 
ATOM   317 N NH1 . ARG A 1 64 ? -12.271 -8.261  14.364  1.00 30.47 ? 56  ARG A NH1 1 
ATOM   318 N NH2 . ARG A 1 64 ? -9.978  -8.370  14.398  1.00 29.68 ? 56  ARG A NH2 1 
ATOM   319 N N   . GLN A 1 65 ? -7.840  -2.529  12.041  1.00 44.92 ? 57  GLN A N   1 
ATOM   320 C CA  . GLN A 1 65 ? -6.907  -1.868  12.946  1.00 47.16 ? 57  GLN A CA  1 
ATOM   321 C C   . GLN A 1 65 ? -5.993  -0.869  12.245  1.00 49.71 ? 57  GLN A C   1 
ATOM   322 O O   . GLN A 1 65 ? -5.422  0.015   12.890  1.00 50.15 ? 57  GLN A O   1 
ATOM   323 C CB  . GLN A 1 65 ? -6.057  -2.922  13.655  1.00 53.92 ? 57  GLN A CB  1 
ATOM   324 C CG  . GLN A 1 65 ? -6.873  -3.971  14.394  1.00 62.18 ? 57  GLN A CG  1 
ATOM   325 C CD  . GLN A 1 65 ? -6.201  -5.336  14.417  1.00 70.63 ? 57  GLN A CD  1 
ATOM   326 O OE1 . GLN A 1 65 ? -5.023  -5.475  14.070  1.00 67.76 ? 57  GLN A OE1 1 
ATOM   327 N NE2 . GLN A 1 65 ? -6.956  -6.357  14.822  1.00 74.83 ? 57  GLN A NE2 1 
ATOM   328 N N   . ILE A 1 66 ? -5.844  -1.014  10.931  1.00 42.47 ? 58  ILE A N   1 
ATOM   329 C CA  . ILE A 1 66 ? -4.914  -0.165  10.191  1.00 34.22 ? 58  ILE A CA  1 
ATOM   330 C C   . ILE A 1 66 ? -5.518  0.487   8.953   1.00 30.21 ? 58  ILE A C   1 
ATOM   331 O O   . ILE A 1 66 ? -6.539  0.041   8.425   1.00 33.56 ? 58  ILE A O   1 
ATOM   332 C CB  . ILE A 1 66 ? -3.645  -0.931  9.766   1.00 31.14 ? 58  ILE A CB  1 
ATOM   333 C CG1 . ILE A 1 66 ? -4.003  -2.058  8.801   1.00 28.61 ? 58  ILE A CG1 1 
ATOM   334 C CG2 . ILE A 1 66 ? -2.884  -1.475  10.983  1.00 33.52 ? 58  ILE A CG2 1 
ATOM   335 C CD1 . ILE A 1 66 ? -2.784  -2.677  8.148   1.00 29.29 ? 58  ILE A CD1 1 
ATOM   336 N N   . ARG A 1 67 ? -4.868  1.555   8.497   1.00 23.41 ? 59  ARG A N   1 
ATOM   337 C CA  . ARG A 1 67 ? -5.291  2.261   7.300   1.00 26.59 ? 59  ARG A CA  1 
ATOM   338 C C   . ARG A 1 67 ? -4.041  2.673   6.544   1.00 23.61 ? 59  ARG A C   1 
ATOM   339 O O   . ARG A 1 67 ? -2.965  2.815   7.137   1.00 20.68 ? 59  ARG A O   1 
ATOM   340 C CB  . ARG A 1 67 ? -6.112  3.488   7.663   1.00 35.47 ? 59  ARG A CB  1 
ATOM   341 C CG  . ARG A 1 67 ? -5.432  4.352   8.686   1.00 45.05 ? 59  ARG A CG  1 
ATOM   342 C CD  . ARG A 1 67 ? -6.423  5.266   9.386   1.00 59.21 ? 59  ARG A CD  1 
ATOM   343 N NE  . ARG A 1 67 ? -5.841  5.834   10.596  1.00 62.68 ? 59  ARG A NE  1 
ATOM   344 C CZ  . ARG A 1 67 ? -4.931  6.800   10.598  1.00 64.92 ? 59  ARG A CZ  1 
ATOM   345 N NH1 . ARG A 1 67 ? -4.495  7.309   9.451   1.00 59.41 ? 59  ARG A NH1 1 
ATOM   346 N NH2 . ARG A 1 67 ? -4.452  7.256   11.748  1.00 69.96 ? 59  ARG A NH2 1 
ATOM   347 N N   . PHE A 1 68 ? -4.180  2.865   5.239   1.00 18.70 ? 60  PHE A N   1 
ATOM   348 C CA  . PHE A 1 68 ? -3.023  3.125   4.389   1.00 17.29 ? 60  PHE A CA  1 
ATOM   349 C C   . PHE A 1 68 ? -3.186  4.494   3.757   1.00 20.37 ? 60  PHE A C   1 
ATOM   350 O O   . PHE A 1 68 ? -4.300  4.880   3.388   1.00 22.01 ? 60  PHE A O   1 
ATOM   351 C CB  . PHE A 1 68 ? -2.955  2.088   3.274   1.00 14.72 ? 60  PHE A CB  1 
ATOM   352 C CG  . PHE A 1 68 ? -2.783  0.680   3.744   1.00 16.29 ? 60  PHE A CG  1 
ATOM   353 C CD1 . PHE A 1 68 ? -3.851  -0.051  4.253   1.00 17.77 ? 60  PHE A CD1 1 
ATOM   354 C CD2 . PHE A 1 68 ? -1.555  0.060   3.624   1.00 17.04 ? 60  PHE A CD2 1 
ATOM   355 C CE1 . PHE A 1 68 ? -3.681  -1.370  4.651   1.00 18.12 ? 60  PHE A CE1 1 
ATOM   356 C CE2 . PHE A 1 68 ? -1.374  -1.253  4.023   1.00 17.57 ? 60  PHE A CE2 1 
ATOM   357 C CZ  . PHE A 1 68 ? -2.436  -1.970  4.542   1.00 17.49 ? 60  PHE A CZ  1 
ATOM   358 N N   . ARG A 1 69 ? -2.088  5.235   3.653   1.00 18.27 ? 61  ARG A N   1 
ATOM   359 C CA  . ARG A 1 69 ? -2.111  6.549   3.022   1.00 18.79 ? 61  ARG A CA  1 
ATOM   360 C C   . ARG A 1 69 ? -0.982  6.656   2.012   1.00 16.55 ? 61  ARG A C   1 
ATOM   361 O O   . ARG A 1 69 ? 0.071   6.030   2.163   1.00 16.55 ? 61  ARG A O   1 
ATOM   362 C CB  . ARG A 1 69 ? -1.928  7.670   4.055   1.00 22.29 ? 61  ARG A CB  1 
ATOM   363 C CG  . ARG A 1 69 ? -3.097  7.885   4.989   1.00 28.07 ? 61  ARG A CG  1 
ATOM   364 C CD  . ARG A 1 69 ? -2.733  8.938   6.017   1.00 39.97 ? 61  ARG A CD  1 
ATOM   365 N NE  . ARG A 1 69 ? -3.916  9.592   6.561   1.00 59.26 ? 61  ARG A NE  1 
ATOM   366 C CZ  . ARG A 1 69 ? -3.914  10.323  7.669   1.00 67.94 ? 61  ARG A CZ  1 
ATOM   367 N NH1 . ARG A 1 69 ? -2.789  10.484  8.354   1.00 70.59 ? 61  ARG A NH1 1 
ATOM   368 N NH2 . ARG A 1 69 ? -5.039  10.885  8.097   1.00 69.50 ? 61  ARG A NH2 1 
ATOM   369 N N   . PHE A 1 70 ? -1.197  7.467   0.983   1.00 17.57 ? 62  PHE A N   1 
ATOM   370 C CA  . PHE A 1 70 ? -0.116  7.819   0.081   1.00 20.89 ? 62  PHE A CA  1 
ATOM   371 C C   . PHE A 1 70 ? -0.063  9.322   -0.053  1.00 22.03 ? 62  PHE A C   1 
ATOM   372 O O   . PHE A 1 70 ? -1.050  9.941   -0.442  1.00 24.88 ? 62  PHE A O   1 
ATOM   373 C CB  . PHE A 1 70 ? -0.299  7.195   -1.292  1.00 21.16 ? 62  PHE A CB  1 
ATOM   374 C CG  . PHE A 1 70 ? 0.782   7.572   -2.252  1.00 18.09 ? 62  PHE A CG  1 
ATOM   375 C CD1 . PHE A 1 70 ? 0.488   8.277   -3.402  1.00 18.95 ? 62  PHE A CD1 1 
ATOM   376 C CD2 . PHE A 1 70 ? 2.105   7.243   -1.984  1.00 18.94 ? 62  PHE A CD2 1 
ATOM   377 C CE1 . PHE A 1 70 ? 1.489   8.642   -4.282  1.00 22.41 ? 62  PHE A CE1 1 
ATOM   378 C CE2 . PHE A 1 70 ? 3.109   7.606   -2.854  1.00 18.30 ? 62  PHE A CE2 1 
ATOM   379 C CZ  . PHE A 1 70 ? 2.802   8.305   -4.009  1.00 20.67 ? 62  PHE A CZ  1 
ATOM   380 N N   . ASP A 1 71 ? 1.076   9.905   0.308   1.00 22.20 ? 63  ASP A N   1 
ATOM   381 C CA  . ASP A 1 71 ? 1.253   11.350  0.197   1.00 29.78 ? 63  ASP A CA  1 
ATOM   382 C C   . ASP A 1 71 ? 0.128   12.063  0.962   1.00 36.98 ? 63  ASP A C   1 
ATOM   383 O O   . ASP A 1 71 ? -0.387  13.098  0.533   1.00 35.07 ? 63  ASP A O   1 
ATOM   384 C CB  . ASP A 1 71 ? 1.286   11.739  -1.287  1.00 32.19 ? 63  ASP A CB  1 
ATOM   385 C CG  . ASP A 1 71 ? 1.755   13.154  -1.518  1.00 50.47 ? 63  ASP A CG  1 
ATOM   386 O OD1 . ASP A 1 71 ? 1.387   13.726  -2.569  1.00 57.71 ? 63  ASP A OD1 1 
ATOM   387 O OD2 . ASP A 1 71 ? 2.489   13.690  -0.662  1.00 51.17 ? 63  ASP A OD2 1 
ATOM   388 N N   . GLY A 1 72 ? -0.263  11.484  2.094   1.00 36.90 ? 64  GLY A N   1 
ATOM   389 C CA  . GLY A 1 72 ? -1.279  12.081  2.944   1.00 40.46 ? 64  GLY A CA  1 
ATOM   390 C C   . GLY A 1 72 ? -2.724  11.773  2.590   1.00 39.58 ? 64  GLY A C   1 
ATOM   391 O O   . GLY A 1 72 ? -3.637  12.202  3.290   1.00 45.08 ? 64  GLY A O   1 
ATOM   392 N N   . GLN A 1 73 ? -2.938  11.034  1.507   1.00 29.53 ? 65  GLN A N   1 
ATOM   393 C CA  . GLN A 1 73 ? -4.286  10.719  1.048   1.00 36.07 ? 65  GLN A CA  1 
ATOM   394 C C   . GLN A 1 73 ? -4.646  9.299   1.434   1.00 25.72 ? 65  GLN A C   1 
ATOM   395 O O   . GLN A 1 73 ? -3.853  8.398   1.222   1.00 22.63 ? 65  GLN A O   1 
ATOM   396 C CB  . GLN A 1 73 ? -4.347  10.820  -0.473  1.00 38.85 ? 65  GLN A CB  1 
ATOM   397 C CG  . GLN A 1 73 ? -5.186  11.951  -1.009  1.00 52.78 ? 65  GLN A CG  1 
ATOM   398 C CD  . GLN A 1 73 ? -5.305  11.910  -2.527  1.00 56.23 ? 65  GLN A CD  1 
ATOM   399 O OE1 . GLN A 1 73 ? -4.304  11.773  -3.241  1.00 44.79 ? 65  GLN A OE1 1 
ATOM   400 N NE2 . GLN A 1 73 ? -6.538  12.020  -3.028  1.00 56.65 ? 65  GLN A NE2 1 
ATOM   401 N N   . PRO A 1 74 ? -5.849  9.084   1.984   1.00 23.59 ? 66  PRO A N   1 
ATOM   402 C CA  . PRO A 1 74 ? -6.301  7.707   2.207   1.00 30.03 ? 66  PRO A CA  1 
ATOM   403 C C   . PRO A 1 74 ? -6.406  6.954   0.888   1.00 30.52 ? 66  PRO A C   1 
ATOM   404 O O   . PRO A 1 74 ? -6.759  7.542   -0.142  1.00 30.07 ? 66  PRO A O   1 
ATOM   405 C CB  . PRO A 1 74 ? -7.698  7.890   2.815   1.00 38.22 ? 66  PRO A CB  1 
ATOM   406 C CG  . PRO A 1 74 ? -7.659  9.255   3.432   1.00 40.71 ? 66  PRO A CG  1 
ATOM   407 C CD  . PRO A 1 74 ? -6.819  10.072  2.494   1.00 30.46 ? 66  PRO A CD  1 
ATOM   408 N N   . ILE A 1 75 ? -6.079  5.667   0.920   1.00 22.19 ? 67  ILE A N   1 
ATOM   409 C CA  . ILE A 1 75 ? -6.206  4.803   -0.245  1.00 24.19 ? 67  ILE A CA  1 
ATOM   410 C C   . ILE A 1 75 ? -7.499  4.005   -0.160  1.00 24.59 ? 67  ILE A C   1 
ATOM   411 O O   . ILE A 1 75 ? -7.727  3.281   0.816   1.00 25.47 ? 67  ILE A O   1 
ATOM   412 C CB  . ILE A 1 75 ? -5.027  3.826   -0.314  1.00 21.15 ? 67  ILE A CB  1 
ATOM   413 C CG1 . ILE A 1 75 ? -3.710  4.610   -0.421  1.00 18.68 ? 67  ILE A CG1 1 
ATOM   414 C CG2 . ILE A 1 75 ? -5.205  2.866   -1.480  1.00 18.74 ? 67  ILE A CG2 1 
ATOM   415 C CD1 . ILE A 1 75 ? -2.472  3.752   -0.313  1.00 19.65 ? 67  ILE A CD1 1 
ATOM   416 N N   . ASN A 1 76 ? -8.343  4.136   -1.180  1.00 22.70 ? 68  ASN A N   1 
ATOM   417 C CA  . ASN A 1 76 ? -9.622  3.435   -1.206  1.00 28.29 ? 68  ASN A CA  1 
ATOM   418 C C   . ASN A 1 76 ? -9.515  2.115   -1.958  1.00 28.71 ? 68  ASN A C   1 
ATOM   419 O O   . ASN A 1 76 ? -8.500  1.850   -2.603  1.00 24.56 ? 68  ASN A O   1 
ATOM   420 C CB  . ASN A 1 76 ? -10.713 4.325   -1.814  1.00 36.32 ? 68  ASN A CB  1 
ATOM   421 C CG  . ASN A 1 76 ? -10.946 5.594   -1.006  1.00 45.93 ? 68  ASN A CG  1 
ATOM   422 O OD1 . ASN A 1 76 ? -10.826 5.594   0.220   1.00 51.37 ? 68  ASN A OD1 1 
ATOM   423 N ND2 . ASN A 1 76 ? -11.279 6.683   -1.693  1.00 44.27 ? 68  ASN A ND2 1 
ATOM   424 N N   . GLU A 1 77 ? -10.572 1.303   -1.880  1.00 34.02 ? 69  GLU A N   1 
ATOM   425 C CA  . GLU A 1 77 ? -10.549 -0.081  -2.357  1.00 32.52 ? 69  GLU A CA  1 
ATOM   426 C C   . GLU A 1 77 ? -10.225 -0.217  -3.839  1.00 31.87 ? 69  GLU A C   1 
ATOM   427 O O   . GLU A 1 77 ? -9.539  -1.157  -4.239  1.00 39.06 ? 69  GLU A O   1 
ATOM   428 C CB  . GLU A 1 77 ? -11.877 -0.786  -2.044  1.00 43.15 ? 69  GLU A CB  1 
ATOM   429 C CG  . GLU A 1 77 ? -11.829 -2.313  -2.173  1.00 53.55 ? 69  GLU A CG  1 
ATOM   430 C CD  . GLU A 1 77 ? -12.782 -2.855  -3.231  1.00 60.28 ? 69  GLU A CD  1 
ATOM   431 O OE1 . GLU A 1 77 ? -14.009 -2.851  -2.988  1.00 67.28 ? 69  GLU A OE1 1 
ATOM   432 O OE2 . GLU A 1 77 ? -12.303 -3.287  -4.305  1.00 52.64 ? 69  GLU A OE2 1 
ATOM   433 N N   . THR A 1 78 ? -10.683 0.732   -4.646  1.00 22.76 ? 70  THR A N   1 
ATOM   434 C CA  . THR A 1 78 ? -10.483 0.625   -6.091  1.00 18.22 ? 70  THR A CA  1 
ATOM   435 C C   . THR A 1 78 ? -9.393  1.540   -6.647  1.00 20.25 ? 70  THR A C   1 
ATOM   436 O O   . THR A 1 78 ? -9.102  1.487   -7.845  1.00 25.51 ? 70  THR A O   1 
ATOM   437 C CB  . THR A 1 78 ? -11.781 0.903   -6.851  1.00 24.60 ? 70  THR A CB  1 
ATOM   438 O OG1 . THR A 1 78 ? -12.204 2.246   -6.580  1.00 27.91 ? 70  THR A OG1 1 
ATOM   439 C CG2 . THR A 1 78 ? -12.854 -0.074  -6.420  1.00 30.51 ? 70  THR A CG2 1 
ATOM   440 N N   . ASP A 1 79 ? -8.781  2.359   -5.793  1.00 20.76 ? 71  ASP A N   1 
ATOM   441 C CA  . ASP A 1 79 ? -7.653  3.193   -6.224  1.00 18.21 ? 71  ASP A CA  1 
ATOM   442 C C   . ASP A 1 79 ? -6.529  2.332   -6.770  1.00 16.42 ? 71  ASP A C   1 
ATOM   443 O O   . ASP A 1 79 ? -6.161  1.319   -6.168  1.00 17.24 ? 71  ASP A O   1 
ATOM   444 C CB  . ASP A 1 79 ? -7.080  4.003   -5.062  1.00 18.81 ? 71  ASP A CB  1 
ATOM   445 C CG  . ASP A 1 79 ? -7.986  5.121   -4.611  1.00 26.20 ? 71  ASP A CG  1 
ATOM   446 O OD1 . ASP A 1 79 ? -7.785  5.579   -3.463  1.00 26.02 ? 71  ASP A OD1 1 
ATOM   447 O OD2 . ASP A 1 79 ? -8.866  5.556   -5.392  1.00 24.86 ? 71  ASP A OD2 1 
ATOM   448 N N   . THR A 1 80 ? -5.973  2.749   -7.902  1.00 16.67 ? 72  THR A N   1 
ATOM   449 C CA  . THR A 1 80 ? -4.847  2.043   -8.502  1.00 17.60 ? 72  THR A CA  1 
ATOM   450 C C   . THR A 1 80 ? -3.612  2.898   -8.350  1.00 14.51 ? 72  THR A C   1 
ATOM   451 O O   . THR A 1 80 ? -3.730  4.101   -8.127  1.00 15.49 ? 72  THR A O   1 
ATOM   452 C CB  . THR A 1 80 ? -5.060  1.792   -10.000 1.00 16.30 ? 72  THR A CB  1 
ATOM   453 O OG1 . THR A 1 80 ? -5.142  3.045   -10.691 1.00 16.55 ? 72  THR A OG1 1 
ATOM   454 C CG2 . THR A 1 80 ? -6.324  1.008   -10.235 1.00 15.96 ? 72  THR A CG2 1 
ATOM   455 N N   . PRO A 1 81 ? -2.423  2.288   -8.468  1.00 14.31 ? 73  PRO A N   1 
ATOM   456 C CA  . PRO A 1 81 ? -1.200  3.087   -8.415  1.00 12.85 ? 73  PRO A CA  1 
ATOM   457 C C   . PRO A 1 81 ? -1.175  4.182   -9.478  1.00 15.74 ? 73  PRO A C   1 
ATOM   458 O O   . PRO A 1 81 ? -0.674  5.275   -9.205  1.00 17.17 ? 73  PRO A O   1 
ATOM   459 C CB  . PRO A 1 81 ? -0.100  2.043   -8.680  1.00 13.86 ? 73  PRO A CB  1 
ATOM   460 C CG  . PRO A 1 81 ? -0.675  0.778   -8.114  1.00 14.15 ? 73  PRO A CG  1 
ATOM   461 C CD  . PRO A 1 81 ? -2.119  0.846   -8.538  1.00 14.13 ? 73  PRO A CD  1 
ATOM   462 N N   . ALA A 1 82 ? -1.714  3.910   -10.663 1.00 11.59 ? 74  ALA A N   1 
ATOM   463 C CA  . ALA A 1 82 ? -1.734  4.909   -11.729 1.00 13.00 ? 74  ALA A CA  1 
ATOM   464 C C   . ALA A 1 82 ? -2.649  6.079   -11.393 1.00 17.43 ? 74  ALA A C   1 
ATOM   465 O O   . ALA A 1 82 ? -2.325  7.232   -11.706 1.00 15.63 ? 74  ALA A O   1 
ATOM   466 C CB  . ALA A 1 82 ? -2.127  4.289   -13.051 1.00 14.23 ? 74  ALA A CB  1 
ATOM   467 N N   . GLN A 1 83 ? -3.792  5.795   -10.773 1.00 13.28 ? 75  GLN A N   1 
ATOM   468 C CA  . GLN A 1 83 ? -4.713  6.860   -10.400 1.00 16.85 ? 75  GLN A CA  1 
ATOM   469 C C   . GLN A 1 83 ? -4.106  7.724   -9.304  1.00 15.12 ? 75  GLN A C   1 
ATOM   470 O O   . GLN A 1 83 ? -4.383  8.920   -9.241  1.00 17.71 ? 75  GLN A O   1 
ATOM   471 C CB  . GLN A 1 83 ? -6.035  6.283   -9.898  1.00 18.73 ? 75  GLN A CB  1 
ATOM   472 C CG  . GLN A 1 83 ? -6.934  5.731   -10.983 1.00 18.51 ? 75  GLN A CG  1 
ATOM   473 C CD  . GLN A 1 83 ? -8.034  4.877   -10.400 1.00 21.85 ? 75  GLN A CD  1 
ATOM   474 O OE1 . GLN A 1 83 ? -8.013  4.562   -9.209  1.00 21.27 ? 75  GLN A OE1 1 
ATOM   475 N NE2 . GLN A 1 83 ? -8.996  4.489   -11.234 1.00 27.36 ? 75  GLN A NE2 1 
ATOM   476 N N   . LEU A 1 84 ? -3.312  7.106   -8.427  1.00 16.84 ? 76  LEU A N   1 
ATOM   477 C CA  . LEU A 1 84 ? -2.670  7.860   -7.346  1.00 18.35 ? 76  LEU A CA  1 
ATOM   478 C C   . LEU A 1 84 ? -1.284  8.377   -7.742  1.00 19.57 ? 76  LEU A C   1 
ATOM   479 O O   . LEU A 1 84 ? -0.561  8.951   -6.919  1.00 19.09 ? 76  LEU A O   1 
ATOM   480 C CB  . LEU A 1 84 ? -2.603  7.036   -6.061  1.00 17.57 ? 76  LEU A CB  1 
ATOM   481 C CG  . LEU A 1 84 ? -3.971  6.625   -5.521  1.00 16.93 ? 76  LEU A CG  1 
ATOM   482 C CD1 . LEU A 1 84 ? -3.841  6.018   -4.129  1.00 17.02 ? 76  LEU A CD1 1 
ATOM   483 C CD2 . LEU A 1 84 ? -4.902  7.823   -5.514  1.00 23.24 ? 76  LEU A CD2 1 
ATOM   484 N N   . GLU A 1 85 ? -0.930  8.193   -9.010  1.00 16.37 ? 77  GLU A N   1 
ATOM   485 C CA  . GLU A 1 85 ? 0.309   8.745   -9.561  1.00 15.46 ? 77  GLU A CA  1 
ATOM   486 C C   . GLU A 1 85 ? 1.535   8.241   -8.810  1.00 18.75 ? 77  GLU A C   1 
ATOM   487 O O   . GLU A 1 85 ? 2.493   8.975   -8.554  1.00 19.02 ? 77  GLU A O   1 
ATOM   488 C CB  . GLU A 1 85 ? 0.230   10.270  -9.612  1.00 20.27 ? 77  GLU A CB  1 
ATOM   489 C CG  . GLU A 1 85 ? -0.830  10.725  -10.589 1.00 20.11 ? 77  GLU A CG  1 
ATOM   490 C CD  . GLU A 1 85 ? -1.071  12.197  -10.574 1.00 24.51 ? 77  GLU A CD  1 
ATOM   491 O OE1 . GLU A 1 85 ? -1.748  12.665  -11.501 1.00 23.92 ? 77  GLU A OE1 1 
ATOM   492 O OE2 . GLU A 1 85 ? -0.610  12.897  -9.646  1.00 26.00 ? 77  GLU A OE2 1 
ATOM   493 N N   . MET A 1 86 ? 1.492   6.962   -8.465  1.00 16.87 ? 78  MET A N   1 
ATOM   494 C CA  . MET A 1 86 ? 2.604   6.301   -7.795  1.00 11.94 ? 78  MET A CA  1 
ATOM   495 C C   . MET A 1 86 ? 3.637   5.857   -8.797  1.00 15.68 ? 78  MET A C   1 
ATOM   496 O O   . MET A 1 86 ? 3.314   5.566   -9.958  1.00 22.41 ? 78  MET A O   1 
ATOM   497 C CB  . MET A 1 86 ? 2.079   5.082   -7.059  1.00 13.56 ? 78  MET A CB  1 
ATOM   498 C CG  . MET A 1 86 ? 1.221   5.434   -5.884  1.00 12.65 ? 78  MET A CG  1 
ATOM   499 S SD  . MET A 1 86 ? 0.615   3.888   -5.188  1.00 17.51 ? 78  MET A SD  1 
ATOM   500 C CE  . MET A 1 86 ? -0.222  4.471   -3.726  1.00 17.64 ? 78  MET A CE  1 
ATOM   501 N N   . GLU A 1 87 ? 4.886   5.807   -8.353  1.00 16.84 ? 79  GLU A N   1 
ATOM   502 C CA  . GLU A 1 87 ? 5.980   5.377   -9.212  1.00 19.24 ? 79  GLU A CA  1 
ATOM   503 C C   . GLU A 1 87 ? 6.799   4.326   -8.510  1.00 15.76 ? 79  GLU A C   1 
ATOM   504 O O   . GLU A 1 87 ? 6.695   4.158   -7.293  1.00 17.72 ? 79  GLU A O   1 
ATOM   505 C CB  . GLU A 1 87 ? 6.867   6.563   -9.594  1.00 21.58 ? 79  GLU A CB  1 
ATOM   506 C CG  . GLU A 1 87 ? 6.118   7.607   -10.389 1.00 24.62 ? 79  GLU A CG  1 
ATOM   507 C CD  . GLU A 1 87 ? 6.999   8.728   -10.852 1.00 33.89 ? 79  GLU A CD  1 
ATOM   508 O OE1 . GLU A 1 87 ? 8.237   8.586   -10.799 1.00 37.52 ? 79  GLU A OE1 1 
ATOM   509 O OE2 . GLU A 1 87 ? 6.448   9.760   -11.277 1.00 40.79 ? 79  GLU A OE2 1 
ATOM   510 N N   . ASP A 1 88 ? 7.606   3.617   -9.293  1.00 21.04 ? 80  ASP A N   1 
ATOM   511 C CA  . ASP A 1 88 ? 8.505   2.602   -8.765  1.00 19.97 ? 80  ASP A CA  1 
ATOM   512 C C   . ASP A 1 88 ? 9.278   3.135   -7.567  1.00 25.13 ? 80  ASP A C   1 
ATOM   513 O O   . ASP A 1 88 ? 9.861   4.223   -7.628  1.00 20.65 ? 80  ASP A O   1 
ATOM   514 C CB  . ASP A 1 88 ? 9.482   2.194   -9.864  1.00 23.48 ? 80  ASP A CB  1 
ATOM   515 C CG  . ASP A 1 88 ? 10.128  0.861   -9.606  1.00 33.10 ? 80  ASP A CG  1 
ATOM   516 O OD1 . ASP A 1 88 ? 9.395   -0.098  -9.291  1.00 27.21 ? 80  ASP A OD1 1 
ATOM   517 O OD2 . ASP A 1 88 ? 11.366  0.772   -9.729  1.00 30.61 ? 80  ASP A OD2 1 
ATOM   518 N N   . GLU A 1 89 ? 9.241   2.370   -6.475  1.00 19.15 ? 81  GLU A N   1 
ATOM   519 C CA  . GLU A 1 89 ? 9.945   2.681   -5.222  1.00 21.21 ? 81  GLU A CA  1 
ATOM   520 C C   . GLU A 1 89 ? 9.300   3.741   -4.336  1.00 16.95 ? 81  GLU A C   1 
ATOM   521 O O   . GLU A 1 89 ? 9.895   4.180   -3.335  1.00 22.25 ? 81  GLU A O   1 
ATOM   522 C CB  . GLU A 1 89 ? 11.439  2.957   -5.448  1.00 30.89 ? 81  GLU A CB  1 
ATOM   523 C CG  . GLU A 1 89 ? 12.174  1.814   -6.147  1.00 32.24 ? 81  GLU A CG  1 
ATOM   524 C CD  . GLU A 1 89 ? 12.239  0.552   -5.310  1.00 39.89 ? 81  GLU A CD  1 
ATOM   525 O OE1 . GLU A 1 89 ? 12.598  -0.508  -5.866  1.00 42.19 ? 81  GLU A OE1 1 
ATOM   526 O OE2 . GLU A 1 89 ? 11.943  0.613   -4.095  1.00 40.93 ? 81  GLU A OE2 1 
ATOM   527 N N   . ASP A 1 90 ? 8.071   4.139   -4.666  1.00 14.97 ? 82  ASP A N   1 
ATOM   528 C CA  . ASP A 1 90 ? 7.297   4.998   -3.782  1.00 12.32 ? 82  ASP A CA  1 
ATOM   529 C C   . ASP A 1 90 ? 6.912   4.271   -2.501  1.00 17.05 ? 82  ASP A C   1 
ATOM   530 O O   . ASP A 1 90 ? 6.933   3.039   -2.446  1.00 18.08 ? 82  ASP A O   1 
ATOM   531 C CB  . ASP A 1 90 ? 6.028   5.501   -4.474  1.00 14.48 ? 82  ASP A CB  1 
ATOM   532 C CG  . ASP A 1 90 ? 6.272   6.730   -5.313  1.00 20.26 ? 82  ASP A CG  1 
ATOM   533 O OD1 . ASP A 1 90 ? 7.364   7.328   -5.202  1.00 19.48 ? 82  ASP A OD1 1 
ATOM   534 O OD2 . ASP A 1 90 ? 5.354   7.124   -6.064  1.00 17.58 ? 82  ASP A OD2 1 
ATOM   535 N N   . THR A 1 91 ? 6.564   5.043   -1.474  1.00 14.82 ? 83  THR A N   1 
ATOM   536 C CA  . THR A 1 91 ? 6.210   4.455   -0.172  1.00 15.09 ? 83  THR A CA  1 
ATOM   537 C C   . THR A 1 91 ? 4.754   4.736   0.179   1.00 17.37 ? 83  THR A C   1 
ATOM   538 O O   . THR A 1 91 ? 4.273   5.864   0.042   1.00 18.14 ? 83  THR A O   1 
ATOM   539 C CB  . THR A 1 91 ? 7.137   4.983   0.954   1.00 22.14 ? 83  THR A CB  1 
ATOM   540 O OG1 . THR A 1 91 ? 8.493   4.578   0.696   1.00 19.26 ? 83  THR A OG1 1 
ATOM   541 C CG2 . THR A 1 91 ? 6.712   4.439   2.306   1.00 24.04 ? 83  THR A CG2 1 
ATOM   542 N N   . ILE A 1 92 ? 4.049   3.691   0.604   1.00 14.08 ? 84  ILE A N   1 
ATOM   543 C CA  . ILE A 1 92 ? 2.731   3.825   1.205   1.00 14.99 ? 84  ILE A CA  1 
ATOM   544 C C   . ILE A 1 92 ? 2.921   3.775   2.717   1.00 14.53 ? 84  ILE A C   1 
ATOM   545 O O   . ILE A 1 92 ? 3.645   2.926   3.233   1.00 14.55 ? 84  ILE A O   1 
ATOM   546 C CB  . ILE A 1 92 ? 1.827   2.652   0.753   1.00 12.08 ? 84  ILE A CB  1 
ATOM   547 C CG1 . ILE A 1 92 ? 1.535   2.805   -0.740  1.00 12.86 ? 84  ILE A CG1 1 
ATOM   548 C CG2 . ILE A 1 92 ? 0.542   2.576   1.592   1.00 15.08 ? 84  ILE A CG2 1 
ATOM   549 C CD1 . ILE A 1 92 ? 0.932   1.554   -1.374  1.00 16.09 ? 84  ILE A CD1 1 
ATOM   550 N N   . ASP A 1 93 ? 2.282   4.692   3.427   1.00 14.21 ? 85  ASP A N   1 
ATOM   551 C CA  . ASP A 1 93 ? 2.396   4.735   4.879   1.00 15.42 ? 85  ASP A CA  1 
ATOM   552 C C   . ASP A 1 93 ? 1.230   4.016   5.548   1.00 13.09 ? 85  ASP A C   1 
ATOM   553 O O   . ASP A 1 93 ? 0.075   4.185   5.150   1.00 18.50 ? 85  ASP A O   1 
ATOM   554 C CB  . ASP A 1 93 ? 2.446   6.191   5.336   1.00 18.17 ? 85  ASP A CB  1 
ATOM   555 C CG  . ASP A 1 93 ? 3.607   6.941   4.735   1.00 24.10 ? 85  ASP A CG  1 
ATOM   556 O OD1 . ASP A 1 93 ? 3.375   7.986   4.103   1.00 32.51 ? 85  ASP A OD1 1 
ATOM   557 O OD2 . ASP A 1 93 ? 4.751   6.473   4.890   1.00 22.47 ? 85  ASP A OD2 1 
ATOM   558 N N   . VAL A 1 94 ? 1.526   3.220   6.573   1.00 14.45 ? 86  VAL A N   1 
ATOM   559 C CA  . VAL A 1 94 ? 0.485   2.550   7.347   1.00 20.87 ? 86  VAL A CA  1 
ATOM   560 C C   . VAL A 1 94 ? 0.365   3.138   8.738   1.00 25.22 ? 86  VAL A C   1 
ATOM   561 O O   . VAL A 1 94 ? 1.372   3.441   9.384   1.00 26.89 ? 86  VAL A O   1 
ATOM   562 C CB  . VAL A 1 94 ? 0.757   1.052   7.463   1.00 27.42 ? 86  VAL A CB  1 
ATOM   563 C CG1 . VAL A 1 94 ? -0.326  0.365   8.281   1.00 36.17 ? 86  VAL A CG1 1 
ATOM   564 C CG2 . VAL A 1 94 ? 0.777   0.466   6.112   1.00 29.92 ? 86  VAL A CG2 1 
ATOM   565 N N   . PHE A 1 95 ? -0.874  3.307   9.188   1.00 22.85 ? 87  PHE A N   1 
ATOM   566 C CA  . PHE A 1 95 ? -1.156  3.888   10.489  1.00 26.71 ? 87  PHE A CA  1 
ATOM   567 C C   . PHE A 1 95 ? -2.168  3.036   11.229  1.00 35.19 ? 87  PHE A C   1 
ATOM   568 O O   . PHE A 1 95 ? -2.877  2.244   10.614  1.00 31.93 ? 87  PHE A O   1 
ATOM   569 C CB  . PHE A 1 95 ? -1.711  5.294   10.310  1.00 23.51 ? 87  PHE A CB  1 
ATOM   570 C CG  . PHE A 1 95 ? -0.755  6.232   9.643   1.00 34.04 ? 87  PHE A CG  1 
ATOM   571 C CD1 . PHE A 1 95 ? -0.804  6.436   8.275   1.00 32.98 ? 87  PHE A CD1 1 
ATOM   572 C CD2 . PHE A 1 95 ? 0.213   6.894   10.382  1.00 32.54 ? 87  PHE A CD2 1 
ATOM   573 C CE1 . PHE A 1 95 ? 0.083   7.301   7.656   1.00 30.97 ? 87  PHE A CE1 1 
ATOM   574 C CE2 . PHE A 1 95 ? 1.107   7.754   9.769   1.00 39.23 ? 87  PHE A CE2 1 
ATOM   575 C CZ  . PHE A 1 95 ? 1.041   7.957   8.403   1.00 38.47 ? 87  PHE A CZ  1 
HETATM 576 O O   . HOH B 2 .  ? -1.568  5.936   -16.812 1.00 25.08 ? 101 HOH A O   1 
HETATM 577 O O   . HOH B 2 .  ? 10.466  -6.629  -7.608  1.00 31.28 ? 102 HOH A O   1 
HETATM 578 O O   . HOH B 2 .  ? -5.653  2.872   -13.292 1.00 17.09 ? 103 HOH A O   1 
HETATM 579 O O   . HOH B 2 .  ? -8.743  7.454   -7.822  1.00 27.03 ? 104 HOH A O   1 
HETATM 580 O O   . HOH B 2 .  ? -1.215  10.966  -5.337  1.00 23.25 ? 105 HOH A O   1 
HETATM 581 O O   . HOH B 2 .  ? 11.100  -5.744  5.304   1.00 23.99 ? 106 HOH A O   1 
HETATM 582 O O   . HOH B 2 .  ? 9.813   6.756   -6.176  1.00 24.09 ? 107 HOH A O   1 
HETATM 583 O O   . HOH B 2 .  ? 10.404  -8.052  4.092   0.23 18.80 ? 108 HOH A O   1 
HETATM 584 O O   . HOH B 2 .  ? 3.302   7.951   1.266   1.00 26.51 ? 109 HOH A O   1 
HETATM 585 O O   . HOH B 2 .  ? 6.703   7.945   -1.714  1.00 24.01 ? 110 HOH A O   1 
HETATM 586 O O   . HOH B 2 .  ? -4.058  -9.792  -2.296  1.00 29.05 ? 111 HOH A O   1 
HETATM 587 O O   . HOH B 2 .  ? -3.531  14.271  -11.985 1.00 24.85 ? 112 HOH A O   1 
HETATM 588 O O   . HOH B 2 .  ? 0.907   9.455   3.821   1.00 31.56 ? 113 HOH A O   1 
HETATM 589 O O   . HOH B 2 .  ? 5.608   -2.193  7.169   1.00 21.75 ? 114 HOH A O   1 
HETATM 590 O O   . HOH B 2 .  ? 0.586   -7.625  -7.439  1.00 26.90 ? 115 HOH A O   1 
HETATM 591 O O   . HOH B 2 .  ? -0.273  7.944   -13.364 1.00 27.45 ? 116 HOH A O   1 
HETATM 592 O O   . HOH B 2 .  ? -3.758  -11.205 -4.745  1.00 30.43 ? 117 HOH A O   1 
HETATM 593 O O   . HOH B 2 .  ? -3.009  -6.964  -15.707 1.00 27.72 ? 118 HOH A O   1 
HETATM 594 O O   . HOH B 2 .  ? -1.577  -2.614  -15.256 1.00 26.89 ? 119 HOH A O   1 
HETATM 595 O O   . HOH B 2 .  ? 2.661   11.210  -6.882  1.00 27.35 ? 120 HOH A O   1 
HETATM 596 O O   . HOH B 2 .  ? 10.008  5.686   -1.489  1.00 31.68 ? 121 HOH A O   1 
HETATM 597 O O   . HOH B 2 .  ? 4.169   0.215   13.739  1.00 35.60 ? 122 HOH A O   1 
HETATM 598 O O   . HOH B 2 .  ? 7.400   3.930   -12.207 1.00 30.23 ? 123 HOH A O   1 
HETATM 599 O O   . HOH B 2 .  ? -7.348  0.122   -4.270  1.00 30.31 ? 124 HOH A O   1 
HETATM 600 O O   . HOH B 2 .  ? 2.382   1.763   11.481  1.00 27.74 ? 125 HOH A O   1 
HETATM 601 O O   . HOH B 2 .  ? -3.045  -2.902  -17.831 1.00 37.79 ? 126 HOH A O   1 
HETATM 602 O O   . HOH B 2 .  ? 1.784   6.635   -12.088 1.00 35.60 ? 127 HOH A O   1 
HETATM 603 O O   . HOH B 2 .  ? -1.708  15.519  -9.187  1.00 31.59 ? 128 HOH A O   1 
HETATM 604 O O   . HOH B 2 .  ? 4.496   -4.580  -16.366 1.00 41.28 ? 129 HOH A O   1 
# 
loop_
_atom_site_anisotrop.id 
_atom_site_anisotrop.type_symbol 
_atom_site_anisotrop.pdbx_label_atom_id 
_atom_site_anisotrop.pdbx_label_alt_id 
_atom_site_anisotrop.pdbx_label_comp_id 
_atom_site_anisotrop.pdbx_label_asym_id 
_atom_site_anisotrop.pdbx_label_seq_id 
_atom_site_anisotrop.pdbx_PDB_ins_code 
_atom_site_anisotrop.U[1][1] 
_atom_site_anisotrop.U[2][2] 
_atom_site_anisotrop.U[3][3] 
_atom_site_anisotrop.U[1][2] 
_atom_site_anisotrop.U[1][3] 
_atom_site_anisotrop.U[2][3] 
_atom_site_anisotrop.pdbx_auth_seq_id 
_atom_site_anisotrop.pdbx_auth_comp_id 
_atom_site_anisotrop.pdbx_auth_asym_id 
_atom_site_anisotrop.pdbx_auth_atom_id 
1   N N   . HIS A 25 ? 0.3498 0.4322 0.3258 0.0117  -0.0225 -0.0515 17 HIS A N   
2   C CA  . HIS A 25 ? 0.2425 0.3071 0.2288 0.0095  -0.0221 -0.0409 17 HIS A CA  
3   C C   . HIS A 25 ? 0.3245 0.3900 0.3088 0.0069  -0.0140 -0.0301 17 HIS A C   
4   O O   . HIS A 25 ? 0.4373 0.5159 0.4169 0.0066  -0.0082 -0.0323 17 HIS A O   
5   C CB  . HIS A 25 ? 0.2606 0.3127 0.2610 0.0122  -0.0254 -0.0490 17 HIS A CB  
6   C CG  . HIS A 25 ? 0.3068 0.3526 0.3148 0.0135  -0.0344 -0.0580 17 HIS A CG  
7   N ND1 . HIS A 25 ? 0.3416 0.3946 0.3494 0.0174  -0.0387 -0.0744 17 HIS A ND1 
8   C CD2 . HIS A 25 ? 0.2732 0.3062 0.2907 0.0113  -0.0401 -0.0534 17 HIS A CD2 
9   C CE1 . HIS A 25 ? 0.3582 0.4011 0.3760 0.0168  -0.0476 -0.0797 17 HIS A CE1 
10  N NE2 . HIS A 25 ? 0.3282 0.3595 0.3522 0.0127  -0.0483 -0.0660 17 HIS A NE2 
11  N N   . ILE A 26 ? 0.1977 0.2502 0.1871 0.0047  -0.0135 -0.0195 18 ILE A N   
12  C CA  . ILE A 26 ? 0.2228 0.2722 0.2150 0.0024  -0.0076 -0.0132 18 ILE A CA  
13  C C   . ILE A 26 ? 0.2252 0.2625 0.2275 0.0038  -0.0089 -0.0160 18 ILE A C   
14  O O   . ILE A 26 ? 0.2771 0.3055 0.2842 0.0052  -0.0136 -0.0170 18 ILE A O   
15  C CB  . ILE A 26 ? 0.3157 0.3613 0.3051 -0.0009 -0.0052 0.0006  18 ILE A CB  
16  C CG1 . ILE A 26 ? 0.2765 0.3100 0.2707 0.0003  -0.0093 0.0051  18 ILE A CG1 
17  C CG2 . ILE A 26 ? 0.3266 0.3856 0.3049 -0.0029 -0.0039 0.0063  18 ILE A CG2 
18  C CD1 . ILE A 26 ? 0.2951 0.3202 0.2923 -0.0013 -0.0070 0.0155  18 ILE A CD1 
19  N N   . ASN A 27 ? 0.1852 0.2235 0.1911 0.0030  -0.0052 -0.0167 19 ASN A N   
20  C CA  . ASN A 27 ? 0.2795 0.3086 0.2931 0.0045  -0.0070 -0.0187 19 ASN A CA  
21  C C   . ASN A 27 ? 0.2077 0.2277 0.2217 0.0020  -0.0054 -0.0107 19 ASN A C   
22  O O   . ASN A 27 ? 0.2546 0.2761 0.2673 -0.0011 -0.0017 -0.0059 19 ASN A O   
23  C CB  . ASN A 27 ? 0.2616 0.2989 0.2802 0.0055  -0.0051 -0.0251 19 ASN A CB  
24  C CG  . ASN A 27 ? 0.3623 0.4088 0.3833 0.0099  -0.0069 -0.0360 19 ASN A CG  
25  O OD1 . ASN A 27 ? 0.3338 0.3729 0.3597 0.0136  -0.0127 -0.0412 19 ASN A OD1 
26  N ND2 . ASN A 27 ? 0.4283 0.4915 0.4468 0.0094  -0.0017 -0.0398 19 ASN A ND2 
27  N N   . LEU A 28 ? 0.1734 0.1843 0.1897 0.0034  -0.0082 -0.0091 20 LEU A N   
28  C CA  . LEU A 28 ? 0.1483 0.1523 0.1645 0.0023  -0.0064 -0.0042 20 LEU A CA  
29  C C   . LEU A 28 ? 0.2098 0.2106 0.2278 0.0036  -0.0080 -0.0064 20 LEU A C   
30  O O   . LEU A 28 ? 0.3037 0.3038 0.3241 0.0054  -0.0117 -0.0080 20 LEU A O   
31  C CB  . LEU A 28 ? 0.1512 0.1514 0.1671 0.0029  -0.0068 0.0009  20 LEU A CB  
32  C CG  . LEU A 28 ? 0.1700 0.1736 0.1836 0.0022  -0.0067 0.0048  20 LEU A CG  
33  C CD1 . LEU A 28 ? 0.2025 0.2045 0.2192 0.0036  -0.0085 0.0087  20 LEU A CD1 
34  C CD2 . LEU A 28 ? 0.2108 0.2133 0.2234 0.0002  -0.0034 0.0091  20 LEU A CD2 
35  N N   . LYS A 29 ? 0.1762 0.1748 0.1937 0.0025  -0.0062 -0.0063 21 LYS A N   
36  C CA  . LYS A 29 ? 0.2016 0.1991 0.2182 0.0037  -0.0082 -0.0080 21 LYS A CA  
37  C C   . LYS A 29 ? 0.2097 0.2038 0.2227 0.0048  -0.0068 -0.0047 21 LYS A C   
38  O O   . LYS A 29 ? 0.2410 0.2329 0.2544 0.0047  -0.0038 -0.0034 21 LYS A O   
39  C CB  . LYS A 29 ? 0.1971 0.1965 0.2154 0.0018  -0.0077 -0.0121 21 LYS A CB  
40  C CG  . LYS A 29 ? 0.3210 0.3278 0.3449 0.0005  -0.0080 -0.0153 21 LYS A CG  
41  C CD  . LYS A 29 ? 0.3967 0.4065 0.4252 -0.0027 -0.0079 -0.0190 21 LYS A CD  
42  C CE  . LYS A 29 ? 0.5476 0.5673 0.5834 -0.0058 -0.0053 -0.0202 21 LYS A CE  
43  N NZ  . LYS A 29 ? 0.6511 0.6785 0.6886 -0.0018 -0.0066 -0.0229 21 LYS A NZ  
44  N N   . VAL A 30 ? 0.1567 0.1518 0.1670 0.0060  -0.0087 -0.0026 22 VAL A N   
45  C CA  . VAL A 30 ? 0.1380 0.1343 0.1440 0.0070  -0.0060 0.0001  22 VAL A CA  
46  C C   . VAL A 30 ? 0.1459 0.1455 0.1452 0.0078  -0.0073 -0.0030 22 VAL A C   
47  O O   . VAL A 30 ? 0.1811 0.1828 0.1783 0.0081  -0.0114 -0.0005 22 VAL A O   
48  C CB  . VAL A 30 ? 0.1859 0.1836 0.1941 0.0066  -0.0066 0.0074  22 VAL A CB  
49  C CG1 . VAL A 30 ? 0.2279 0.2312 0.2323 0.0074  -0.0020 0.0103  22 VAL A CG1 
50  C CG2 . VAL A 30 ? 0.2308 0.2264 0.2457 0.0057  -0.0069 0.0085  22 VAL A CG2 
51  N N   . ALA A 31 ? 0.1668 0.1666 0.1634 0.0086  -0.0046 -0.0089 23 ALA A N   
52  C CA  . ALA A 31 ? 0.2016 0.2054 0.1914 0.0092  -0.0066 -0.0149 23 ALA A CA  
53  C C   . ALA A 31 ? 0.2123 0.2231 0.1927 0.0117  -0.0034 -0.0153 23 ALA A C   
54  O O   . ALA A 31 ? 0.2178 0.2283 0.1998 0.0137  0.0015  -0.0182 23 ALA A O   
55  C CB  . ALA A 31 ? 0.1969 0.1961 0.1915 0.0078  -0.0072 -0.0237 23 ALA A CB  
56  N N   . GLY A 32 ? 0.2181 0.2364 0.1889 0.0122  -0.0063 -0.0123 24 GLY A N   
57  C CA  . GLY A 32 ? 0.2028 0.2319 0.1618 0.0143  -0.0028 -0.0130 24 GLY A CA  
58  C C   . GLY A 32 ? 0.2057 0.2385 0.1573 0.0163  -0.0042 -0.0266 24 GLY A C   
59  O O   . GLY A 32 ? 0.2372 0.2645 0.1935 0.0147  -0.0096 -0.0333 24 GLY A O   
60  N N   . GLN A 33 ? 0.2383 0.2815 0.1798 0.0195  0.0005  -0.0319 25 GLN A N   
61  C CA  . GLN A 33 ? 0.2594 0.3067 0.1934 0.0217  -0.0019 -0.0477 25 GLN A CA  
62  C C   . GLN A 33 ? 0.2560 0.3110 0.1786 0.0205  -0.0100 -0.0477 25 GLN A C   
63  O O   . GLN A 33 ? 0.3299 0.3868 0.2487 0.0211  -0.0148 -0.0615 25 GLN A O   
64  C CB  . GLN A 33 ? 0.3076 0.3670 0.2326 0.0267  0.0057  -0.0556 25 GLN A CB  
65  C CG  . GLN A 33 ? 0.3857 0.4366 0.3253 0.0299  0.0117  -0.0618 25 GLN A CG  
66  C CD  . GLN A 33 ? 0.4726 0.5384 0.4055 0.0362  0.0198  -0.0704 25 GLN A CD  
67  O OE1 . GLN A 33 ? 0.5321 0.5956 0.4673 0.0409  0.0202  -0.0879 25 GLN A OE1 
68  N NE2 . GLN A 33 ? 0.5040 0.5855 0.4301 0.0361  0.0262  -0.0584 25 GLN A NE2 
69  N N   . ASP A 34 ? 0.2734 0.3322 0.1921 0.0188  -0.0128 -0.0324 26 ASP A N   
70  C CA  . ASP A 34 ? 0.2663 0.3320 0.1761 0.0183  -0.0219 -0.0301 26 ASP A CA  
71  C C   . ASP A 34 ? 0.2694 0.3250 0.1942 0.0161  -0.0294 -0.0329 26 ASP A C   
72  O O   . ASP A 34 ? 0.2976 0.3587 0.2196 0.0161  -0.0381 -0.0328 26 ASP A O   
73  C CB  . ASP A 34 ? 0.2899 0.3630 0.1913 0.0177  -0.0228 -0.0112 26 ASP A CB  
74  C CG  . ASP A 34 ? 0.2777 0.3384 0.1947 0.0155  -0.0221 0.0016  26 ASP A CG  
75  O OD1 . ASP A 34 ? 0.3398 0.4022 0.2547 0.0144  -0.0252 0.0171  26 ASP A OD1 
76  O OD2 . ASP A 34 ? 0.2892 0.3384 0.2206 0.0146  -0.0191 -0.0035 26 ASP A OD2 
77  N N   . GLY A 35 ? 0.2613 0.3041 0.2021 0.0143  -0.0258 -0.0350 27 GLY A N   
78  C CA  . GLY A 35 ? 0.2805 0.3166 0.2362 0.0119  -0.0306 -0.0378 27 GLY A CA  
79  C C   . GLY A 35 ? 0.2485 0.2801 0.2129 0.0114  -0.0313 -0.0258 27 GLY A C   
80  O O   . GLY A 35 ? 0.2055 0.2337 0.1828 0.0100  -0.0337 -0.0276 27 GLY A O   
81  N N   . SER A 36 ? 0.1960 0.2283 0.1548 0.0126  -0.0293 -0.0142 28 SER A N   
82  C CA  . SER A 36 ? 0.1972 0.2231 0.1663 0.0125  -0.0309 -0.0048 28 SER A CA  
83  C C   . SER A 36 ? 0.2439 0.2611 0.2247 0.0109  -0.0257 -0.0077 28 SER A C   
84  O O   . SER A 36 ? 0.2923 0.3072 0.2720 0.0102  -0.0194 -0.0103 28 SER A O   
85  C CB  . SER A 36 ? 0.3212 0.3483 0.2842 0.0126  -0.0303 0.0089  28 SER A CB  
86  O OG  . SER A 36 ? 0.3887 0.4170 0.3475 0.0117  -0.0218 0.0099  28 SER A OG  
87  N N   . VAL A 37 ? 0.2038 0.2176 0.1961 0.0109  -0.0287 -0.0078 29 VAL A N   
88  C CA  . VAL A 37 ? 0.1622 0.1707 0.1634 0.0095  -0.0242 -0.0096 29 VAL A CA  
89  C C   . VAL A 37 ? 0.2088 0.2135 0.2166 0.0108  -0.0267 -0.0040 29 VAL A C   
90  O O   . VAL A 37 ? 0.2946 0.3004 0.3088 0.0131  -0.0322 -0.0045 29 VAL A O   
91  C CB  . VAL A 37 ? 0.2001 0.2108 0.2092 0.0077  -0.0241 -0.0176 29 VAL A CB  
92  C CG1 . VAL A 37 ? 0.3207 0.3281 0.3362 0.0061  -0.0193 -0.0174 29 VAL A CG1 
93  C CG2 . VAL A 37 ? 0.2384 0.2500 0.2440 0.0056  -0.0229 -0.0240 29 VAL A CG2 
94  N N   . VAL A 38 ? 0.1986 0.1989 0.2064 0.0098  -0.0231 0.0003  30 VAL A N   
95  C CA  . VAL A 38 ? 0.2295 0.2248 0.2448 0.0106  -0.0262 0.0041  30 VAL A CA  
96  C C   . VAL A 38 ? 0.2152 0.2093 0.2356 0.0097  -0.0230 -0.0009 30 VAL A C   
97  O O   . VAL A 38 ? 0.2539 0.2489 0.2708 0.0079  -0.0179 -0.0018 30 VAL A O   
98  C CB  . VAL A 38 ? 0.3229 0.3158 0.3359 0.0090  -0.0262 0.0142  30 VAL A CB  
99  C CG1 . VAL A 38 ? 0.3889 0.3746 0.4127 0.0087  -0.0300 0.0171  30 VAL A CG1 
100 C CG2 . VAL A 38 ? 0.3151 0.3113 0.3212 0.0098  -0.0298 0.0209  30 VAL A CG2 
101 N N   . GLN A 39 ? 0.1924 0.1850 0.2209 0.0115  -0.0265 -0.0043 31 GLN A N   
102 C CA  . GLN A 39 ? 0.2041 0.1993 0.2351 0.0112  -0.0238 -0.0101 31 GLN A CA  
103 C C   . GLN A 39 ? 0.1531 0.1435 0.1871 0.0105  -0.0257 -0.0086 31 GLN A C   
104 O O   . GLN A 39 ? 0.1919 0.1759 0.2322 0.0113  -0.0309 -0.0059 31 GLN A O   
105 C CB  . GLN A 39 ? 0.3099 0.3109 0.3475 0.0142  -0.0257 -0.0184 31 GLN A CB  
106 C CG  . GLN A 39 ? 0.6103 0.6186 0.6477 0.0137  -0.0217 -0.0246 31 GLN A CG  
107 C CD  . GLN A 39 ? 0.7285 0.7444 0.7620 0.0103  -0.0157 -0.0244 31 GLN A CD  
108 O OE1 . GLN A 39 ? 0.7557 0.7743 0.7915 0.0098  -0.0159 -0.0247 31 GLN A OE1 
109 N NE2 . GLN A 39 ? 0.7034 0.7228 0.7323 0.0078  -0.0114 -0.0231 31 GLN A NE2 
110 N N   . PHE A 40 ? 0.1639 0.1573 0.1947 0.0088  -0.0220 -0.0096 32 PHE A N   
111 C CA  . PHE A 40 ? 0.1886 0.1805 0.2226 0.0081  -0.0245 -0.0105 32 PHE A CA  
112 C C   . PHE A 40 ? 0.2273 0.2269 0.2581 0.0087  -0.0229 -0.0174 32 PHE A C   
113 O O   . PHE A 40 ? 0.3199 0.3258 0.3455 0.0083  -0.0184 -0.0182 32 PHE A O   
114 C CB  . PHE A 40 ? 0.1910 0.1815 0.2239 0.0053  -0.0226 -0.0025 32 PHE A CB  
115 C CG  . PHE A 40 ? 0.2142 0.2001 0.2503 0.0041  -0.0240 0.0049  32 PHE A CG  
116 C CD1 . PHE A 40 ? 0.3275 0.3150 0.3577 0.0044  -0.0207 0.0087  32 PHE A CD1 
117 C CD2 . PHE A 40 ? 0.2756 0.2567 0.3208 0.0022  -0.0291 0.0079  32 PHE A CD2 
118 C CE1 . PHE A 40 ? 0.3974 0.3837 0.4279 0.0031  -0.0217 0.0166  32 PHE A CE1 
119 C CE2 . PHE A 40 ? 0.3651 0.3433 0.4133 0.0000  -0.0301 0.0174  32 PHE A CE2 
120 C CZ  . PHE A 40 ? 0.3907 0.3726 0.4303 0.0007  -0.0260 0.0222  32 PHE A CZ  
121 N N   . LYS A 41 ? 0.1908 0.1905 0.2248 0.0092  -0.0273 -0.0224 33 LYS A N   
122 C CA  . LYS A 41 ? 0.2282 0.2375 0.2565 0.0098  -0.0265 -0.0286 33 LYS A CA  
123 C C   . LYS A 41 ? 0.2112 0.2201 0.2389 0.0073  -0.0290 -0.0245 33 LYS A C   
124 O O   . LYS A 41 ? 0.2201 0.2222 0.2563 0.0061  -0.0341 -0.0238 33 LYS A O   
125 C CB  . LYS A 41 ? 0.2493 0.2607 0.2830 0.0135  -0.0312 -0.0417 33 LYS A CB  
126 C CG  . LYS A 41 ? 0.5174 0.5385 0.5501 0.0170  -0.0276 -0.0493 33 LYS A CG  
127 C CD  . LYS A 41 ? 0.4484 0.4801 0.4801 0.0208  -0.0293 -0.0636 33 LYS A CD  
128 C CE  . LYS A 41 ? 0.4607 0.4818 0.5040 0.0238  -0.0385 -0.0731 33 LYS A CE  
129 N NZ  . LYS A 41 ? 0.3312 0.3609 0.3794 0.0306  -0.0399 -0.0906 33 LYS A NZ  
130 N N   . ILE A 42 ? 0.2001 0.2166 0.2193 0.0061  -0.0260 -0.0206 34 ILE A N   
131 C CA  . ILE A 42 ? 0.1650 0.1836 0.1848 0.0046  -0.0295 -0.0169 34 ILE A CA  
132 C C   . ILE A 42 ? 0.1742 0.2046 0.1829 0.0047  -0.0292 -0.0173 34 ILE A C   
133 O O   . ILE A 42 ? 0.2171 0.2526 0.2177 0.0046  -0.0239 -0.0142 34 ILE A O   
134 C CB  . ILE A 42 ? 0.1488 0.1623 0.1726 0.0031  -0.0270 -0.0061 34 ILE A CB  
135 C CG1 . ILE A 42 ? 0.1721 0.1896 0.2005 0.0020  -0.0313 -0.0027 34 ILE A CG1 
136 C CG2 . ILE A 42 ? 0.1831 0.1971 0.2007 0.0034  -0.0207 -0.0001 34 ILE A CG2 
137 C CD1 . ILE A 42 ? 0.2452 0.2600 0.2820 0.0012  -0.0290 0.0055  34 ILE A CD1 
138 N N   . LYS A 43 ? 0.1982 0.2339 0.2066 0.0045  -0.0356 -0.0206 35 LYS A N   
139 C CA  . LYS A 43 ? 0.1936 0.2426 0.1896 0.0047  -0.0365 -0.0193 35 LYS A CA  
140 C C   . LYS A 43 ? 0.1866 0.2350 0.1815 0.0038  -0.0347 -0.0047 35 LYS A C   
141 O O   . LYS A 43 ? 0.1902 0.2305 0.1957 0.0034  -0.0348 0.0009  35 LYS A O   
142 C CB  . LYS A 43 ? 0.1576 0.2137 0.1534 0.0050  -0.0455 -0.0288 35 LYS A CB  
143 C CG  . LYS A 43 ? 0.1977 0.2557 0.1941 0.0071  -0.0481 -0.0456 35 LYS A CG  
144 C CD  . LYS A 43 ? 0.2946 0.3605 0.2899 0.0073  -0.0578 -0.0567 35 LYS A CD  
145 C CE  . LYS A 43 ? 0.3894 0.4521 0.3914 0.0100  -0.0624 -0.0757 35 LYS A CE  
146 N NZ  . LYS A 43 ? 0.5169 0.5890 0.5162 0.0104  -0.0726 -0.0895 35 LYS A NZ  
147 N N   . ARG A 44 ? 0.1817 0.2394 0.1645 0.0036  -0.0328 0.0016  36 ARG A N   
148 C CA  . ARG A 44 ? 0.1985 0.2523 0.1824 0.0033  -0.0306 0.0160  36 ARG A CA  
149 C C   . ARG A 44 ? 0.2384 0.2917 0.2304 0.0047  -0.0368 0.0216  36 ARG A C   
150 O O   . ARG A 44 ? 0.1964 0.2427 0.1960 0.0060  -0.0350 0.0307  36 ARG A O   
151 C CB  . ARG A 44 ? 0.3001 0.3638 0.2703 0.0020  -0.0280 0.0241  36 ARG A CB  
152 C CG  . ARG A 44 ? 0.3814 0.4468 0.3472 0.0000  -0.0203 0.0209  36 ARG A CG  
153 C CD  . ARG A 44 ? 0.5401 0.6100 0.4983 -0.0032 -0.0157 0.0346  36 ARG A CD  
154 N NE  . ARG A 44 ? 0.6311 0.7106 0.5798 -0.0030 -0.0208 0.0446  36 ARG A NE  
155 C CZ  . ARG A 44 ? 0.5989 0.6714 0.5508 -0.0033 -0.0228 0.0603  36 ARG A CZ  
156 N NH1 . ARG A 44 ? 0.5161 0.5717 0.4810 -0.0038 -0.0197 0.0660  36 ARG A NH1 
157 N NH2 . ARG A 44 ? 0.6088 0.6915 0.5514 -0.0026 -0.0288 0.0697  36 ARG A NH2 
158 N N   . HIS A 45 ? 0.2395 0.3012 0.2319 0.0048  -0.0445 0.0151  37 HIS A N   
159 C CA  . HIS A 45 ? 0.2020 0.2669 0.2040 0.0058  -0.0513 0.0202  37 HIS A CA  
160 C C   . HIS A 45 ? 0.1809 0.2417 0.1994 0.0045  -0.0540 0.0136  37 HIS A C   
161 O O   . HIS A 45 ? 0.2157 0.2827 0.2443 0.0043  -0.0607 0.0148  37 HIS A O   
162 C CB  . HIS A 45 ? 0.2196 0.3000 0.2104 0.0062  -0.0596 0.0204  37 HIS A CB  
163 C CG  . HIS A 45 ? 0.2725 0.3587 0.2463 0.0066  -0.0566 0.0302  37 HIS A CG  
164 N ND1 . HIS A 45 ? 0.2533 0.3353 0.2295 0.0081  -0.0553 0.0460  37 HIS A ND1 
165 C CD2 . HIS A 45 ? 0.2769 0.3738 0.2326 0.0054  -0.0543 0.0269  37 HIS A CD2 
166 C CE1 . HIS A 45 ? 0.2417 0.3299 0.2019 0.0068  -0.0529 0.0542  37 HIS A CE1 
167 N NE2 . HIS A 45 ? 0.3424 0.4416 0.2894 0.0050  -0.0514 0.0428  37 HIS A NE2 
168 N N   . THR A 46 ? 0.2116 0.2627 0.2337 0.0031  -0.0491 0.0079  38 THR A N   
169 C CA  . THR A 46 ? 0.2224 0.2682 0.2601 0.0008  -0.0507 0.0046  38 THR A CA  
170 C C   . THR A 46 ? 0.2017 0.2421 0.2481 0.0017  -0.0438 0.0133  38 THR A C   
171 O O   . THR A 46 ? 0.1875 0.2219 0.2274 0.0035  -0.0370 0.0165  38 THR A O   
172 C CB  . THR A 46 ? 0.1762 0.2148 0.2128 -0.0005 -0.0502 -0.0054 38 THR A CB  
173 O OG1 . THR A 46 ? 0.2091 0.2546 0.2394 -0.0004 -0.0571 -0.0164 38 THR A OG1 
174 C CG2 . THR A 46 ? 0.2092 0.2402 0.2622 -0.0036 -0.0512 -0.0053 38 THR A CG2 
175 N N   . PRO A 47 ? 0.1551 0.1990 0.2170 0.0004  -0.0454 0.0165  39 PRO A N   
176 C CA  . PRO A 47 ? 0.1327 0.1747 0.2020 0.0022  -0.0379 0.0232  39 PRO A CA  
177 C C   . PRO A 47 ? 0.2002 0.2327 0.2656 0.0012  -0.0312 0.0218  39 PRO A C   
178 O O   . PRO A 47 ? 0.1912 0.2192 0.2573 -0.0021 -0.0332 0.0177  39 PRO A O   
179 C CB  . PRO A 47 ? 0.1762 0.2273 0.2641 -0.0006 -0.0408 0.0256  39 PRO A CB  
180 C CG  . PRO A 47 ? 0.2331 0.2919 0.3227 -0.0020 -0.0512 0.0221  39 PRO A CG  
181 C CD  . PRO A 47 ? 0.1759 0.2278 0.2502 -0.0029 -0.0539 0.0138  39 PRO A CD  
182 N N   . LEU A 48 ? 0.1569 0.1862 0.2192 0.0044  -0.0242 0.0249  40 LEU A N   
183 C CA  . LEU A 48 ? 0.1143 0.1362 0.1711 0.0040  -0.0186 0.0235  40 LEU A CA  
184 C C   . LEU A 48 ? 0.1723 0.1970 0.2378 0.0012  -0.0165 0.0260  40 LEU A C   
185 O O   . LEU A 48 ? 0.1631 0.1827 0.2240 0.0001  -0.0138 0.0257  40 LEU A O   
186 C CB  . LEU A 48 ? 0.1482 0.1667 0.2005 0.0082  -0.0128 0.0246  40 LEU A CB  
187 C CG  . LEU A 48 ? 0.1664 0.1793 0.2087 0.0089  -0.0135 0.0236  40 LEU A CG  
188 C CD1 . LEU A 48 ? 0.2133 0.2228 0.2575 0.0128  -0.0108 0.0267  40 LEU A CD1 
189 C CD2 . LEU A 48 ? 0.2005 0.2077 0.2348 0.0070  -0.0117 0.0190  40 LEU A CD2 
190 N N   . SER A 49 ? 0.1941 0.2281 0.2727 -0.0003 -0.0180 0.0296  41 SER A N   
191 C CA  . SER A 49 ? 0.1999 0.2387 0.2886 -0.0048 -0.0160 0.0342  41 SER A CA  
192 C C   . SER A 49 ? 0.2287 0.2584 0.3173 -0.0099 -0.0214 0.0328  41 SER A C   
193 O O   . SER A 49 ? 0.1930 0.2216 0.2847 -0.0134 -0.0191 0.0380  41 SER A O   
194 C CB  . SER A 49 ? 0.2196 0.2724 0.3256 -0.0066 -0.0172 0.0382  41 SER A CB  
195 O OG  . SER A 49 ? 0.2366 0.2909 0.3465 -0.0069 -0.0260 0.0350  41 SER A OG  
196 N N   . LYS A 50 ? 0.2259 0.2496 0.3106 -0.0097 -0.0283 0.0258  42 LYS A N   
197 C CA  . LYS A 50 ? 0.1893 0.2029 0.2745 -0.0124 -0.0338 0.0217  42 LYS A CA  
198 C C   . LYS A 50 ? 0.1679 0.1738 0.2434 -0.0105 -0.0293 0.0228  42 LYS A C   
199 O O   . LYS A 50 ? 0.2249 0.2243 0.3052 -0.0133 -0.0313 0.0259  42 LYS A O   
200 C CB  . LYS A 50 ? 0.2223 0.2338 0.3016 -0.0105 -0.0404 0.0112  42 LYS A CB  
201 C CG  . LYS A 50 ? 0.2393 0.2408 0.3221 -0.0119 -0.0468 0.0039  42 LYS A CG  
202 C CD  . LYS A 50 ? 0.2369 0.2399 0.3108 -0.0085 -0.0512 -0.0085 42 LYS A CD  
203 C CE  . LYS A 50 ? 0.2610 0.2548 0.3417 -0.0086 -0.0586 -0.0189 42 LYS A CE  
204 N NZ  . LYS A 50 ? 0.2810 0.2721 0.3788 -0.0138 -0.0674 -0.0209 42 LYS A NZ  
205 N N   . LEU A 51 ? 0.1651 0.1716 0.2282 -0.0060 -0.0242 0.0207  43 LEU A N   
206 C CA  . LEU A 51 ? 0.1783 0.1793 0.2322 -0.0040 -0.0209 0.0203  43 LEU A CA  
207 C C   . LEU A 51 ? 0.1567 0.1613 0.2107 -0.0049 -0.0154 0.0278  43 LEU A C   
208 O O   . LEU A 51 ? 0.1948 0.1954 0.2458 -0.0056 -0.0157 0.0306  43 LEU A O   
209 C CB  . LEU A 51 ? 0.1617 0.1632 0.2051 -0.0002 -0.0175 0.0159  43 LEU A CB  
210 C CG  . LEU A 51 ? 0.1679 0.1657 0.2028 0.0017  -0.0143 0.0139  43 LEU A CG  
211 C CD1 . LEU A 51 ? 0.2221 0.2200 0.2511 0.0033  -0.0136 0.0089  43 LEU A CD1 
212 C CD2 . LEU A 51 ? 0.2080 0.2088 0.2401 0.0029  -0.0085 0.0172  43 LEU A CD2 
213 N N   . MET A 52 ? 0.1733 0.1870 0.2304 -0.0043 -0.0105 0.0312  44 MET A N   
214 C CA  . MET A 52 ? 0.1266 0.1477 0.1821 -0.0044 -0.0039 0.0369  44 MET A CA  
215 C C   . MET A 52 ? 0.1518 0.1745 0.2147 -0.0102 -0.0055 0.0459  44 MET A C   
216 O O   . MET A 52 ? 0.2056 0.2298 0.2620 -0.0111 -0.0029 0.0513  44 MET A O   
217 C CB  . MET A 52 ? 0.1354 0.1678 0.1956 -0.0014 0.0018  0.0369  44 MET A CB  
218 C CG  . MET A 52 ? 0.1738 0.2019 0.2277 0.0042  0.0028  0.0299  44 MET A CG  
219 S SD  . MET A 52 ? 0.2481 0.2870 0.3098 0.0099  0.0088  0.0287  44 MET A SD  
220 C CE  . MET A 52 ? 0.2178 0.2618 0.2941 0.0085  0.0028  0.0321  44 MET A CE  
221 N N   . LYS A 53 ? 0.1805 0.2032 0.2574 -0.0147 -0.0106 0.0483  45 LYS A N   
222 C CA  . LYS A 53 ? 0.1896 0.2117 0.2775 -0.0218 -0.0132 0.0581  45 LYS A CA  
223 C C   . LYS A 53 ? 0.2045 0.2118 0.2884 -0.0222 -0.0192 0.0584  45 LYS A C   
224 O O   . LYS A 53 ? 0.2394 0.2458 0.3244 -0.0258 -0.0190 0.0690  45 LYS A O   
225 C CB  . LYS A 53 ? 0.2403 0.2640 0.3466 -0.0269 -0.0191 0.0583  45 LYS A CB  
226 C CG  . LYS A 53 ? 0.3294 0.3703 0.4443 -0.0269 -0.0140 0.0600  45 LYS A CG  
227 C CD  . LYS A 53 ? 0.3280 0.3703 0.4587 -0.0303 -0.0221 0.0562  45 LYS A CD  
228 C CE  . LYS A 53 ? 0.3438 0.3814 0.4917 -0.0396 -0.0288 0.0622  45 LYS A CE  
229 N NZ  . LYS A 53 ? 0.3153 0.3574 0.4805 -0.0434 -0.0369 0.0576  45 LYS A NZ  
230 N N   . ALA A 54 ? 0.2569 0.2541 0.3365 -0.0182 -0.0245 0.0475  46 ALA A N   
231 C CA  . ALA A 54 ? 0.2088 0.1932 0.2869 -0.0168 -0.0305 0.0455  46 ALA A CA  
232 C C   . ALA A 54 ? 0.2403 0.2267 0.3050 -0.0140 -0.0262 0.0499  46 ALA A C   
233 O O   . ALA A 54 ? 0.2822 0.2624 0.3482 -0.0152 -0.0300 0.0569  46 ALA A O   
234 C CB  . ALA A 54 ? 0.3094 0.2881 0.3852 -0.0123 -0.0349 0.0315  46 ALA A CB  
235 N N   . TYR A 55 ? 0.2044 0.1989 0.2571 -0.0102 -0.0194 0.0455  47 TYR A N   
236 C CA  . TYR A 55 ? 0.1744 0.1720 0.2138 -0.0075 -0.0160 0.0470  47 TYR A CA  
237 C C   . TYR A 55 ? 0.2286 0.2336 0.2662 -0.0111 -0.0130 0.0603  47 TYR A C   
238 O O   . TYR A 55 ? 0.2298 0.2335 0.2610 -0.0110 -0.0154 0.0663  47 TYR A O   
239 C CB  . TYR A 55 ? 0.1474 0.1512 0.1774 -0.0034 -0.0098 0.0389  47 TYR A CB  
240 C CG  . TYR A 55 ? 0.2131 0.2211 0.2297 -0.0007 -0.0069 0.0376  47 TYR A CG  
241 C CD1 . TYR A 55 ? 0.2003 0.2030 0.2118 0.0019  -0.0105 0.0313  47 TYR A CD1 
242 C CD2 . TYR A 55 ? 0.2913 0.3109 0.3013 -0.0007 -0.0005 0.0416  47 TYR A CD2 
243 C CE1 . TYR A 55 ? 0.2297 0.2372 0.2300 0.0039  -0.0094 0.0289  47 TYR A CE1 
244 C CE2 . TYR A 55 ? 0.2751 0.2997 0.2716 0.0021  0.0012  0.0383  47 TYR A CE2 
245 C CZ  . TYR A 55 ? 0.2204 0.2382 0.2123 0.0041  -0.0039 0.0320  47 TYR A CZ  
246 O OH  . TYR A 55 ? 0.2804 0.3040 0.2600 0.0063  -0.0036 0.0275  47 TYR A OH  
247 N N   . CYS A 56 ? 0.2223 0.2376 0.2665 -0.0146 -0.0079 0.0657  48 CYS A N   
248 C CA  . CYS A 56 ? 0.2186 0.2452 0.2617 -0.0189 -0.0032 0.0795  48 CYS A CA  
249 C C   . CYS A 56 ? 0.2620 0.2785 0.3138 -0.0245 -0.0109 0.0919  48 CYS A C   
250 O O   . CYS A 56 ? 0.2848 0.3046 0.3285 -0.0260 -0.0107 0.1033  48 CYS A O   
251 C CB  . CYS A 56 ? 0.1921 0.2330 0.2451 -0.0219 0.0036  0.0823  48 CYS A CB  
252 S SG  . CYS A 56 ? 0.2931 0.3490 0.3361 -0.0143 0.0139  0.0713  48 CYS A SG  
253 N N   . GLU A 57 ? 0.2329 0.2368 0.3009 -0.0271 -0.0183 0.0893  49 GLU A N   
254 C CA  . GLU A 57 ? 0.2642 0.2543 0.3452 -0.0319 -0.0274 0.0990  49 GLU A CA  
255 C C   . GLU A 57 ? 0.2687 0.2481 0.3414 -0.0272 -0.0336 0.0992  49 GLU A C   
256 O O   . GLU A 57 ? 0.3222 0.2985 0.3960 -0.0304 -0.0370 0.1142  49 GLU A O   
257 C CB  . GLU A 57 ? 0.3362 0.3141 0.4352 -0.0336 -0.0353 0.0900  49 GLU A CB  
258 C CG  . GLU A 57 ? 0.6155 0.5965 0.7340 -0.0429 -0.0362 0.0993  49 GLU A CG  
259 C CD  . GLU A 57 ? 0.7782 0.7558 0.9031 -0.0475 -0.0397 0.1124  49 GLU A CD  
260 O OE1 . GLU A 57 ? 0.8557 0.8482 0.9801 -0.0525 -0.0329 0.1250  49 GLU A OE1 
261 O OE2 . GLU A 57 ? 0.8230 0.7846 0.9530 -0.0451 -0.0489 0.1091  49 GLU A OE2 
262 N N   . ARG A 58 ? 0.2815 0.2564 0.3470 -0.0198 -0.0352 0.0838  50 ARG A N   
263 C CA  . ARG A 58 ? 0.2383 0.2048 0.2996 -0.0147 -0.0418 0.0820  50 ARG A CA  
264 C C   . ARG A 58 ? 0.3096 0.2872 0.3531 -0.0131 -0.0379 0.0896  50 ARG A C   
265 O O   . ARG A 58 ? 0.3735 0.3462 0.4151 -0.0113 -0.0444 0.0967  50 ARG A O   
266 C CB  . ARG A 58 ? 0.2961 0.2589 0.3559 -0.0081 -0.0433 0.0635  50 ARG A CB  
267 C CG  . ARG A 58 ? 0.3380 0.2916 0.4126 -0.0084 -0.0481 0.0536  50 ARG A CG  
268 C CD  . ARG A 58 ? 0.4695 0.4076 0.5593 -0.0069 -0.0590 0.0538  50 ARG A CD  
269 N NE  . ARG A 58 ? 0.4575 0.3877 0.5608 -0.0066 -0.0641 0.0415  50 ARG A NE  
270 C CZ  . ARG A 58 ? 0.4266 0.3441 0.5430 -0.0024 -0.0733 0.0330  50 ARG A CZ  
271 N NH1 . ARG A 58 ? 0.4046 0.3180 0.5225 0.0019  -0.0775 0.0357  50 ARG A NH1 
272 N NH2 . ARG A 58 ? 0.3751 0.2880 0.5018 -0.0021 -0.0775 0.0197  50 ARG A NH2 
273 N N   . GLN A 59 ? 0.3322 0.3249 0.3627 -0.0131 -0.0282 0.0873  51 GLN A N   
274 C CA  . GLN A 59 ? 0.2990 0.3037 0.3107 -0.0107 -0.0247 0.0902  51 GLN A CA  
275 C C   . GLN A 59 ? 0.3841 0.4006 0.3900 -0.0161 -0.0208 0.1083  51 GLN A C   
276 O O   . GLN A 59 ? 0.3879 0.4170 0.3764 -0.0145 -0.0183 0.1122  51 GLN A O   
277 C CB  . GLN A 59 ? 0.3409 0.3552 0.3415 -0.0068 -0.0170 0.0757  51 GLN A CB  
278 C CG  . GLN A 59 ? 0.3283 0.3342 0.3307 -0.0019 -0.0203 0.0602  51 GLN A CG  
279 C CD  . GLN A 59 ? 0.4128 0.4147 0.4113 0.0014  -0.0281 0.0595  51 GLN A CD  
280 O OE1 . GLN A 59 ? 0.5129 0.5234 0.4985 0.0023  -0.0285 0.0635  51 GLN A OE1 
281 N NE2 . GLN A 59 ? 0.3674 0.3585 0.3776 0.0035  -0.0346 0.0539  51 GLN A NE2 
282 N N   . GLY A 60 ? 0.3618 0.3759 0.3826 -0.0228 -0.0205 0.1196  52 GLY A N   
283 C CA  . GLY A 60 ? 0.4179 0.4460 0.4357 -0.0295 -0.0152 0.1380  52 GLY A CA  
284 C C   . GLY A 60 ? 0.4401 0.4919 0.4444 -0.0284 -0.0022 0.1340  52 GLY A C   
285 O O   . GLY A 60 ? 0.4738 0.5425 0.4635 -0.0293 0.0032  0.1421  52 GLY A O   
286 N N   . LEU A 61 ? 0.3705 0.4233 0.3801 -0.0252 0.0024  0.1184  53 LEU A N   
287 C CA  . LEU A 61 ? 0.3765 0.4493 0.3766 -0.0221 0.0139  0.1107  53 LEU A CA  
288 C C   . LEU A 61 ? 0.3830 0.4635 0.4007 -0.0259 0.0197  0.1118  53 LEU A C   
289 O O   . LEU A 61 ? 0.3191 0.3874 0.3553 -0.0304 0.0137  0.1149  53 LEU A O   
290 C CB  . LEU A 61 ? 0.2862 0.3544 0.2768 -0.0137 0.0138  0.0906  53 LEU A CB  
291 C CG  . LEU A 61 ? 0.3395 0.4066 0.3117 -0.0096 0.0096  0.0873  53 LEU A CG  
292 C CD1 . LEU A 61 ? 0.3811 0.4421 0.3489 -0.0030 0.0089  0.0677  53 LEU A CD1 
293 C CD2 . LEU A 61 ? 0.4371 0.5259 0.3916 -0.0100 0.0163  0.0946  53 LEU A CD2 
294 N N   . SER A 62 ? 0.4515 0.5535 0.4646 -0.0236 0.0308  0.1083  54 SER A N   
295 C CA  . SER A 62 ? 0.3721 0.4862 0.4035 -0.0266 0.0369  0.1100  54 SER A CA  
296 C C   . SER A 62 ? 0.3856 0.5037 0.4187 -0.0182 0.0413  0.0919  54 SER A C   
297 O O   . SER A 62 ? 0.4041 0.5269 0.4219 -0.0107 0.0454  0.0807  54 SER A O   
298 C CB  . SER A 62 ? 0.4447 0.5852 0.4750 -0.0319 0.0471  0.1243  54 SER A CB  
299 O OG  . SER A 62 ? 0.3455 0.4978 0.3957 -0.0344 0.0519  0.1242  54 SER A OG  
300 N N   . MET A 63 ? 0.3440 0.4598 0.3966 -0.0193 0.0396  0.0896  55 MET A N   
301 C CA  . MET A 63 ? 0.4706 0.5904 0.5284 -0.0116 0.0429  0.0756  55 MET A CA  
302 C C   . MET A 63 ? 0.5042 0.6504 0.5601 -0.0071 0.0555  0.0730  55 MET A C   
303 O O   . MET A 63 ? 0.5312 0.6806 0.5884 0.0015  0.0588  0.0598  55 MET A O   
304 C CB  . MET A 63 ? 0.5430 0.6586 0.6227 -0.0147 0.0375  0.0763  55 MET A CB  
305 C CG  . MET A 63 ? 0.6395 0.7439 0.7208 -0.0072 0.0333  0.0628  55 MET A CG  
306 S SD  . MET A 63 ? 0.4517 0.5286 0.5192 -0.0057 0.0233  0.0560  55 MET A SD  
307 C CE  . MET A 63 ? 0.2892 0.3557 0.3711 -0.0142 0.0130  0.0628  55 MET A CE  
308 N N   . ARG A 64 ? 0.4233 0.5890 0.4767 -0.0128 0.0626  0.0858  56 ARG A N   
309 C CA  . ARG A 64 ? 0.3717 0.5662 0.4191 -0.0082 0.0758  0.0827  56 ARG A CA  
310 C C   . ARG A 64 ? 0.5209 0.7127 0.5446 0.0008  0.0774  0.0682  56 ARG A C   
311 O O   . ARG A 64 ? 0.6380 0.8434 0.6599 0.0098  0.0848  0.0542  56 ARG A O   
312 C CB  . ARG A 64 ? 0.3876 0.5949 0.4309 -0.0168 0.0791  0.0977  56 ARG A CB  
313 C CG  . ARG A 64 ? 0.3911 0.6064 0.4575 -0.0244 0.0797  0.1074  56 ARG A CG  
314 C CD  . ARG A 64 ? 0.3876 0.6140 0.4475 -0.0320 0.0829  0.1216  56 ARG A CD  
315 N NE  . ARG A 64 ? 0.3222 0.5327 0.3664 -0.0360 0.0754  0.1312  56 ARG A NE  
316 C CZ  . ARG A 64 ? 0.3289 0.5386 0.3729 -0.0445 0.0727  0.1476  56 ARG A CZ  
317 N NH1 . ARG A 64 ? 0.2917 0.5164 0.3494 -0.0510 0.0774  0.1568  56 ARG A NH1 
318 N NH2 . ARG A 64 ? 0.3007 0.4948 0.3320 -0.0464 0.0647  0.1549  56 ARG A NH2 
319 N N   . GLN A 65 ? 0.5082 0.6825 0.5159 -0.0015 0.0695  0.0708  57 GLN A N   
320 C CA  . GLN A 65 ? 0.5440 0.7196 0.5279 0.0046  0.0702  0.0605  57 GLN A CA  
321 C C   . GLN A 65 ? 0.5846 0.7376 0.5664 0.0117  0.0630  0.0428  57 GLN A C   
322 O O   . GLN A 65 ? 0.5943 0.7495 0.5616 0.0180  0.0642  0.0291  57 GLN A O   
323 C CB  . GLN A 65 ? 0.6360 0.8087 0.6039 -0.0019 0.0652  0.0750  57 GLN A CB  
324 C CG  . GLN A 65 ? 0.7343 0.9233 0.7048 -0.0101 0.0696  0.0938  57 GLN A CG  
325 C CD  . GLN A 65 ? 0.8469 1.0200 0.8169 -0.0184 0.0595  0.1115  57 GLN A CD  
326 O OE1 . GLN A 65 ? 0.8186 0.9742 0.7817 -0.0173 0.0508  0.1110  57 GLN A OE1 
327 N NE2 . GLN A 65 ? 0.8952 1.0740 0.8742 -0.0262 0.0602  0.1267  57 GLN A NE2 
328 N N   . ILE A 66 ? 0.4949 0.6273 0.4914 0.0099  0.0553  0.0431  58 ILE A N   
329 C CA  . ILE A 66 ? 0.3980 0.5092 0.3932 0.0147  0.0485  0.0297  58 ILE A CA  
330 C C   . ILE A 66 ? 0.3439 0.4468 0.3571 0.0178  0.0471  0.0240  58 ILE A C   
331 O O   . ILE A 66 ? 0.3789 0.4886 0.4074 0.0150  0.0486  0.0315  58 ILE A O   
332 C CB  . ILE A 66 ? 0.3671 0.4590 0.3570 0.0102  0.0383  0.0346  58 ILE A CB  
333 C CG1 . ILE A 66 ? 0.3328 0.4166 0.3374 0.0037  0.0333  0.0464  58 ILE A CG1 
334 C CG2 . ILE A 66 ? 0.4013 0.4997 0.3728 0.0083  0.0373  0.0399  58 ILE A CG2 
335 C CD1 . ILE A 66 ? 0.3485 0.4126 0.3518 0.0014  0.0233  0.0472  58 ILE A CD1 
336 N N   . ARG A 67 ? 0.2628 0.3517 0.2747 0.0231  0.0437  0.0117  59 ARG A N   
337 C CA  . ARG A 67 ? 0.3015 0.3806 0.3283 0.0262  0.0411  0.0078  59 ARG A CA  
338 C C   . ARG A 67 ? 0.2722 0.3300 0.2949 0.0258  0.0334  0.0031  59 ARG A C   
339 O O   . ARG A 67 ? 0.2409 0.2936 0.2511 0.0256  0.0316  -0.0020 59 ARG A O   
340 C CB  . ARG A 67 ? 0.4084 0.4970 0.4424 0.0350  0.0474  -0.0029 59 ARG A CB  
341 C CG  . ARG A 67 ? 0.5340 0.6226 0.5550 0.0402  0.0497  -0.0165 59 ARG A CG  
342 C CD  . ARG A 67 ? 0.7059 0.8109 0.7332 0.0492  0.0581  -0.0276 59 ARG A CD  
343 N NE  . ARG A 67 ? 0.7532 0.8636 0.7648 0.0533  0.0609  -0.0412 59 ARG A NE  
344 C CZ  . ARG A 67 ? 0.7883 0.8818 0.7966 0.0566  0.0557  -0.0544 59 ARG A CZ  
345 N NH1 . ARG A 67 ? 0.7225 0.7929 0.7419 0.0558  0.0483  -0.0537 59 ARG A NH1 
346 N NH2 . ARG A 67 ? 0.8545 0.9551 0.8485 0.0601  0.0576  -0.0680 59 ARG A NH2 
347 N N   . PHE A 68 ? 0.2099 0.2573 0.2432 0.0255  0.0288  0.0050  60 PHE A N   
348 C CA  . PHE A 68 ? 0.1989 0.2291 0.2288 0.0237  0.0223  0.0031  60 PHE A CA  
349 C C   . PHE A 68 ? 0.2381 0.2598 0.2762 0.0287  0.0215  -0.0025 60 PHE A C   
350 O O   . PHE A 68 ? 0.2533 0.2800 0.3030 0.0325  0.0229  -0.0011 60 PHE A O   
351 C CB  . PHE A 68 ? 0.1667 0.1924 0.2002 0.0184  0.0169  0.0114  60 PHE A CB  
352 C CG  . PHE A 68 ? 0.1864 0.2166 0.2158 0.0132  0.0159  0.0179  60 PHE A CG  
353 C CD1 . PHE A 68 ? 0.1991 0.2420 0.2341 0.0112  0.0192  0.0249  60 PHE A CD1 
354 C CD2 . PHE A 68 ? 0.2012 0.2228 0.2234 0.0103  0.0111  0.0180  60 PHE A CD2 
355 C CE1 . PHE A 68 ? 0.2037 0.2480 0.2370 0.0056  0.0172  0.0331  60 PHE A CE1 
356 C CE2 . PHE A 68 ? 0.2079 0.2308 0.2288 0.0063  0.0086  0.0248  60 PHE A CE2 
357 C CZ  . PHE A 68 ? 0.2019 0.2347 0.2281 0.0036  0.0114  0.0330  60 PHE A CZ  
358 N N   . ARG A 69 ? 0.2171 0.2263 0.2509 0.0285  0.0187  -0.0082 61 ARG A N   
359 C CA  . ARG A 69 ? 0.2244 0.2222 0.2672 0.0320  0.0168  -0.0115 61 ARG A CA  
360 C C   . ARG A 69 ? 0.2008 0.1865 0.2416 0.0268  0.0118  -0.0077 61 ARG A C   
361 O O   . ARG A 69 ? 0.2039 0.1889 0.2360 0.0221  0.0104  -0.0080 61 ARG A O   
362 C CB  . ARG A 69 ? 0.2697 0.2643 0.3130 0.0371  0.0191  -0.0242 61 ARG A CB  
363 C CG  . ARG A 69 ? 0.3370 0.3455 0.3842 0.0443  0.0252  -0.0305 61 ARG A CG  
364 C CD  . ARG A 69 ? 0.4893 0.4944 0.5349 0.0495  0.0267  -0.0462 61 ARG A CD  
365 N NE  . ARG A 69 ? 0.7272 0.7420 0.7826 0.0589  0.0319  -0.0546 61 ARG A NE  
366 C CZ  . ARG A 69 ? 0.8365 0.8554 0.8896 0.0652  0.0351  -0.0709 61 ARG A CZ  
367 N NH1 . ARG A 69 ? 0.8759 0.8897 0.9166 0.0623  0.0325  -0.0798 61 ARG A NH1 
368 N NH2 . ARG A 69 ? 0.8489 0.8789 0.9128 0.0749  0.0404  -0.0794 61 ARG A NH2 
369 N N   . PHE A 70 ? 0.2136 0.1908 0.2630 0.0278  0.0091  -0.0035 62 PHE A N   
370 C CA  . PHE A 70 ? 0.2595 0.2267 0.3075 0.0227  0.0056  0.0004  62 PHE A CA  
371 C C   . PHE A 70 ? 0.2749 0.2290 0.3331 0.0251  0.0040  -0.0012 62 PHE A C   
372 O O   . PHE A 70 ? 0.3086 0.2601 0.3769 0.0301  0.0030  0.0022  62 PHE A O   
373 C CB  . PHE A 70 ? 0.2622 0.2331 0.3087 0.0197  0.0029  0.0107  62 PHE A CB  
374 C CG  . PHE A 70 ? 0.2262 0.1909 0.2703 0.0144  0.0007  0.0155  62 PHE A CG  
375 C CD1 . PHE A 70 ? 0.2369 0.1976 0.2854 0.0142  -0.0019 0.0248  62 PHE A CD1 
376 C CD2 . PHE A 70 ? 0.2390 0.2037 0.2771 0.0095  0.0015  0.0115  62 PHE A CD2 
377 C CE1 . PHE A 70 ? 0.2826 0.2404 0.3284 0.0084  -0.0028 0.0309  62 PHE A CE1 
378 C CE2 . PHE A 70 ? 0.2317 0.1943 0.2693 0.0041  0.0007  0.0162  62 PHE A CE2 
379 C CZ  . PHE A 70 ? 0.2616 0.2211 0.3025 0.0031  -0.0009 0.0262  62 PHE A CZ  
380 N N   . ASP A 71 ? 0.2801 0.2253 0.3380 0.0215  0.0032  -0.0066 63 ASP A N   
381 C CA  . ASP A 71 ? 0.3772 0.3068 0.4474 0.0224  0.0007  -0.0082 63 ASP A CA  
382 C C   . ASP A 71 ? 0.4660 0.3931 0.5460 0.0320  0.0016  -0.0169 63 ASP A C   
383 O O   . ASP A 71 ? 0.4409 0.3566 0.5349 0.0360  -0.0011 -0.0142 63 ASP A O   
384 C CB  . ASP A 71 ? 0.4081 0.3317 0.4832 0.0187  -0.0024 0.0069  63 ASP A CB  
385 C CG  . ASP A 71 ? 0.6412 0.5467 0.7298 0.0166  -0.0058 0.0090  63 ASP A CG  
386 O OD1 . ASP A 71 ? 0.7328 0.6317 0.8281 0.0164  -0.0088 0.0221  63 ASP A OD1 
387 O OD2 . ASP A 71 ? 0.6512 0.5491 0.7439 0.0148  -0.0062 -0.0019 63 ASP A OD2 
388 N N   . GLY A 72 ? 0.4633 0.4026 0.5361 0.0360  0.0058  -0.0268 64 GLY A N   
389 C CA  . GLY A 72 ? 0.5048 0.4470 0.5857 0.0457  0.0084  -0.0376 64 GLY A CA  
390 C C   . GLY A 72 ? 0.4877 0.4408 0.5753 0.0519  0.0107  -0.0315 64 GLY A C   
391 O O   . GLY A 72 ? 0.5526 0.5121 0.6482 0.0606  0.0140  -0.0407 64 GLY A O   
392 N N   . GLN A 73 ? 0.3597 0.3170 0.4451 0.0477  0.0089  -0.0173 65 GLN A N   
393 C CA  . GLN A 73 ? 0.4359 0.4047 0.5297 0.0525  0.0093  -0.0108 65 GLN A CA  
394 C C   . GLN A 73 ? 0.3019 0.2892 0.3861 0.0493  0.0135  -0.0089 65 GLN A C   
395 O O   . GLN A 73 ? 0.2667 0.2545 0.3388 0.0418  0.0125  -0.0047 65 GLN A O   
396 C CB  . GLN A 73 ? 0.4721 0.4344 0.5697 0.0496  0.0031  0.0035  65 GLN A CB  
397 C CG  . GLN A 73 ? 0.6451 0.5997 0.7607 0.0573  -0.0010 0.0073  65 GLN A CG  
398 C CD  . GLN A 73 ? 0.6896 0.6418 0.8052 0.0539  -0.0077 0.0236  65 GLN A CD  
399 O OE1 . GLN A 73 ? 0.5502 0.4963 0.6553 0.0460  -0.0098 0.0307  65 GLN A OE1 
400 N NE2 . GLN A 73 ? 0.6883 0.6484 0.8160 0.0604  -0.0110 0.0293  65 GLN A NE2 
401 N N   . PRO A 74 ? 0.2671 0.2702 0.3589 0.0548  0.0180  -0.0114 66 PRO A N   
402 C CA  . PRO A 74 ? 0.3448 0.3652 0.4311 0.0504  0.0210  -0.0062 66 PRO A CA  
403 C C   . PRO A 74 ? 0.3511 0.3706 0.4379 0.0447  0.0151  0.0057  66 PRO A C   
404 O O   . PRO A 74 ? 0.3443 0.3583 0.4399 0.0471  0.0099  0.0108  66 PRO A O   
405 C CB  . PRO A 74 ? 0.4381 0.4763 0.5380 0.0579  0.0267  -0.0098 66 PRO A CB  
406 C CG  . PRO A 74 ? 0.4700 0.5009 0.5760 0.0670  0.0286  -0.0226 66 PRO A CG  
407 C CD  . PRO A 74 ? 0.3477 0.3546 0.4549 0.0656  0.0208  -0.0197 66 PRO A CD  
408 N N   . ILE A 75 ? 0.2469 0.2719 0.3245 0.0375  0.0151  0.0097  67 ILE A N   
409 C CA  . ILE A 75 ? 0.2717 0.2977 0.3496 0.0323  0.0093  0.0180  67 ILE A CA  
410 C C   . ILE A 75 ? 0.2675 0.3104 0.3566 0.0316  0.0103  0.0220  67 ILE A C   
411 O O   . ILE A 75 ? 0.2755 0.3284 0.3637 0.0292  0.0155  0.0217  67 ILE A O   
412 C CB  . ILE A 75 ? 0.2397 0.2599 0.3038 0.0251  0.0076  0.0186  67 ILE A CB  
413 C CG1 . ILE A 75 ? 0.2159 0.2222 0.2715 0.0248  0.0067  0.0150  67 ILE A CG1 
414 C CG2 . ILE A 75 ? 0.2082 0.2306 0.2733 0.0204  0.0015  0.0241  67 ILE A CG2 
415 C CD1 . ILE A 75 ? 0.2333 0.2359 0.2774 0.0194  0.0057  0.0139  67 ILE A CD1 
416 N N   . ASN A 76 ? 0.2385 0.2856 0.3385 0.0332  0.0051  0.0267  68 ASN A N   
417 C CA  . ASN A 76 ? 0.2986 0.3633 0.4131 0.0320  0.0049  0.0304  68 ASN A CA  
418 C C   . ASN A 76 ? 0.3046 0.3700 0.4164 0.0235  -0.0014 0.0346  68 ASN A C   
419 O O   . ASN A 76 ? 0.2603 0.3135 0.3592 0.0203  -0.0056 0.0341  68 ASN A O   
420 C CB  . ASN A 76 ? 0.3925 0.4640 0.5236 0.0393  0.0016  0.0322  68 ASN A CB  
421 C CG  . ASN A 76 ? 0.5119 0.5830 0.6500 0.0490  0.0075  0.0261  68 ASN A CG  
422 O OD1 . ASN A 76 ? 0.5803 0.6564 0.7152 0.0502  0.0160  0.0199  68 ASN A OD1 
423 N ND2 . ASN A 76 ? 0.4896 0.5550 0.6375 0.0563  0.0025  0.0274  68 ASN A ND2 
424 N N   . GLU A 77 ? 0.3623 0.4426 0.4878 0.0201  -0.0019 0.0380  69 GLU A N   
425 C CA  . GLU A 77 ? 0.3428 0.4235 0.4693 0.0114  -0.0077 0.0404  69 GLU A CA  
426 C C   . GLU A 77 ? 0.3388 0.4122 0.4598 0.0102  -0.0180 0.0394  69 GLU A C   
427 O O   . GLU A 77 ? 0.4350 0.5009 0.5483 0.0048  -0.0223 0.0374  69 GLU A O   
428 C CB  . GLU A 77 ? 0.4644 0.5638 0.6114 0.0073  -0.0070 0.0449  69 GLU A CB  
429 C CG  . GLU A 77 ? 0.5956 0.6933 0.7461 -0.0030 -0.0119 0.0475  69 GLU A CG  
430 C CD  . GLU A 77 ? 0.6722 0.7789 0.8392 -0.0070 -0.0218 0.0481  69 GLU A CD  
431 O OE1 . GLU A 77 ? 0.7479 0.8732 0.9352 -0.0079 -0.0202 0.0519  69 GLU A OE1 
432 O OE2 . GLU A 77 ? 0.5810 0.6781 0.7410 -0.0090 -0.0313 0.0439  69 GLU A OE2 
433 N N   . THR A 78 ? 0.2213 0.2976 0.3460 0.0159  -0.0221 0.0407  70 THR A N   
434 C CA  . THR A 78 ? 0.1669 0.2406 0.2849 0.0147  -0.0321 0.0409  70 THR A CA  
435 C C   . THR A 78 ? 0.2026 0.2635 0.3034 0.0181  -0.0322 0.0412  70 THR A C   
436 O O   . THR A 78 ? 0.2723 0.3328 0.3641 0.0170  -0.0392 0.0419  70 THR A O   
437 C CB  . THR A 78 ? 0.2377 0.3259 0.3711 0.0175  -0.0395 0.0444  70 THR A CB  
438 O OG1 . THR A 78 ? 0.2767 0.3662 0.4173 0.0261  -0.0363 0.0477  70 THR A OG1 
439 C CG2 . THR A 78 ? 0.3010 0.4040 0.4540 0.0124  -0.0402 0.0444  70 THR A CG2 
440 N N   . ASP A 79 ? 0.2135 0.2653 0.3101 0.0215  -0.0246 0.0405  71 ASP A N   
441 C CA  . ASP A 79 ? 0.1901 0.2292 0.2728 0.0228  -0.0242 0.0414  71 ASP A CA  
442 C C   . ASP A 79 ? 0.1740 0.2085 0.2414 0.0170  -0.0259 0.0382  71 ASP A C   
443 O O   . ASP A 79 ? 0.1850 0.2188 0.2510 0.0132  -0.0237 0.0334  71 ASP A O   
444 C CB  . ASP A 79 ? 0.2011 0.2309 0.2827 0.0258  -0.0162 0.0384  71 ASP A CB  
445 C CG  . ASP A 79 ? 0.2893 0.3209 0.3851 0.0335  -0.0143 0.0395  71 ASP A CG  
446 O OD1 . ASP A 79 ? 0.2877 0.3158 0.3851 0.0364  -0.0075 0.0341  71 ASP A OD1 
447 O OD2 . ASP A 79 ? 0.2672 0.3045 0.3728 0.0373  -0.0200 0.0449  71 ASP A OD2 
448 N N   . THR A 80 ? 0.1812 0.2139 0.2383 0.0168  -0.0298 0.0412  72 THR A N   
449 C CA  . THR A 80 ? 0.1981 0.2294 0.2411 0.0125  -0.0305 0.0370  72 THR A CA  
450 C C   . THR A 80 ? 0.1650 0.1869 0.1993 0.0122  -0.0252 0.0385  72 THR A C   
451 O O   . THR A 80 ? 0.1780 0.1940 0.2166 0.0151  -0.0234 0.0441  72 THR A O   
452 C CB  . THR A 80 ? 0.1810 0.2219 0.2164 0.0115  -0.0383 0.0384  72 THR A CB  
453 O OG1 . THR A 80 ? 0.1854 0.2262 0.2171 0.0142  -0.0398 0.0484  72 THR A OG1 
454 C CG2 . THR A 80 ? 0.1698 0.2206 0.2160 0.0111  -0.0452 0.0364  72 THR A CG2 
455 N N   . PRO A 81 ? 0.1662 0.1869 0.1908 0.0089  -0.0232 0.0331  73 PRO A N   
456 C CA  . PRO A 81 ? 0.1518 0.1664 0.1700 0.0076  -0.0184 0.0348  73 PRO A CA  
457 C C   . PRO A 81 ? 0.1895 0.2054 0.2031 0.0075  -0.0201 0.0450  73 PRO A C   
458 O O   . PRO A 81 ? 0.2096 0.2170 0.2256 0.0070  -0.0170 0.0502  73 PRO A O   
459 C CB  . PRO A 81 ? 0.1660 0.1846 0.1760 0.0047  -0.0175 0.0269  73 PRO A CB  
460 C CG  . PRO A 81 ? 0.1675 0.1866 0.1836 0.0050  -0.0201 0.0203  73 PRO A CG  
461 C CD  . PRO A 81 ? 0.1635 0.1878 0.1856 0.0065  -0.0252 0.0245  73 PRO A CD  
462 N N   . ALA A 82 ? 0.1354 0.1619 0.1432 0.0076  -0.0257 0.0484  74 ALA A N   
463 C CA  . ALA A 82 ? 0.1542 0.1838 0.1559 0.0074  -0.0282 0.0607  74 ALA A CA  
464 C C   . ALA A 82 ? 0.2090 0.2298 0.2233 0.0115  -0.0305 0.0701  74 ALA A C   
465 O O   . ALA A 82 ? 0.1884 0.2024 0.2030 0.0110  -0.0302 0.0811  74 ALA A O   
466 C CB  . ALA A 82 ? 0.1683 0.2139 0.1587 0.0069  -0.0345 0.0611  74 ALA A CB  
467 N N   . GLN A 83 ? 0.1523 0.1734 0.1787 0.0157  -0.0329 0.0662  75 GLN A N   
468 C CA  . GLN A 83 ? 0.1947 0.2094 0.2361 0.0214  -0.0349 0.0728  75 GLN A CA  
469 C C   . GLN A 83 ? 0.1757 0.1747 0.2241 0.0224  -0.0286 0.0705  75 GLN A C   
470 O O   . GLN A 83 ? 0.2083 0.1977 0.2668 0.0263  -0.0300 0.0773  75 GLN A O   
471 C CB  . GLN A 83 ? 0.2115 0.2341 0.2660 0.0255  -0.0374 0.0677  75 GLN A CB  
472 C CG  . GLN A 83 ? 0.2042 0.2416 0.2575 0.0259  -0.0464 0.0710  75 GLN A CG  
473 C CD  . GLN A 83 ? 0.2387 0.2856 0.3060 0.0269  -0.0477 0.0640  75 GLN A CD  
474 O OE1 . GLN A 83 ? 0.2302 0.2733 0.3045 0.0268  -0.0409 0.0573  75 GLN A OE1 
475 N NE2 . GLN A 83 ? 0.3026 0.3631 0.3738 0.0276  -0.0566 0.0662  75 GLN A NE2 
476 N N   . LEU A 84 ? 0.1997 0.1963 0.2441 0.0193  -0.0225 0.0603  76 LEU A N   
477 C CA  . LEU A 84 ? 0.2213 0.2048 0.2712 0.0197  -0.0173 0.0560  76 LEU A CA  
478 C C   . LEU A 84 ? 0.2414 0.2184 0.2841 0.0139  -0.0152 0.0598  76 LEU A C   
479 O O   . LEU A 84 ? 0.2373 0.2040 0.2841 0.0127  -0.0117 0.0553  76 LEU A O   
480 C CB  . LEU A 84 ? 0.2105 0.1960 0.2611 0.0200  -0.0125 0.0442  76 LEU A CB  
481 C CG  . LEU A 84 ? 0.1964 0.1901 0.2568 0.0249  -0.0129 0.0415  76 LEU A CG  
482 C CD1 . LEU A 84 ? 0.1970 0.1924 0.2575 0.0247  -0.0072 0.0323  76 LEU A CD1 
483 C CD2 . LEU A 84 ? 0.2729 0.2627 0.3474 0.0319  -0.0148 0.0454  76 LEU A CD2 
484 N N   . GLU A 85 ? 0.2017 0.1865 0.2339 0.0101  -0.0174 0.0678  77 GLU A N   
485 C CA  . GLU A 85 ? 0.1927 0.1755 0.2191 0.0037  -0.0149 0.0742  77 GLU A CA  
486 C C   . GLU A 85 ? 0.2354 0.2178 0.2592 -0.0004 -0.0093 0.0637  77 GLU A C   
487 O O   . GLU A 85 ? 0.2399 0.2151 0.2675 -0.0046 -0.0065 0.0652  77 GLU A O   
488 C CB  . GLU A 85 ? 0.2550 0.2228 0.2923 0.0041  -0.0169 0.0854  77 GLU A CB  
489 C CG  . GLU A 85 ? 0.2517 0.2221 0.2902 0.0078  -0.0236 0.0987  77 GLU A CG  
490 C CD  . GLU A 85 ? 0.3084 0.2617 0.3613 0.0099  -0.0270 0.1099  77 GLU A CD  
491 O OE1 . GLU A 85 ? 0.3001 0.2568 0.3519 0.0118  -0.0322 0.1201  77 GLU A OE1 
492 O OE2 . GLU A 85 ? 0.3283 0.2662 0.3932 0.0095  -0.0245 0.1044  77 GLU A OE2 
493 N N   . MET A 86 ? 0.2105 0.2012 0.2294 0.0008  -0.0086 0.0532  78 MET A N   
494 C CA  . MET A 86 ? 0.1483 0.1405 0.1648 -0.0019 -0.0046 0.0435  78 MET A CA  
495 C C   . MET A 86 ? 0.1949 0.1991 0.2020 -0.0064 -0.0026 0.0444  78 MET A C   
496 O O   . MET A 86 ? 0.2793 0.2940 0.2781 -0.0065 -0.0046 0.0490  78 MET A O   
497 C CB  . MET A 86 ? 0.1680 0.1631 0.1844 0.0014  -0.0055 0.0340  78 MET A CB  
498 C CG  . MET A 86 ? 0.1562 0.1435 0.1811 0.0055  -0.0053 0.0316  78 MET A CG  
499 S SD  . MET A 86 ? 0.2156 0.2093 0.2405 0.0073  -0.0061 0.0245  78 MET A SD  
500 C CE  . MET A 86 ? 0.2161 0.2049 0.2491 0.0115  -0.0034 0.0220  78 MET A CE  
501 N N   . GLU A 87 ? 0.2088 0.2138 0.2175 -0.0097 0.0012  0.0394  79 GLU A N   
502 C CA  . GLU A 87 ? 0.2365 0.2560 0.2386 -0.0136 0.0044  0.0386  79 GLU A CA  
503 C C   . GLU A 87 ? 0.1904 0.2139 0.1944 -0.0123 0.0056  0.0260  79 GLU A C   
504 O O   . GLU A 87 ? 0.2166 0.2306 0.2263 -0.0101 0.0043  0.0203  79 GLU A O   
505 C CB  . GLU A 87 ? 0.2648 0.2845 0.2706 -0.0203 0.0081  0.0484  79 GLU A CB  
506 C CG  . GLU A 87 ? 0.3052 0.3204 0.3097 -0.0215 0.0059  0.0637  79 GLU A CG  
507 C CD  . GLU A 87 ? 0.4212 0.4364 0.4302 -0.0296 0.0094  0.0759  79 GLU A CD  
508 O OE1 . GLU A 87 ? 0.4633 0.4878 0.4747 -0.0346 0.0143  0.0723  79 GLU A OE1 
509 O OE2 . GLU A 87 ? 0.5105 0.5168 0.5226 -0.0309 0.0067  0.0900  79 GLU A OE2 
510 N N   . ASP A 88 ? 0.2539 0.2928 0.2527 -0.0132 0.0080  0.0216  80 ASP A N   
511 C CA  . ASP A 88 ? 0.2374 0.2813 0.2400 -0.0112 0.0085  0.0098  80 ASP A CA  
512 C C   . ASP A 88 ? 0.3020 0.3384 0.3145 -0.0133 0.0095  0.0083  80 ASP A C   
513 O O   . ASP A 88 ? 0.2437 0.2801 0.2607 -0.0188 0.0125  0.0145  80 ASP A O   
514 C CB  . ASP A 88 ? 0.2764 0.3406 0.2749 -0.0124 0.0127  0.0063  80 ASP A CB  
515 C CG  . ASP A 88 ? 0.3948 0.4654 0.3973 -0.0074 0.0115  -0.0077 80 ASP A CG  
516 O OD1 . ASP A 88 ? 0.3230 0.3858 0.3253 -0.0027 0.0061  -0.0138 80 ASP A OD1 
517 O OD2 . ASP A 88 ? 0.3574 0.4408 0.3650 -0.0084 0.0156  -0.0121 80 ASP A OD2 
518 N N   . GLU A 89 ? 0.2272 0.2573 0.2430 -0.0095 0.0062  0.0007  81 GLU A N   
519 C CA  . GLU A 89 ? 0.2526 0.2773 0.2759 -0.0105 0.0055  -0.0027 81 GLU A CA  
520 C C   . GLU A 89 ? 0.2027 0.2135 0.2277 -0.0115 0.0045  0.0010  81 GLU A C   
521 O O   . GLU A 89 ? 0.2693 0.2764 0.2997 -0.0129 0.0035  -0.0028 81 GLU A O   
522 C CB  . GLU A 89 ? 0.3689 0.4057 0.3993 -0.0145 0.0086  -0.0048 81 GLU A CB  
523 C CG  . GLU A 89 ? 0.3805 0.4332 0.4112 -0.0115 0.0098  -0.0118 81 GLU A CG  
524 C CD  . GLU A 89 ? 0.4776 0.5270 0.5109 -0.0051 0.0045  -0.0201 81 GLU A CD  
525 O OE1 . GLU A 89 ? 0.5033 0.5619 0.5381 -0.0008 0.0039  -0.0271 81 GLU A OE1 
526 O OE2 . GLU A 89 ? 0.4943 0.5322 0.5285 -0.0041 0.0006  -0.0198 81 GLU A OE2 
527 N N   . ASP A 90 ? 0.1810 0.1850 0.2026 -0.0102 0.0041  0.0068  82 ASP A N   
528 C CA  . ASP A 90 ? 0.1507 0.1422 0.1751 -0.0088 0.0031  0.0078  82 ASP A CA  
529 C C   . ASP A 90 ? 0.2120 0.2012 0.2348 -0.0046 0.0012  0.0014  82 ASP A C   
530 O O   . ASP A 90 ? 0.2243 0.2186 0.2439 -0.0026 -0.0004 -0.0010 82 ASP A O   
531 C CB  . ASP A 90 ? 0.1799 0.1670 0.2033 -0.0071 0.0026  0.0155  82 ASP A CB  
532 C CG  . ASP A 90 ? 0.2530 0.2369 0.2799 -0.0114 0.0037  0.0244  82 ASP A CG  
533 O OD1 . ASP A 90 ? 0.2415 0.2249 0.2738 -0.0165 0.0053  0.0243  82 ASP A OD1 
534 O OD2 . ASP A 90 ? 0.2200 0.2020 0.2459 -0.0100 0.0024  0.0325  82 ASP A OD2 
535 N N   . THR A 91 ? 0.1855 0.1670 0.2105 -0.0033 0.0011  -0.0012 83 THR A N   
536 C CA  . THR A 91 ? 0.1901 0.1722 0.2114 0.0002  0.0000  -0.0063 83 THR A CA  
537 C C   . THR A 91 ? 0.2200 0.1989 0.2410 0.0043  0.0014  -0.0047 83 THR A C   
538 O O   . THR A 91 ? 0.2302 0.2026 0.2563 0.0053  0.0023  -0.0041 83 THR A O   
539 C CB  . THR A 91 ? 0.2795 0.2602 0.3016 -0.0009 -0.0014 -0.0138 83 THR A CB  
540 O OG1 . THR A 91 ? 0.2401 0.2271 0.2646 -0.0042 -0.0029 -0.0155 83 THR A OG1 
541 C CG2 . THR A 91 ? 0.3048 0.2886 0.3200 0.0029  -0.0021 -0.0177 83 THR A CG2 
542 N N   . ILE A 92 ? 0.1778 0.1619 0.1953 0.0066  0.0014  -0.0034 84 ILE A N   
543 C CA  . ILE A 92 ? 0.1886 0.1742 0.2069 0.0102  0.0036  -0.0026 84 ILE A CA  
544 C C   . ILE A 92 ? 0.1835 0.1727 0.1961 0.0118  0.0047  -0.0082 84 ILE A C   
545 O O   . ILE A 92 ? 0.1843 0.1770 0.1914 0.0103  0.0027  -0.0084 84 ILE A O   
546 C CB  . ILE A 92 ? 0.1496 0.1407 0.1688 0.0102  0.0029  0.0034  84 ILE A CB  
547 C CG1 . ILE A 92 ? 0.1586 0.1485 0.1816 0.0092  0.0011  0.0076  84 ILE A CG1 
548 C CG2 . ILE A 92 ? 0.1847 0.1821 0.2060 0.0130  0.0060  0.0046  84 ILE A CG2 
549 C CD1 . ILE A 92 ? 0.1973 0.1921 0.2217 0.0080  -0.0017 0.0110  84 ILE A CD1 
550 N N   . ASP A 93 ? 0.1790 0.1682 0.1928 0.0155  0.0076  -0.0132 85 ASP A N   
551 C CA  . ASP A 93 ? 0.1949 0.1902 0.2008 0.0176  0.0091  -0.0199 85 ASP A CA  
552 C C   . ASP A 93 ? 0.1624 0.1698 0.1651 0.0199  0.0132  -0.0157 85 ASP A C   
553 O O   . ASP A 93 ? 0.2276 0.2376 0.2378 0.0222  0.0162  -0.0127 85 ASP A O   
554 C CB  . ASP A 93 ? 0.2303 0.2201 0.2398 0.0207  0.0099  -0.0308 85 ASP A CB  
555 C CG  . ASP A 93 ? 0.3074 0.2857 0.3225 0.0169  0.0058  -0.0336 85 ASP A CG  
556 O OD1 . ASP A 93 ? 0.4139 0.3820 0.4393 0.0176  0.0056  -0.0342 85 ASP A OD1 
557 O OD2 . ASP A 93 ? 0.2877 0.2677 0.2985 0.0130  0.0026  -0.0343 85 ASP A OD2 
558 N N   . VAL A 94 ? 0.1803 0.1961 0.1727 0.0189  0.0132  -0.0142 86 VAL A N   
559 C CA  . VAL A 94 ? 0.2583 0.2877 0.2469 0.0198  0.0180  -0.0085 86 VAL A CA  
560 C C   . VAL A 94 ? 0.3132 0.3539 0.2913 0.0237  0.0220  -0.0170 86 VAL A C   
561 O O   . VAL A 94 ? 0.3377 0.3774 0.3066 0.0238  0.0186  -0.0243 86 VAL A O   
562 C CB  . VAL A 94 ? 0.3416 0.3737 0.3265 0.0151  0.0148  0.0029  86 VAL A CB  
563 C CG1 . VAL A 94 ? 0.4484 0.4954 0.4307 0.0144  0.0200  0.0114  86 VAL A CG1 
564 C CG2 . VAL A 94 ? 0.3730 0.3957 0.3683 0.0123  0.0109  0.0083  86 VAL A CG2 
565 N N   . PHE A 95 ? 0.2781 0.3319 0.2583 0.0269  0.0292  -0.0171 87 PHE A N   
566 C CA  . PHE A 95 ? 0.3256 0.3939 0.2954 0.0318  0.0346  -0.0268 87 PHE A CA  
567 C C   . PHE A 95 ? 0.4274 0.5169 0.3926 0.0308  0.0418  -0.0169 87 PHE A C   
568 O O   . PHE A 95 ? 0.3822 0.4733 0.3576 0.0270  0.0429  -0.0043 87 PHE A O   
569 C CB  . PHE A 95 ? 0.2829 0.3475 0.2630 0.0389  0.0376  -0.0408 87 PHE A CB  
570 C CG  . PHE A 95 ? 0.4210 0.4650 0.4075 0.0390  0.0308  -0.0494 87 PHE A CG  
571 C CD1 . PHE A 95 ? 0.4079 0.4368 0.4085 0.0372  0.0275  -0.0435 87 PHE A CD1 
572 C CD2 . PHE A 95 ? 0.4060 0.4466 0.3840 0.0400  0.0273  -0.0625 87 PHE A CD2 
573 C CE1 . PHE A 95 ? 0.3862 0.3975 0.3930 0.0361  0.0220  -0.0489 87 PHE A CE1 
574 C CE2 . PHE A 95 ? 0.4941 0.5160 0.4804 0.0385  0.0211  -0.0691 87 PHE A CE2 
575 C CZ  . PHE A 95 ? 0.4845 0.4918 0.4854 0.0362  0.0189  -0.0613 87 PHE A CZ  
# 
